data_7JKI
# 
_entry.id   7JKI 
# 
_audit_conform.dict_name       mmcif_pdbx.dic 
_audit_conform.dict_version    5.380 
_audit_conform.dict_location   http://mmcif.pdb.org/dictionaries/ascii/mmcif_pdbx.dic 
# 
loop_
_database_2.database_id 
_database_2.database_code 
_database_2.pdbx_database_accession 
_database_2.pdbx_DOI 
PDB   7JKI         pdb_00007jki 10.2210/pdb7jki/pdb 
WWPDB D_1000250901 ?            ?                   
# 
_pdbx_database_status.status_code                     REL 
_pdbx_database_status.status_code_sf                  REL 
_pdbx_database_status.status_code_mr                  ? 
_pdbx_database_status.entry_id                        7JKI 
_pdbx_database_status.recvd_initial_deposition_date   2020-07-28 
_pdbx_database_status.SG_entry                        N 
_pdbx_database_status.deposit_site                    RCSB 
_pdbx_database_status.process_site                    RCSB 
_pdbx_database_status.status_code_cs                  ? 
_pdbx_database_status.status_code_nmr_data            ? 
_pdbx_database_status.methods_development_category    ? 
_pdbx_database_status.pdb_format_compatible           Y 
# 
loop_
_audit_author.name 
_audit_author.pdbx_ordinal 
_audit_author.identifier_ORCID 
'Simmons, C.R.'      1 0000-0002-2290-6132 
'MacCulloch, T.'     2 0000-0001-5875-3361 
'Stephanopoulos, N.' 3 0000-0001-7859-410X 
'Yan, H.'            4 0000-0001-7397-9852 
# 
_citation.abstract                  ? 
_citation.abstract_id_CAS           ? 
_citation.book_id_ISBN              ? 
_citation.book_publisher            ? 
_citation.book_publisher_city       ? 
_citation.book_title                ? 
_citation.coordinate_linkage        ? 
_citation.country                   UK 
_citation.database_id_Medline       ? 
_citation.details                   ? 
_citation.id                        primary 
_citation.journal_abbrev            'Nat Commun' 
_citation.journal_id_ASTM           ? 
_citation.journal_id_CSD            ? 
_citation.journal_id_ISSN           2041-1723 
_citation.journal_full              ? 
_citation.journal_issue             ? 
_citation.journal_volume            13 
_citation.language                  ? 
_citation.page_first                3112 
_citation.page_last                 3112 
_citation.title                     'The influence of Holliday junction sequence and dynamics on DNA crystal self-assembly.' 
_citation.year                      2022 
_citation.database_id_CSD           ? 
_citation.pdbx_database_id_DOI      10.1038/s41467-022-30779-6 
_citation.pdbx_database_id_PubMed   35662248 
_citation.unpublished_flag          ? 
# 
loop_
_citation_author.citation_id 
_citation_author.name 
_citation_author.ordinal 
_citation_author.identifier_ORCID 
primary 'Simmons, C.R.'      1  ?                   
primary 'MacCulloch, T.'     2  ?                   
primary 'Krepl, M.'          3  0000-0002-9833-4281 
primary 'Matthies, M.'       4  ?                   
primary 'Buchberger, A.'     5  ?                   
primary 'Crawford, I.'       6  ?                   
primary 'Sponer, J.'         7  0000-0001-6558-6186 
primary 'Sulc, P.'           8  0000-0003-1565-6769 
primary 'Stephanopoulos, N.' 9  0000-0001-7859-410X 
primary 'Yan, H.'            10 0000-0001-7397-9852 
# 
_cell.angle_alpha                  90.000 
_cell.angle_alpha_esd              ? 
_cell.angle_beta                   90.000 
_cell.angle_beta_esd               ? 
_cell.angle_gamma                  120.000 
_cell.angle_gamma_esd              ? 
_cell.entry_id                     7JKI 
_cell.details                      ? 
_cell.formula_units_Z              ? 
_cell.length_a                     113.715 
_cell.length_a_esd                 ? 
_cell.length_b                     113.715 
_cell.length_b_esd                 ? 
_cell.length_c                     52.054 
_cell.length_c_esd                 ? 
_cell.volume                       ? 
_cell.volume_esd                   ? 
_cell.Z_PDB                        9 
_cell.reciprocal_angle_alpha       ? 
_cell.reciprocal_angle_beta        ? 
_cell.reciprocal_angle_gamma       ? 
_cell.reciprocal_angle_alpha_esd   ? 
_cell.reciprocal_angle_beta_esd    ? 
_cell.reciprocal_angle_gamma_esd   ? 
_cell.reciprocal_length_a          ? 
_cell.reciprocal_length_b          ? 
_cell.reciprocal_length_c          ? 
_cell.reciprocal_length_a_esd      ? 
_cell.reciprocal_length_b_esd      ? 
_cell.reciprocal_length_c_esd      ? 
_cell.pdbx_unique_axis             ? 
# 
_symmetry.entry_id                         7JKI 
_symmetry.cell_setting                     ? 
_symmetry.Int_Tables_number                146 
_symmetry.space_group_name_Hall            ? 
_symmetry.space_group_name_H-M             'H 3' 
_symmetry.pdbx_full_space_group_name_H-M   ? 
# 
loop_
_entity.id 
_entity.type 
_entity.src_method 
_entity.pdbx_description 
_entity.formula_weight 
_entity.pdbx_number_of_molecules 
_entity.pdbx_ec 
_entity.pdbx_mutation 
_entity.pdbx_fragment 
_entity.details 
1 polymer     syn 
;DNA (5'-D(*GP*AP*AP*CP*GP*AP*CP*AP*CP*AP*GP*AP*CP*GP*GP*TP*GP*AP*CP*TP*C)-3')
;
6466.201 1 ? ? ? ? 
2 polymer     syn 
;DNA (5'-D(*TP*CP*GP*AP*GP*TP*CP*A)-3')
;
2426.617 1 ? ? ? ? 
3 polymer     syn 
;DNA (5'-D(P*GP*TP*GP*TP*CP*GP*T)-3')
;
2144.420 1 ? ? ? ? 
4 polymer     syn 
;DNA (5'-D(P*CP*CP*GP*TP*CP*T)-3')
;
1760.179 1 ? ? ? ? 
5 non-polymer syn 'MAGNESIUM ION'                                                                 24.305   2 ? ? ? ? 
# 
loop_
_entity_poly.entity_id 
_entity_poly.type 
_entity_poly.nstd_linkage 
_entity_poly.nstd_monomer 
_entity_poly.pdbx_seq_one_letter_code 
_entity_poly.pdbx_seq_one_letter_code_can 
_entity_poly.pdbx_strand_id 
_entity_poly.pdbx_target_identifier 
1 polydeoxyribonucleotide no no 
;(DG)(DA)(DA)(DC)(DG)(DA)(DC)(DA)(DC)(DA)(DG)(DA)(DC)(DG)(DG)(DT)(DG)(DA)(DC)(DT)
(DC)
;
GAACGACACAGACGGTGACTC B ? 
2 polydeoxyribonucleotide no no '(DT)(DC)(DG)(DA)(DG)(DT)(DC)(DA)'                                                      TCGAGTCA C 
? 
3 polydeoxyribonucleotide no no '(DG)(DT)(DG)(DT)(DC)(DG)(DT)'                                                          GTGTCGT D 
? 
4 polydeoxyribonucleotide no no '(DC)(DC)(DG)(DT)(DC)(DT)'                                                              CCGTCT A ? 
# 
loop_
_entity_poly_seq.entity_id 
_entity_poly_seq.num 
_entity_poly_seq.mon_id 
_entity_poly_seq.hetero 
1 1  DG n 
1 2  DA n 
1 3  DA n 
1 4  DC n 
1 5  DG n 
1 6  DA n 
1 7  DC n 
1 8  DA n 
1 9  DC n 
1 10 DA n 
1 11 DG n 
1 12 DA n 
1 13 DC n 
1 14 DG n 
1 15 DG n 
1 16 DT n 
1 17 DG n 
1 18 DA n 
1 19 DC n 
1 20 DT n 
1 21 DC n 
2 1  DT n 
2 2  DC n 
2 3  DG n 
2 4  DA n 
2 5  DG n 
2 6  DT n 
2 7  DC n 
2 8  DA n 
3 1  DG n 
3 2  DT n 
3 3  DG n 
3 4  DT n 
3 5  DC n 
3 6  DG n 
3 7  DT n 
4 1  DC n 
4 2  DC n 
4 3  DG n 
4 4  DT n 
4 5  DC n 
4 6  DT n 
# 
loop_
_pdbx_entity_src_syn.entity_id 
_pdbx_entity_src_syn.pdbx_src_id 
_pdbx_entity_src_syn.pdbx_alt_source_flag 
_pdbx_entity_src_syn.pdbx_beg_seq_num 
_pdbx_entity_src_syn.pdbx_end_seq_num 
_pdbx_entity_src_syn.organism_scientific 
_pdbx_entity_src_syn.organism_common_name 
_pdbx_entity_src_syn.ncbi_taxonomy_id 
_pdbx_entity_src_syn.details 
1 1 sample 1 21 'synthetic construct' ? 32630 ? 
2 1 sample 1 8  'synthetic construct' ? 32630 ? 
3 1 sample 1 7  'synthetic construct' ? 32630 ? 
4 1 sample 1 6  'synthetic construct' ? 32630 ? 
# 
loop_
_struct_ref.id 
_struct_ref.db_name 
_struct_ref.db_code 
_struct_ref.pdbx_db_accession 
_struct_ref.pdbx_db_isoform 
_struct_ref.entity_id 
_struct_ref.pdbx_seq_one_letter_code 
_struct_ref.pdbx_align_begin 
1 PDB 7JKI 7JKI ? 1 ? 1 
2 PDB 7JKI 7JKI ? 2 ? 1 
3 PDB 7JKI 7JKI ? 3 ? 1 
4 PDB 7JKI 7JKI ? 4 ? 1 
# 
loop_
_struct_ref_seq.align_id 
_struct_ref_seq.ref_id 
_struct_ref_seq.pdbx_PDB_id_code 
_struct_ref_seq.pdbx_strand_id 
_struct_ref_seq.seq_align_beg 
_struct_ref_seq.pdbx_seq_align_beg_ins_code 
_struct_ref_seq.seq_align_end 
_struct_ref_seq.pdbx_seq_align_end_ins_code 
_struct_ref_seq.pdbx_db_accession 
_struct_ref_seq.db_align_beg 
_struct_ref_seq.pdbx_db_align_beg_ins_code 
_struct_ref_seq.db_align_end 
_struct_ref_seq.pdbx_db_align_end_ins_code 
_struct_ref_seq.pdbx_auth_seq_align_beg 
_struct_ref_seq.pdbx_auth_seq_align_end 
1 1 7JKI B 1 ? 21 ? 7JKI 7  ? 27 ? 7  27 
2 2 7JKI C 1 ? 8  ? 7JKI 28 ? 35 ? 28 35 
3 3 7JKI D 1 ? 7  ? 7JKI 36 ? 42 ? 36 42 
4 4 7JKI A 1 ? 6  ? 7JKI 1  ? 6  ? 1  6  
# 
loop_
_chem_comp.id 
_chem_comp.type 
_chem_comp.mon_nstd_flag 
_chem_comp.name 
_chem_comp.pdbx_synonyms 
_chem_comp.formula 
_chem_comp.formula_weight 
DA 'DNA linking' y "2'-DEOXYADENOSINE-5'-MONOPHOSPHATE" ? 'C10 H14 N5 O6 P' 331.222 
DC 'DNA linking' y "2'-DEOXYCYTIDINE-5'-MONOPHOSPHATE"  ? 'C9 H14 N3 O7 P'  307.197 
DG 'DNA linking' y "2'-DEOXYGUANOSINE-5'-MONOPHOSPHATE" ? 'C10 H14 N5 O7 P' 347.221 
DT 'DNA linking' y "THYMIDINE-5'-MONOPHOSPHATE"         ? 'C10 H15 N2 O8 P' 322.208 
MG non-polymer   . 'MAGNESIUM ION'                      ? 'Mg 2'            24.305  
# 
_exptl.absorpt_coefficient_mu     ? 
_exptl.absorpt_correction_T_max   ? 
_exptl.absorpt_correction_T_min   ? 
_exptl.absorpt_correction_type    ? 
_exptl.absorpt_process_details    ? 
_exptl.entry_id                   7JKI 
_exptl.crystals_number            1 
_exptl.details                    ? 
_exptl.method                     'X-RAY DIFFRACTION' 
_exptl.method_details             ? 
# 
_exptl_crystal.colour                      ? 
_exptl_crystal.density_diffrn              ? 
_exptl_crystal.density_Matthews            5.06 
_exptl_crystal.density_method              ? 
_exptl_crystal.density_percent_sol         75.70 
_exptl_crystal.description                 ? 
_exptl_crystal.F_000                       ? 
_exptl_crystal.id                          1 
_exptl_crystal.preparation                 ? 
_exptl_crystal.size_max                    ? 
_exptl_crystal.size_mid                    ? 
_exptl_crystal.size_min                    ? 
_exptl_crystal.size_rad                    ? 
_exptl_crystal.colour_lustre               ? 
_exptl_crystal.colour_modifier             ? 
_exptl_crystal.colour_primary              ? 
_exptl_crystal.density_meas                ? 
_exptl_crystal.density_meas_esd            ? 
_exptl_crystal.density_meas_gt             ? 
_exptl_crystal.density_meas_lt             ? 
_exptl_crystal.density_meas_temp           ? 
_exptl_crystal.density_meas_temp_esd       ? 
_exptl_crystal.density_meas_temp_gt        ? 
_exptl_crystal.density_meas_temp_lt        ? 
_exptl_crystal.pdbx_crystal_image_url      ? 
_exptl_crystal.pdbx_crystal_image_format   ? 
_exptl_crystal.pdbx_mosaicity              ? 
_exptl_crystal.pdbx_mosaicity_esd          ? 
# 
_exptl_crystal_grow.apparatus       ? 
_exptl_crystal_grow.atmosphere      ? 
_exptl_crystal_grow.crystal_id      1 
_exptl_crystal_grow.details         ? 
_exptl_crystal_grow.method          'VAPOR DIFFUSION, SITTING DROP' 
_exptl_crystal_grow.method_ref      ? 
_exptl_crystal_grow.pH              ? 
_exptl_crystal_grow.pressure        ? 
_exptl_crystal_grow.pressure_esd    ? 
_exptl_crystal_grow.seeding         ? 
_exptl_crystal_grow.seeding_ref     ? 
_exptl_crystal_grow.temp            298 
_exptl_crystal_grow.temp_details    'temperature gradient generated from 60 to 25 C at 0.3 degrees per hour' 
_exptl_crystal_grow.temp_esd        ? 
_exptl_crystal_grow.time            ? 
_exptl_crystal_grow.pdbx_details    
;0.5 mL of 0.05 M Cacodylate pH 6.0 with 10 mM MgCl2, 2.5 mM spermine, 5 mM CaCl2, and 10% isopropanol was added to the reservoir with 2 uL added to the drop containing 4 uL of DNA stock
;
_exptl_crystal_grow.pdbx_pH_range   ? 
# 
_diffrn.ambient_environment              ? 
_diffrn.ambient_temp                     100 
_diffrn.ambient_temp_details             ? 
_diffrn.ambient_temp_esd                 ? 
_diffrn.crystal_id                       1 
_diffrn.crystal_support                  ? 
_diffrn.crystal_treatment                ? 
_diffrn.details                          ? 
_diffrn.id                               1 
_diffrn.ambient_pressure                 ? 
_diffrn.ambient_pressure_esd             ? 
_diffrn.ambient_pressure_gt              ? 
_diffrn.ambient_pressure_lt              ? 
_diffrn.ambient_temp_gt                  ? 
_diffrn.ambient_temp_lt                  ? 
_diffrn.pdbx_serial_crystal_experiment   N 
# 
_diffrn_detector.details                      ? 
_diffrn_detector.detector                     PIXEL 
_diffrn_detector.diffrn_id                    1 
_diffrn_detector.type                         'DECTRIS PILATUS3 6M' 
_diffrn_detector.area_resol_mean              ? 
_diffrn_detector.dtime                        ? 
_diffrn_detector.pdbx_frames_total            ? 
_diffrn_detector.pdbx_collection_time_total   ? 
_diffrn_detector.pdbx_collection_date         2019-08-15 
_diffrn_detector.pdbx_frequency               ? 
# 
_diffrn_radiation.collimation                      ? 
_diffrn_radiation.diffrn_id                        1 
_diffrn_radiation.filter_edge                      ? 
_diffrn_radiation.inhomogeneity                    ? 
_diffrn_radiation.monochromator                    ? 
_diffrn_radiation.polarisn_norm                    ? 
_diffrn_radiation.polarisn_ratio                   ? 
_diffrn_radiation.probe                            ? 
_diffrn_radiation.type                             ? 
_diffrn_radiation.xray_symbol                      ? 
_diffrn_radiation.wavelength_id                    1 
_diffrn_radiation.pdbx_monochromatic_or_laue_m_l   M 
_diffrn_radiation.pdbx_wavelength_list             ? 
_diffrn_radiation.pdbx_wavelength                  ? 
_diffrn_radiation.pdbx_diffrn_protocol             'SINGLE WAVELENGTH' 
_diffrn_radiation.pdbx_analyzer                    ? 
_diffrn_radiation.pdbx_scattering_type             x-ray 
# 
_diffrn_radiation_wavelength.id           1 
_diffrn_radiation_wavelength.wavelength   1 
_diffrn_radiation_wavelength.wt           1.0 
# 
_diffrn_source.current                     ? 
_diffrn_source.details                     ? 
_diffrn_source.diffrn_id                   1 
_diffrn_source.power                       ? 
_diffrn_source.size                        ? 
_diffrn_source.source                      SYNCHROTRON 
_diffrn_source.target                      ? 
_diffrn_source.type                        'APS BEAMLINE 19-ID' 
_diffrn_source.voltage                     ? 
_diffrn_source.take-off_angle              ? 
_diffrn_source.pdbx_wavelength_list        1 
_diffrn_source.pdbx_wavelength             ? 
_diffrn_source.pdbx_synchrotron_beamline   19-ID 
_diffrn_source.pdbx_synchrotron_site       APS 
# 
_reflns.B_iso_Wilson_estimate            103.660 
_reflns.entry_id                         7JKI 
_reflns.data_reduction_details           ? 
_reflns.data_reduction_method            ? 
_reflns.d_resolution_high                3.000 
_reflns.d_resolution_low                 50.000 
_reflns.details                          ? 
_reflns.limit_h_max                      ? 
_reflns.limit_h_min                      ? 
_reflns.limit_k_max                      ? 
_reflns.limit_k_min                      ? 
_reflns.limit_l_max                      ? 
_reflns.limit_l_min                      ? 
_reflns.number_all                       ? 
_reflns.number_obs                       4711 
_reflns.observed_criterion               ? 
_reflns.observed_criterion_F_max         ? 
_reflns.observed_criterion_F_min         ? 
_reflns.observed_criterion_I_max         ? 
_reflns.observed_criterion_I_min         ? 
_reflns.observed_criterion_sigma_F       ? 
_reflns.observed_criterion_sigma_I       ? 
_reflns.percent_possible_obs             95.500 
_reflns.R_free_details                   ? 
_reflns.Rmerge_F_all                     ? 
_reflns.Rmerge_F_obs                     ? 
_reflns.Friedel_coverage                 ? 
_reflns.number_gt                        ? 
_reflns.threshold_expression             ? 
_reflns.pdbx_redundancy                  9.700 
_reflns.pdbx_Rmerge_I_obs                0.142 
_reflns.pdbx_Rmerge_I_all                ? 
_reflns.pdbx_Rsym_value                  ? 
_reflns.pdbx_netI_over_av_sigmaI         ? 
_reflns.pdbx_netI_over_sigmaI            9.800 
_reflns.pdbx_res_netI_over_av_sigmaI_2   ? 
_reflns.pdbx_res_netI_over_sigmaI_2      ? 
_reflns.pdbx_chi_squared                 5.774 
_reflns.pdbx_scaling_rejects             ? 
_reflns.pdbx_d_res_high_opt              ? 
_reflns.pdbx_d_res_low_opt               ? 
_reflns.pdbx_d_res_opt_method            ? 
_reflns.phase_calculation_details        ? 
_reflns.pdbx_Rrim_I_all                  0.150 
_reflns.pdbx_Rpim_I_all                  0.046 
_reflns.pdbx_d_opt                       ? 
_reflns.pdbx_number_measured_all         ? 
_reflns.pdbx_diffrn_id                   1 
_reflns.pdbx_ordinal                     1 
_reflns.pdbx_CC_half                     0.951 
_reflns.pdbx_CC_star                     ? 
_reflns.pdbx_R_split                     ? 
# 
loop_
_reflns_shell.d_res_high 
_reflns_shell.d_res_low 
_reflns_shell.meanI_over_sigI_all 
_reflns_shell.meanI_over_sigI_obs 
_reflns_shell.number_measured_all 
_reflns_shell.number_measured_obs 
_reflns_shell.number_possible 
_reflns_shell.number_unique_all 
_reflns_shell.number_unique_obs 
_reflns_shell.percent_possible_all 
_reflns_shell.percent_possible_obs 
_reflns_shell.Rmerge_F_all 
_reflns_shell.Rmerge_F_obs 
_reflns_shell.Rmerge_I_all 
_reflns_shell.Rmerge_I_obs 
_reflns_shell.meanI_over_sigI_gt 
_reflns_shell.meanI_over_uI_all 
_reflns_shell.meanI_over_uI_gt 
_reflns_shell.number_measured_gt 
_reflns_shell.number_unique_gt 
_reflns_shell.percent_possible_gt 
_reflns_shell.Rmerge_F_gt 
_reflns_shell.Rmerge_I_gt 
_reflns_shell.pdbx_redundancy 
_reflns_shell.pdbx_Rsym_value 
_reflns_shell.pdbx_chi_squared 
_reflns_shell.pdbx_netI_over_sigmaI_all 
_reflns_shell.pdbx_netI_over_sigmaI_obs 
_reflns_shell.pdbx_Rrim_I_all 
_reflns_shell.pdbx_Rpim_I_all 
_reflns_shell.pdbx_rejects 
_reflns_shell.pdbx_ordinal 
_reflns_shell.pdbx_diffrn_id 
_reflns_shell.pdbx_CC_half 
_reflns_shell.pdbx_CC_star 
_reflns_shell.pdbx_R_split 
3.000 3.050  ? ? ? ? ? ? 241 89.600  ? ? ? ? 0.765 ? ? ? ? ? ? ? ? 7.100  ? 0.501  ? ? 0.811 0.262 ? 1  1 0.894 ? ? 
3.050 3.110  ? ? ? ? ? ? 222 96.100  ? ? ? ? 0.372 ? ? ? ? ? ? ? ? 7.700  ? 0.828  ? ? 0.392 0.122 ? 2  1 0.988 ? ? 
3.110 3.170  ? ? ? ? ? ? 230 97.900  ? ? ? ? 0.246 ? ? ? ? ? ? ? ? 8.300  ? 1.755  ? ? 0.259 0.079 ? 3  1 0.989 ? ? 
3.170 3.230  ? ? ? ? ? ? 252 99.600  ? ? ? ? 0.202 ? ? ? ? ? ? ? ? 8.800  ? 2.837  ? ? 0.212 0.066 ? 4  1 0.996 ? ? 
3.230 3.300  ? ? ? ? ? ? 241 100.000 ? ? ? ? 0.201 ? ? ? ? ? ? ? ? 9.400  ? 1.892  ? ? 0.211 0.065 ? 5  1 0.990 ? ? 
3.300 3.380  ? ? ? ? ? ? 263 99.600  ? ? ? ? 0.166 ? ? ? ? ? ? ? ? 9.600  ? 2.228  ? ? 0.175 0.056 ? 6  1 0.994 ? ? 
3.380 3.460  ? ? ? ? ? ? 233 100.000 ? ? ? ? 0.181 ? ? ? ? ? ? ? ? 9.600  ? 2.322  ? ? 0.191 0.059 ? 7  1 0.991 ? ? 
3.460 3.560  ? ? ? ? ? ? 258 100.000 ? ? ? ? 0.190 ? ? ? ? ? ? ? ? 9.900  ? 2.444  ? ? 0.200 0.061 ? 8  1 0.991 ? ? 
3.560 3.660  ? ? ? ? ? ? 138 56.800  ? ? ? ? 0.289 ? ? ? ? ? ? ? ? 7.300  ? 1.894  ? ? 0.309 0.107 ? 9  1 0.977 ? ? 
3.660 3.780  ? ? ? ? ? ? 180 73.200  ? ? ? ? 0.292 ? ? ? ? ? ? ? ? 9.400  ? 1.816  ? ? 0.310 0.102 ? 10 1 0.971 ? ? 
3.780 3.910  ? ? ? ? ? ? 245 100.000 ? ? ? ? 0.240 ? ? ? ? ? ? ? ? 10.800 ? 2.032  ? ? 0.252 0.076 ? 11 1 0.977 ? ? 
3.910 4.070  ? ? ? ? ? ? 233 100.000 ? ? ? ? 0.179 ? ? ? ? ? ? ? ? 10.800 ? 3.403  ? ? 0.187 0.057 ? 12 1 0.984 ? ? 
4.070 4.260  ? ? ? ? ? ? 248 100.000 ? ? ? ? 0.161 ? ? ? ? ? ? ? ? 10.700 ? 3.577  ? ? 0.169 0.051 ? 13 1 0.991 ? ? 
4.260 4.480  ? ? ? ? ? ? 253 100.000 ? ? ? ? 0.157 ? ? ? ? ? ? ? ? 10.700 ? 4.267  ? ? 0.165 0.050 ? 14 1 0.988 ? ? 
4.480 4.760  ? ? ? ? ? ? 244 99.200  ? ? ? ? 0.162 ? ? ? ? ? ? ? ? 10.500 ? 6.155  ? ? 0.170 0.052 ? 15 1 0.989 ? ? 
4.760 5.130  ? ? ? ? ? ? 254 100.000 ? ? ? ? 0.144 ? ? ? ? ? ? ? ? 10.200 ? 7.113  ? ? 0.151 0.047 ? 16 1 0.987 ? ? 
5.130 5.640  ? ? ? ? ? ? 249 100.000 ? ? ? ? 0.134 ? ? ? ? ? ? ? ? 10.900 ? 9.258  ? ? 0.140 0.042 ? 17 1 0.990 ? ? 
5.640 6.460  ? ? ? ? ? ? 234 100.000 ? ? ? ? 0.118 ? ? ? ? ? ? ? ? 10.600 ? 12.517 ? ? 0.124 0.038 ? 18 1 0.990 ? ? 
6.460 8.130  ? ? ? ? ? ? 249 99.600  ? ? ? ? 0.088 ? ? ? ? ? ? ? ? 10.000 ? 13.277 ? ? 0.092 0.029 ? 19 1 0.995 ? ? 
8.130 50.000 ? ? ? ? ? ? 244 98.400  ? ? ? ? 0.141 ? ? ? ? ? ? ? ? 10.400 ? 25.961 ? ? 0.148 0.046 ? 20 1 0.982 ? ? 
# 
_refine.aniso_B[1][1]                            ? 
_refine.aniso_B[1][2]                            ? 
_refine.aniso_B[1][3]                            ? 
_refine.aniso_B[2][2]                            ? 
_refine.aniso_B[2][3]                            ? 
_refine.aniso_B[3][3]                            ? 
_refine.B_iso_max                                225.380 
_refine.B_iso_mean                               106.2416 
_refine.B_iso_min                                60.410 
_refine.correlation_coeff_Fo_to_Fc               ? 
_refine.correlation_coeff_Fo_to_Fc_free          ? 
_refine.details                                  ? 
_refine.diff_density_max                         ? 
_refine.diff_density_max_esd                     ? 
_refine.diff_density_min                         ? 
_refine.diff_density_min_esd                     ? 
_refine.diff_density_rms                         ? 
_refine.diff_density_rms_esd                     ? 
_refine.entry_id                                 7JKI 
_refine.pdbx_refine_id                           'X-RAY DIFFRACTION' 
_refine.ls_abs_structure_details                 ? 
_refine.ls_abs_structure_Flack                   ? 
_refine.ls_abs_structure_Flack_esd               ? 
_refine.ls_abs_structure_Rogers                  ? 
_refine.ls_abs_structure_Rogers_esd              ? 
_refine.ls_d_res_high                            3.0190 
_refine.ls_d_res_low                             32.8270 
_refine.ls_extinction_coef                       ? 
_refine.ls_extinction_coef_esd                   ? 
_refine.ls_extinction_expression                 ? 
_refine.ls_extinction_method                     ? 
_refine.ls_goodness_of_fit_all                   ? 
_refine.ls_goodness_of_fit_all_esd               ? 
_refine.ls_goodness_of_fit_obs                   ? 
_refine.ls_goodness_of_fit_obs_esd               ? 
_refine.ls_hydrogen_treatment                    ? 
_refine.ls_matrix_type                           ? 
_refine.ls_number_constraints                    ? 
_refine.ls_number_parameters                     ? 
_refine.ls_number_reflns_all                     ? 
_refine.ls_number_reflns_obs                     4597 
_refine.ls_number_reflns_R_free                  236 
_refine.ls_number_reflns_R_work                  4361 
_refine.ls_number_restraints                     ? 
_refine.ls_percent_reflns_obs                    93.1500 
_refine.ls_percent_reflns_R_free                 5.1300 
_refine.ls_R_factor_all                          ? 
_refine.ls_R_factor_obs                          0.2168 
_refine.ls_R_factor_R_free                       0.2579 
_refine.ls_R_factor_R_free_error                 ? 
_refine.ls_R_factor_R_free_error_details         ? 
_refine.ls_R_factor_R_work                       0.2144 
_refine.ls_R_Fsqd_factor_obs                     ? 
_refine.ls_R_I_factor_obs                        ? 
_refine.ls_redundancy_reflns_all                 ? 
_refine.ls_redundancy_reflns_obs                 ? 
_refine.ls_restrained_S_all                      ? 
_refine.ls_restrained_S_obs                      ? 
_refine.ls_shift_over_esd_max                    ? 
_refine.ls_shift_over_esd_mean                   ? 
_refine.ls_structure_factor_coef                 ? 
_refine.ls_weighting_details                     ? 
_refine.ls_weighting_scheme                      ? 
_refine.ls_wR_factor_all                         ? 
_refine.ls_wR_factor_obs                         ? 
_refine.ls_wR_factor_R_free                      ? 
_refine.ls_wR_factor_R_work                      ? 
_refine.occupancy_max                            ? 
_refine.occupancy_min                            ? 
_refine.solvent_model_details                    'FLAT BULK SOLVENT MODEL' 
_refine.solvent_model_param_bsol                 ? 
_refine.solvent_model_param_ksol                 ? 
_refine.pdbx_R_complete                          ? 
_refine.ls_R_factor_gt                           ? 
_refine.ls_goodness_of_fit_gt                    ? 
_refine.ls_goodness_of_fit_ref                   ? 
_refine.ls_shift_over_su_max                     ? 
_refine.ls_shift_over_su_max_lt                  ? 
_refine.ls_shift_over_su_mean                    ? 
_refine.ls_shift_over_su_mean_lt                 ? 
_refine.pdbx_ls_sigma_I                          ? 
_refine.pdbx_ls_sigma_F                          2.000 
_refine.pdbx_ls_sigma_Fsqd                       ? 
_refine.pdbx_data_cutoff_high_absF               ? 
_refine.pdbx_data_cutoff_high_rms_absF           ? 
_refine.pdbx_data_cutoff_low_absF                ? 
_refine.pdbx_isotropic_thermal_model             ? 
_refine.pdbx_ls_cross_valid_method               THROUGHOUT 
_refine.pdbx_method_to_determine_struct          'MOLECULAR REPLACEMENT' 
_refine.pdbx_starting_model                      5VY6 
_refine.pdbx_stereochemistry_target_values       ML 
_refine.pdbx_R_Free_selection_details            ? 
_refine.pdbx_stereochem_target_val_spec_case     ? 
_refine.pdbx_overall_ESU_R                       ? 
_refine.pdbx_overall_ESU_R_Free                  ? 
_refine.pdbx_solvent_vdw_probe_radii             1.1100 
_refine.pdbx_solvent_ion_probe_radii             ? 
_refine.pdbx_solvent_shrinkage_radii             0.9000 
_refine.pdbx_real_space_R                        ? 
_refine.pdbx_density_correlation                 ? 
_refine.pdbx_pd_number_of_powder_patterns        ? 
_refine.pdbx_pd_number_of_points                 ? 
_refine.pdbx_pd_meas_number_of_points            ? 
_refine.pdbx_pd_proc_ls_prof_R_factor            ? 
_refine.pdbx_pd_proc_ls_prof_wR_factor           ? 
_refine.pdbx_pd_Marquardt_correlation_coeff      ? 
_refine.pdbx_pd_Fsqrd_R_factor                   ? 
_refine.pdbx_pd_ls_matrix_band_width             ? 
_refine.pdbx_overall_phase_error                 29.9900 
_refine.pdbx_overall_SU_R_free_Cruickshank_DPI   ? 
_refine.pdbx_overall_SU_R_free_Blow_DPI          ? 
_refine.pdbx_overall_SU_R_Blow_DPI               ? 
_refine.pdbx_TLS_residual_ADP_flag               ? 
_refine.pdbx_diffrn_id                           1 
_refine.overall_SU_B                             ? 
_refine.overall_SU_ML                            0.2400 
_refine.overall_SU_R_Cruickshank_DPI             ? 
_refine.overall_SU_R_free                        ? 
_refine.overall_FOM_free_R_set                   ? 
_refine.overall_FOM_work_R_set                   ? 
_refine.pdbx_average_fsc_overall                 ? 
_refine.pdbx_average_fsc_work                    ? 
_refine.pdbx_average_fsc_free                    ? 
# 
_refine_hist.pdbx_refine_id                   'X-RAY DIFFRACTION' 
_refine_hist.cycle_id                         final 
_refine_hist.details                          ? 
_refine_hist.d_res_high                       3.0190 
_refine_hist.d_res_low                        32.8270 
_refine_hist.number_atoms_solvent             0 
_refine_hist.number_atoms_total               857 
_refine_hist.number_reflns_all                ? 
_refine_hist.number_reflns_obs                ? 
_refine_hist.number_reflns_R_free             ? 
_refine_hist.number_reflns_R_work             ? 
_refine_hist.R_factor_all                     ? 
_refine_hist.R_factor_obs                     ? 
_refine_hist.R_factor_R_free                  ? 
_refine_hist.R_factor_R_work                  ? 
_refine_hist.pdbx_number_residues_total       42 
_refine_hist.pdbx_B_iso_mean_ligand           89.76 
_refine_hist.pdbx_B_iso_mean_solvent          ? 
_refine_hist.pdbx_number_atoms_protein        0 
_refine_hist.pdbx_number_atoms_nucleic_acid   855 
_refine_hist.pdbx_number_atoms_ligand         2 
_refine_hist.pdbx_number_atoms_lipid          ? 
_refine_hist.pdbx_number_atoms_carb           ? 
_refine_hist.pdbx_pseudo_atom_details         ? 
# 
loop_
_refine_ls_restr.pdbx_refine_id 
_refine_ls_restr.criterion 
_refine_ls_restr.dev_ideal 
_refine_ls_restr.dev_ideal_target 
_refine_ls_restr.number 
_refine_ls_restr.rejects 
_refine_ls_restr.type 
_refine_ls_restr.weight 
_refine_ls_restr.pdbx_restraint_function 
'X-RAY DIFFRACTION' ? 0.005  ? 956  ? f_bond_d           ? ? 
'X-RAY DIFFRACTION' ? 0.709  ? 1467 ? f_angle_d          ? ? 
'X-RAY DIFFRACTION' ? 0.037  ? 166  ? f_chiral_restr     ? ? 
'X-RAY DIFFRACTION' ? 0.003  ? 42   ? f_plane_restr      ? ? 
'X-RAY DIFFRACTION' ? 34.623 ? 406  ? f_dihedral_angle_d ? ? 
# 
loop_
_refine_ls_shell.pdbx_refine_id 
_refine_ls_shell.d_res_high 
_refine_ls_shell.d_res_low 
_refine_ls_shell.number_reflns_all 
_refine_ls_shell.number_reflns_obs 
_refine_ls_shell.number_reflns_R_free 
_refine_ls_shell.number_reflns_R_work 
_refine_ls_shell.percent_reflns_obs 
_refine_ls_shell.percent_reflns_R_free 
_refine_ls_shell.R_factor_all 
_refine_ls_shell.R_factor_obs 
_refine_ls_shell.R_factor_R_free 
_refine_ls_shell.R_factor_R_free_error 
_refine_ls_shell.R_factor_R_work 
_refine_ls_shell.redundancy_reflns_all 
_refine_ls_shell.redundancy_reflns_obs 
_refine_ls_shell.wR_factor_all 
_refine_ls_shell.wR_factor_obs 
_refine_ls_shell.wR_factor_R_free 
_refine_ls_shell.wR_factor_R_work 
_refine_ls_shell.pdbx_R_complete 
_refine_ls_shell.pdbx_total_number_of_bins_used 
_refine_ls_shell.pdbx_phase_error 
_refine_ls_shell.pdbx_fsc_work 
_refine_ls_shell.pdbx_fsc_free 
'X-RAY DIFFRACTION' 3.019  3.8023 . . 112 2038 87.0000 . . . 0.3448 0.0000 0.3191 . . . . . . . . . . . 
'X-RAY DIFFRACTION' 3.8023 32.827 . . 124 2323 99.0000 . . . 0.2320 0.0000 0.1905 . . . . . . . . . . . 
# 
_struct.entry_id                     7JKI 
_struct.title                        
;Self-assembly of a 3D DNA crystal lattice (4x6 scramble duplex version) containing the J7 immobile Holliday junction with R3 symmetry
;
_struct.pdbx_model_details           ? 
_struct.pdbx_formula_weight          ? 
_struct.pdbx_formula_weight_method   ? 
_struct.pdbx_model_type_details      ? 
_struct.pdbx_CASP_flag               N 
# 
_struct_keywords.entry_id        7JKI 
_struct_keywords.text            
'Structural DNA nanotechnology, immobile Holliday junctions, 3D DNA self-assembly, designer DNA crystals, DNA' 
_struct_keywords.pdbx_keywords   DNA 
# 
loop_
_struct_asym.id 
_struct_asym.pdbx_blank_PDB_chainid_flag 
_struct_asym.pdbx_modified 
_struct_asym.entity_id 
_struct_asym.details 
A N N 1 ? 
B N N 2 ? 
C N N 3 ? 
D N N 4 ? 
E N N 5 ? 
F N N 5 ? 
# 
loop_
_struct_conn.id 
_struct_conn.conn_type_id 
_struct_conn.pdbx_leaving_atom_flag 
_struct_conn.pdbx_PDB_id 
_struct_conn.ptnr1_label_asym_id 
_struct_conn.ptnr1_label_comp_id 
_struct_conn.ptnr1_label_seq_id 
_struct_conn.ptnr1_label_atom_id 
_struct_conn.pdbx_ptnr1_label_alt_id 
_struct_conn.pdbx_ptnr1_PDB_ins_code 
_struct_conn.pdbx_ptnr1_standard_comp_id 
_struct_conn.ptnr1_symmetry 
_struct_conn.ptnr2_label_asym_id 
_struct_conn.ptnr2_label_comp_id 
_struct_conn.ptnr2_label_seq_id 
_struct_conn.ptnr2_label_atom_id 
_struct_conn.pdbx_ptnr2_label_alt_id 
_struct_conn.pdbx_ptnr2_PDB_ins_code 
_struct_conn.ptnr1_auth_asym_id 
_struct_conn.ptnr1_auth_comp_id 
_struct_conn.ptnr1_auth_seq_id 
_struct_conn.ptnr2_auth_asym_id 
_struct_conn.ptnr2_auth_comp_id 
_struct_conn.ptnr2_auth_seq_id 
_struct_conn.ptnr2_symmetry 
_struct_conn.pdbx_ptnr3_label_atom_id 
_struct_conn.pdbx_ptnr3_label_seq_id 
_struct_conn.pdbx_ptnr3_label_comp_id 
_struct_conn.pdbx_ptnr3_label_asym_id 
_struct_conn.pdbx_ptnr3_label_alt_id 
_struct_conn.pdbx_ptnr3_PDB_ins_code 
_struct_conn.details 
_struct_conn.pdbx_dist_value 
_struct_conn.pdbx_value_order 
_struct_conn.pdbx_role 
hydrog1  hydrog ? ? A DA 2  N6 ? ? ? 1_555 C DT 7 O4 ? ? B DA 8  D DT 42 1_555 ? ? ? ? ? ? 'DA-DT PAIR' ? ? ? 
hydrog2  hydrog ? ? A DA 3  N1 ? ? ? 1_555 C DT 7 N3 ? ? B DA 9  D DT 42 1_555 ? ? ? ? ? ? 'DA-DT PAIR' ? ? ? 
hydrog3  hydrog ? ? A DC 4  N3 ? ? ? 1_555 C DG 6 N1 ? ? B DC 10 D DG 41 1_555 ? ? ? ? ? ? WATSON-CRICK ? ? ? 
hydrog4  hydrog ? ? A DC 4  N4 ? ? ? 1_555 C DG 6 O6 ? ? B DC 10 D DG 41 1_555 ? ? ? ? ? ? WATSON-CRICK ? ? ? 
hydrog5  hydrog ? ? A DC 4  O2 ? ? ? 1_555 C DG 6 N2 ? ? B DC 10 D DG 41 1_555 ? ? ? ? ? ? WATSON-CRICK ? ? ? 
hydrog6  hydrog ? ? A DG 5  N1 ? ? ? 1_555 C DC 5 N3 ? ? B DG 11 D DC 40 1_555 ? ? ? ? ? ? WATSON-CRICK ? ? ? 
hydrog7  hydrog ? ? A DG 5  N2 ? ? ? 1_555 C DC 5 O2 ? ? B DG 11 D DC 40 1_555 ? ? ? ? ? ? WATSON-CRICK ? ? ? 
hydrog8  hydrog ? ? A DG 5  O6 ? ? ? 1_555 C DC 5 N4 ? ? B DG 11 D DC 40 1_555 ? ? ? ? ? ? WATSON-CRICK ? ? ? 
hydrog9  hydrog ? ? A DA 6  N1 ? ? ? 1_555 C DT 4 N3 ? ? B DA 12 D DT 39 1_555 ? ? ? ? ? ? WATSON-CRICK ? ? ? 
hydrog10 hydrog ? ? A DA 6  N6 ? ? ? 1_555 C DT 4 O4 ? ? B DA 12 D DT 39 1_555 ? ? ? ? ? ? WATSON-CRICK ? ? ? 
hydrog11 hydrog ? ? A DC 7  N3 ? ? ? 1_555 C DG 3 N1 ? ? B DC 13 D DG 38 1_555 ? ? ? ? ? ? WATSON-CRICK ? ? ? 
hydrog12 hydrog ? ? A DC 7  N4 ? ? ? 1_555 C DG 3 O6 ? ? B DC 13 D DG 38 1_555 ? ? ? ? ? ? WATSON-CRICK ? ? ? 
hydrog13 hydrog ? ? A DC 7  O2 ? ? ? 1_555 C DG 3 N2 ? ? B DC 13 D DG 38 1_555 ? ? ? ? ? ? WATSON-CRICK ? ? ? 
hydrog14 hydrog ? ? A DA 8  N1 ? ? ? 1_555 C DT 2 N3 ? ? B DA 14 D DT 37 1_555 ? ? ? ? ? ? WATSON-CRICK ? ? ? 
hydrog15 hydrog ? ? A DA 8  N6 ? ? ? 1_555 C DT 2 O4 ? ? B DA 14 D DT 37 1_555 ? ? ? ? ? ? WATSON-CRICK ? ? ? 
hydrog16 hydrog ? ? A DC 9  N3 ? ? ? 1_555 C DG 1 N1 ? ? B DC 15 D DG 36 1_555 ? ? ? ? ? ? WATSON-CRICK ? ? ? 
hydrog17 hydrog ? ? A DC 9  N4 ? ? ? 1_555 C DG 1 O6 ? ? B DC 15 D DG 36 1_555 ? ? ? ? ? ? WATSON-CRICK ? ? ? 
hydrog18 hydrog ? ? A DC 9  O2 ? ? ? 1_555 C DG 1 N2 ? ? B DC 15 D DG 36 1_555 ? ? ? ? ? ? WATSON-CRICK ? ? ? 
hydrog19 hydrog ? ? A DA 10 N1 ? ? ? 1_555 D DT 6 N3 ? ? B DA 16 A DT 6  1_555 ? ? ? ? ? ? WATSON-CRICK ? ? ? 
hydrog20 hydrog ? ? A DA 10 N6 ? ? ? 1_555 D DT 6 O4 ? ? B DA 16 A DT 6  1_555 ? ? ? ? ? ? WATSON-CRICK ? ? ? 
hydrog21 hydrog ? ? A DG 11 N1 ? ? ? 1_555 D DC 5 N3 ? ? B DG 17 A DC 5  1_555 ? ? ? ? ? ? WATSON-CRICK ? ? ? 
hydrog22 hydrog ? ? A DG 11 N2 ? ? ? 1_555 D DC 5 O2 ? ? B DG 17 A DC 5  1_555 ? ? ? ? ? ? WATSON-CRICK ? ? ? 
hydrog23 hydrog ? ? A DG 11 O6 ? ? ? 1_555 D DC 5 N4 ? ? B DG 17 A DC 5  1_555 ? ? ? ? ? ? WATSON-CRICK ? ? ? 
hydrog24 hydrog ? ? A DA 12 N1 ? ? ? 1_555 D DT 4 N3 ? ? B DA 18 A DT 4  1_555 ? ? ? ? ? ? WATSON-CRICK ? ? ? 
hydrog25 hydrog ? ? A DA 12 N6 ? ? ? 1_555 D DT 4 O4 ? ? B DA 18 A DT 4  1_555 ? ? ? ? ? ? WATSON-CRICK ? ? ? 
hydrog26 hydrog ? ? A DC 13 N3 ? ? ? 1_555 D DG 3 N1 ? ? B DC 19 A DG 3  1_555 ? ? ? ? ? ? WATSON-CRICK ? ? ? 
hydrog27 hydrog ? ? A DC 13 N4 ? ? ? 1_555 D DG 3 O6 ? ? B DC 19 A DG 3  1_555 ? ? ? ? ? ? WATSON-CRICK ? ? ? 
hydrog28 hydrog ? ? A DC 13 O2 ? ? ? 1_555 D DG 3 N2 ? ? B DC 19 A DG 3  1_555 ? ? ? ? ? ? WATSON-CRICK ? ? ? 
hydrog29 hydrog ? ? A DG 14 N1 ? ? ? 1_555 D DC 2 N3 ? ? B DG 20 A DC 2  1_555 ? ? ? ? ? ? WATSON-CRICK ? ? ? 
hydrog30 hydrog ? ? A DG 14 N2 ? ? ? 1_555 D DC 2 O2 ? ? B DG 20 A DC 2  1_555 ? ? ? ? ? ? WATSON-CRICK ? ? ? 
hydrog31 hydrog ? ? A DG 14 O6 ? ? ? 1_555 D DC 2 N4 ? ? B DG 20 A DC 2  1_555 ? ? ? ? ? ? WATSON-CRICK ? ? ? 
hydrog32 hydrog ? ? A DG 15 N1 ? ? ? 1_555 D DC 1 N3 ? ? B DG 21 A DC 1  1_555 ? ? ? ? ? ? WATSON-CRICK ? ? ? 
hydrog33 hydrog ? ? A DG 15 N2 ? ? ? 1_555 D DC 1 O2 ? ? B DG 21 A DC 1  1_555 ? ? ? ? ? ? WATSON-CRICK ? ? ? 
hydrog34 hydrog ? ? A DG 15 O6 ? ? ? 1_555 D DC 1 N4 ? ? B DG 21 A DC 1  1_555 ? ? ? ? ? ? WATSON-CRICK ? ? ? 
hydrog35 hydrog ? ? A DT 16 N3 ? ? ? 1_555 B DA 8 N1 ? ? B DT 22 C DA 35 1_555 ? ? ? ? ? ? WATSON-CRICK ? ? ? 
hydrog36 hydrog ? ? A DT 16 O4 ? ? ? 1_555 B DA 8 N6 ? ? B DT 22 C DA 35 1_555 ? ? ? ? ? ? WATSON-CRICK ? ? ? 
hydrog37 hydrog ? ? A DG 17 N1 ? ? ? 1_555 B DC 7 N3 ? ? B DG 23 C DC 34 1_555 ? ? ? ? ? ? WATSON-CRICK ? ? ? 
hydrog38 hydrog ? ? A DG 17 N2 ? ? ? 1_555 B DC 7 O2 ? ? B DG 23 C DC 34 1_555 ? ? ? ? ? ? WATSON-CRICK ? ? ? 
hydrog39 hydrog ? ? A DG 17 O6 ? ? ? 1_555 B DC 7 N4 ? ? B DG 23 C DC 34 1_555 ? ? ? ? ? ? WATSON-CRICK ? ? ? 
hydrog40 hydrog ? ? A DA 18 N1 ? ? ? 1_555 B DT 6 N3 ? ? B DA 24 C DT 33 1_555 ? ? ? ? ? ? WATSON-CRICK ? ? ? 
hydrog41 hydrog ? ? A DA 18 N6 ? ? ? 1_555 B DT 6 O4 ? ? B DA 24 C DT 33 1_555 ? ? ? ? ? ? WATSON-CRICK ? ? ? 
hydrog42 hydrog ? ? A DC 19 N3 ? ? ? 1_555 B DG 5 N1 ? ? B DC 25 C DG 32 1_555 ? ? ? ? ? ? WATSON-CRICK ? ? ? 
hydrog43 hydrog ? ? A DC 19 N4 ? ? ? 1_555 B DG 5 O6 ? ? B DC 25 C DG 32 1_555 ? ? ? ? ? ? WATSON-CRICK ? ? ? 
hydrog44 hydrog ? ? A DC 19 O2 ? ? ? 1_555 B DG 5 N2 ? ? B DC 25 C DG 32 1_555 ? ? ? ? ? ? WATSON-CRICK ? ? ? 
hydrog45 hydrog ? ? A DT 20 N3 ? ? ? 1_555 B DA 4 N1 ? ? B DT 26 C DA 31 1_555 ? ? ? ? ? ? WATSON-CRICK ? ? ? 
hydrog46 hydrog ? ? A DT 20 O4 ? ? ? 1_555 B DA 4 N6 ? ? B DT 26 C DA 31 1_555 ? ? ? ? ? ? WATSON-CRICK ? ? ? 
hydrog47 hydrog ? ? A DC 21 N3 ? ? ? 1_555 B DG 3 N1 ? ? B DC 27 C DG 30 1_555 ? ? ? ? ? ? WATSON-CRICK ? ? ? 
hydrog48 hydrog ? ? A DC 21 N4 ? ? ? 1_555 B DG 3 O6 ? ? B DC 27 C DG 30 1_555 ? ? ? ? ? ? WATSON-CRICK ? ? ? 
hydrog49 hydrog ? ? A DC 21 O2 ? ? ? 1_555 B DG 3 N2 ? ? B DC 27 C DG 30 1_555 ? ? ? ? ? ? WATSON-CRICK ? ? ? 
# 
_struct_conn_type.id          hydrog 
_struct_conn_type.criteria    ? 
_struct_conn_type.reference   ? 
# 
_atom_sites.entry_id                    7JKI 
_atom_sites.Cartn_transf_matrix[1][1]   ? 
_atom_sites.Cartn_transf_matrix[1][2]   ? 
_atom_sites.Cartn_transf_matrix[1][3]   ? 
_atom_sites.Cartn_transf_matrix[2][1]   ? 
_atom_sites.Cartn_transf_matrix[2][2]   ? 
_atom_sites.Cartn_transf_matrix[2][3]   ? 
_atom_sites.Cartn_transf_matrix[3][1]   ? 
_atom_sites.Cartn_transf_matrix[3][2]   ? 
_atom_sites.Cartn_transf_matrix[3][3]   ? 
_atom_sites.Cartn_transf_vector[1]      ? 
_atom_sites.Cartn_transf_vector[2]      ? 
_atom_sites.Cartn_transf_vector[3]      ? 
_atom_sites.fract_transf_matrix[1][1]   0.00883332 
_atom_sites.fract_transf_matrix[1][2]   0.00452135 
_atom_sites.fract_transf_matrix[1][3]   -0.00215412 
_atom_sites.fract_transf_matrix[2][1]   0.00009273 
_atom_sites.fract_transf_matrix[2][2]   0.00944373 
_atom_sites.fract_transf_matrix[2][3]   -0.00372975 
_atom_sites.fract_transf_matrix[3][1]   0.00074856 
_atom_sites.fract_transf_matrix[3][2]   0.00704513 
_atom_sites.fract_transf_matrix[3][3]   0.01785689 
_atom_sites.fract_transf_vector[1]      -0.012493 
_atom_sites.fract_transf_vector[2]      0.251797 
_atom_sites.fract_transf_vector[3]      0.096730 
_atom_sites.solution_primary            ? 
_atom_sites.solution_secondary          ? 
_atom_sites.solution_hydrogens          ? 
_atom_sites.special_details             ? 
# 
loop_
_atom_type.symbol 
C  
MG 
N  
O  
P  
# 
loop_
_atom_site.group_PDB 
_atom_site.id 
_atom_site.type_symbol 
_atom_site.label_atom_id 
_atom_site.label_alt_id 
_atom_site.label_comp_id 
_atom_site.label_asym_id 
_atom_site.label_entity_id 
_atom_site.label_seq_id 
_atom_site.pdbx_PDB_ins_code 
_atom_site.Cartn_x 
_atom_site.Cartn_y 
_atom_site.Cartn_z 
_atom_site.occupancy 
_atom_site.B_iso_or_equiv 
_atom_site.pdbx_formal_charge 
_atom_site.auth_seq_id 
_atom_site.auth_comp_id 
_atom_site.auth_asym_id 
_atom_site.auth_atom_id 
_atom_site.pdbx_PDB_model_num 
ATOM   1   O  "O5'" . DG A 1 1  ? -30.493 -12.352 -8.867  1.00 163.01 ? 7   DG B "O5'" 1 
ATOM   2   C  "C5'" . DG A 1 1  ? -31.888 -12.642 -8.838  1.00 155.33 ? 7   DG B "C5'" 1 
ATOM   3   C  "C4'" . DG A 1 1  ? -32.337 -13.006 -7.432  1.00 148.13 ? 7   DG B "C4'" 1 
ATOM   4   O  "O4'" . DG A 1 1  ? -32.117 -14.404 -7.200  1.00 135.48 ? 7   DG B "O4'" 1 
ATOM   5   C  "C3'" . DG A 1 1  ? -31.577 -12.310 -6.314  1.00 148.02 ? 7   DG B "C3'" 1 
ATOM   6   O  "O3'" . DG A 1 1  ? -32.247 -11.114 -5.943  1.00 154.49 ? 7   DG B "O3'" 1 
ATOM   7   C  "C2'" . DG A 1 1  ? -31.573 -13.337 -5.165  1.00 134.12 ? 7   DG B "C2'" 1 
ATOM   8   C  "C1'" . DG A 1 1  ? -32.110 -14.618 -5.813  1.00 126.91 ? 7   DG B "C1'" 1 
ATOM   9   N  N9    . DG A 1 1  ? -31.318 -15.816 -5.528  1.00 119.82 ? 7   DG B N9    1 
ATOM   10  C  C8    . DG A 1 1  ? -30.543 -16.525 -6.415  1.00 120.01 ? 7   DG B C8    1 
ATOM   11  N  N7    . DG A 1 1  ? -29.964 -17.565 -5.884  1.00 114.96 ? 7   DG B N7    1 
ATOM   12  C  C5    . DG A 1 1  ? -30.381 -17.548 -4.560  1.00 113.52 ? 7   DG B C5    1 
ATOM   13  C  C6    . DG A 1 1  ? -30.073 -18.430 -3.496  1.00 113.65 ? 7   DG B C6    1 
ATOM   14  O  O6    . DG A 1 1  ? -29.346 -19.434 -3.519  1.00 116.38 ? 7   DG B O6    1 
ATOM   15  N  N1    . DG A 1 1  ? -30.704 -18.052 -2.314  1.00 113.38 ? 7   DG B N1    1 
ATOM   16  C  C2    . DG A 1 1  ? -31.528 -16.960 -2.177  1.00 114.67 ? 7   DG B C2    1 
ATOM   17  N  N2    . DG A 1 1  ? -32.047 -16.757 -0.957  1.00 115.19 ? 7   DG B N2    1 
ATOM   18  N  N3    . DG A 1 1  ? -31.826 -16.124 -3.166  1.00 116.96 ? 7   DG B N3    1 
ATOM   19  C  C4    . DG A 1 1  ? -31.219 -16.478 -4.325  1.00 116.55 ? 7   DG B C4    1 
ATOM   20  P  P     . DA A 1 2  ? -31.526 -10.052 -4.976  1.00 156.65 ? 8   DA B P     1 
ATOM   21  O  OP1   . DA A 1 2  ? -32.172 -8.738  -5.182  1.00 154.72 ? 8   DA B OP1   1 
ATOM   22  O  OP2   . DA A 1 2  ? -30.067 -10.195 -5.177  1.00 149.43 ? 8   DA B OP2   1 
ATOM   23  O  "O5'" . DA A 1 2  ? -31.874 -10.570 -3.502  1.00 142.41 ? 8   DA B "O5'" 1 
ATOM   24  C  "C5'" . DA A 1 2  ? -31.570 -9.756  -2.382  1.00 142.11 ? 8   DA B "C5'" 1 
ATOM   25  C  "C4'" . DA A 1 2  ? -31.625 -10.554 -1.093  1.00 141.01 ? 8   DA B "C4'" 1 
ATOM   26  O  "O4'" . DA A 1 2  ? -31.384 -11.957 -1.374  1.00 134.10 ? 8   DA B "O4'" 1 
ATOM   27  C  "C3'" . DA A 1 2  ? -30.589 -10.140 -0.058  1.00 140.76 ? 8   DA B "C3'" 1 
ATOM   28  O  "O3'" . DA A 1 2  ? -31.145 -10.162 1.249   1.00 145.99 ? 8   DA B "O3'" 1 
ATOM   29  C  "C2'" . DA A 1 2  ? -29.479 -11.174 -0.228  1.00 133.29 ? 8   DA B "C2'" 1 
ATOM   30  C  "C1'" . DA A 1 2  ? -30.240 -12.413 -0.678  1.00 128.94 ? 8   DA B "C1'" 1 
ATOM   31  N  N9    . DA A 1 2  ? -29.473 -13.262 -1.584  1.00 121.81 ? 8   DA B N9    1 
ATOM   32  C  C8    . DA A 1 2  ? -29.209 -13.022 -2.902  1.00 122.52 ? 8   DA B C8    1 
ATOM   33  N  N7    . DA A 1 2  ? -28.499 -13.959 -3.481  1.00 119.17 ? 8   DA B N7    1 
ATOM   34  C  C5    . DA A 1 2  ? -28.274 -14.878 -2.471  1.00 116.08 ? 8   DA B C5    1 
ATOM   35  C  C6    . DA A 1 2  ? -27.578 -16.102 -2.441  1.00 112.74 ? 8   DA B C6    1 
ATOM   36  N  N6    . DA A 1 2  ? -26.959 -16.620 -3.506  1.00 112.10 ? 8   DA B N6    1 
ATOM   37  N  N1    . DA A 1 2  ? -27.544 -16.774 -1.271  1.00 110.53 ? 8   DA B N1    1 
ATOM   38  C  C2    . DA A 1 2  ? -28.168 -16.253 -0.208  1.00 114.26 ? 8   DA B C2    1 
ATOM   39  N  N3    . DA A 1 2  ? -28.852 -15.112 -0.113  1.00 114.87 ? 8   DA B N3    1 
ATOM   40  C  C4    . DA A 1 2  ? -28.868 -14.465 -1.291  1.00 116.07 ? 8   DA B C4    1 
ATOM   41  P  P     . DA A 1 3  ? -30.372 -9.417  2.443   1.00 148.09 ? 9   DA B P     1 
ATOM   42  O  OP1   . DA A 1 3  ? -31.365 -8.866  3.390   1.00 143.74 ? 9   DA B OP1   1 
ATOM   43  O  OP2   . DA A 1 3  ? -29.379 -8.522  1.809   1.00 155.31 ? 9   DA B OP2   1 
ATOM   44  O  "O5'" . DA A 1 3  ? -29.553 -10.588 3.154   1.00 138.90 ? 9   DA B "O5'" 1 
ATOM   45  C  "C5'" . DA A 1 3  ? -29.782 -10.887 4.516   1.00 139.82 ? 9   DA B "C5'" 1 
ATOM   46  C  "C4'" . DA A 1 3  ? -28.654 -11.735 5.062   1.00 135.78 ? 9   DA B "C4'" 1 
ATOM   47  O  "O4'" . DA A 1 3  ? -28.495 -12.910 4.231   1.00 128.03 ? 9   DA B "O4'" 1 
ATOM   48  C  "C3'" . DA A 1 3  ? -27.290 -11.064 5.052   1.00 129.26 ? 9   DA B "C3'" 1 
ATOM   49  O  "O3'" . DA A 1 3  ? -27.090 -10.268 6.249   1.00 130.23 ? 9   DA B "O3'" 1 
ATOM   50  C  "C2'" . DA A 1 3  ? -26.345 -12.252 4.980   1.00 122.80 ? 9   DA B "C2'" 1 
ATOM   51  C  "C1'" . DA A 1 3  ? -27.121 -13.245 4.124   1.00 123.18 ? 9   DA B "C1'" 1 
ATOM   52  N  N9    . DA A 1 3  ? -26.744 -13.233 2.713   1.00 117.45 ? 9   DA B N9    1 
ATOM   53  C  C8    . DA A 1 3  ? -27.025 -12.266 1.789   1.00 119.52 ? 9   DA B C8    1 
ATOM   54  N  N7    . DA A 1 3  ? -26.569 -12.532 0.588   1.00 113.98 ? 9   DA B N7    1 
ATOM   55  C  C5    . DA A 1 3  ? -25.945 -13.759 0.733   1.00 110.70 ? 9   DA B C5    1 
ATOM   56  C  C6    . DA A 1 3  ? -25.259 -14.590 -0.175  1.00 109.97 ? 9   DA B C6    1 
ATOM   57  N  N6    . DA A 1 3  ? -25.086 -14.285 -1.465  1.00 108.07 ? 9   DA B N6    1 
ATOM   58  N  N1    . DA A 1 3  ? -24.757 -15.751 0.297   1.00 110.70 ? 9   DA B N1    1 
ATOM   59  C  C2    . DA A 1 3  ? -24.933 -16.053 1.590   1.00 112.22 ? 9   DA B C2    1 
ATOM   60  N  N3    . DA A 1 3  ? -25.557 -15.353 2.537   1.00 111.80 ? 9   DA B N3    1 
ATOM   61  C  C4    . DA A 1 3  ? -26.045 -14.206 2.038   1.00 111.51 ? 9   DA B C4    1 
ATOM   62  P  P     . DC A 1 4  ? -26.865 -10.936 7.701   1.00 139.32 ? 10  DC B P     1 
ATOM   63  O  OP1   . DC A 1 4  ? -27.800 -12.060 7.920   1.00 142.12 ? 10  DC B OP1   1 
ATOM   64  O  OP2   . DC A 1 4  ? -26.862 -9.817  8.663   1.00 134.00 ? 10  DC B OP2   1 
ATOM   65  O  "O5'" . DC A 1 4  ? -25.390 -11.556 7.651   1.00 133.19 ? 10  DC B "O5'" 1 
ATOM   66  C  "C5'" . DC A 1 4  ? -25.150 -12.807 8.282   1.00 127.64 ? 10  DC B "C5'" 1 
ATOM   67  C  "C4'" . DC A 1 4  ? -23.842 -13.432 7.825   1.00 127.86 ? 10  DC B "C4'" 1 
ATOM   68  O  "O4'" . DC A 1 4  ? -23.957 -13.929 6.480   1.00 120.48 ? 10  DC B "O4'" 1 
ATOM   69  C  "C3'" . DC A 1 4  ? -22.651 -12.502 7.760   1.00 130.51 ? 10  DC B "C3'" 1 
ATOM   70  O  "O3'" . DC A 1 4  ? -22.083 -12.278 9.082   1.00 138.92 ? 10  DC B "O3'" 1 
ATOM   71  C  "C2'" . DC A 1 4  ? -21.701 -13.261 6.829   1.00 122.97 ? 10  DC B "C2'" 1 
ATOM   72  C  "C1'" . DC A 1 4  ? -22.648 -14.110 5.967   1.00 118.88 ? 10  DC B "C1'" 1 
ATOM   73  N  N1    . DC A 1 4  ? -22.638 -13.740 4.523   1.00 111.32 ? 10  DC B N1    1 
ATOM   74  C  C2    . DC A 1 4  ? -22.055 -14.603 3.590   1.00 104.14 ? 10  DC B C2    1 
ATOM   75  O  O2    . DC A 1 4  ? -21.552 -15.664 3.979   1.00 106.27 ? 10  DC B O2    1 
ATOM   76  N  N3    . DC A 1 4  ? -22.058 -14.251 2.280   1.00 97.71  ? 10  DC B N3    1 
ATOM   77  C  C4    . DC A 1 4  ? -22.610 -13.098 1.899   1.00 103.57 ? 10  DC B C4    1 
ATOM   78  N  N4    . DC A 1 4  ? -22.590 -12.793 0.598   1.00 97.85  ? 10  DC B N4    1 
ATOM   79  C  C5    . DC A 1 4  ? -23.207 -12.206 2.837   1.00 106.24 ? 10  DC B C5    1 
ATOM   80  C  C6    . DC A 1 4  ? -23.192 -12.562 4.125   1.00 108.94 ? 10  DC B C6    1 
ATOM   81  P  P     . DG A 1 5  ? -21.409 -13.459 9.956   1.00 146.11 ? 11  DG B P     1 
ATOM   82  O  OP1   . DG A 1 5  ? -22.270 -14.661 9.989   1.00 170.92 ? 11  DG B OP1   1 
ATOM   83  O  OP2   . DG A 1 5  ? -21.034 -12.837 11.243  1.00 145.73 ? 11  DG B OP2   1 
ATOM   84  O  "O5'" . DG A 1 5  ? -20.040 -13.802 9.200   1.00 128.24 ? 11  DG B "O5'" 1 
ATOM   85  C  "C5'" . DG A 1 5  ? -19.464 -15.096 9.341   1.00 126.76 ? 11  DG B "C5'" 1 
ATOM   86  C  "C4'" . DG A 1 5  ? -18.433 -15.370 8.257   1.00 126.94 ? 11  DG B "C4'" 1 
ATOM   87  O  "O4'" . DG A 1 5  ? -18.901 -14.872 6.979   1.00 119.94 ? 11  DG B "O4'" 1 
ATOM   88  C  "C3'" . DG A 1 5  ? -17.057 -14.737 8.489   1.00 126.70 ? 11  DG B "C3'" 1 
ATOM   89  O  "O3'" . DG A 1 5  ? -16.075 -15.755 8.542   1.00 121.52 ? 11  DG B "O3'" 1 
ATOM   90  C  "C2'" . DG A 1 5  ? -16.853 -13.811 7.280   1.00 121.55 ? 11  DG B "C2'" 1 
ATOM   91  C  "C1'" . DG A 1 5  ? -17.798 -14.404 6.246   1.00 116.61 ? 11  DG B "C1'" 1 
ATOM   92  N  N9    . DG A 1 5  ? -18.275 -13.430 5.260   1.00 106.53 ? 11  DG B N9    1 
ATOM   93  C  C8    . DG A 1 5  ? -18.949 -12.260 5.511   1.00 105.45 ? 11  DG B C8    1 
ATOM   94  N  N7    . DG A 1 5  ? -19.257 -11.592 4.434   1.00 101.78 ? 11  DG B N7    1 
ATOM   95  C  C5    . DG A 1 5  ? -18.748 -12.360 3.400   1.00 98.21  ? 11  DG B C5    1 
ATOM   96  C  C6    . DG A 1 5  ? -18.773 -12.138 2.000   1.00 97.34  ? 11  DG B C6    1 
ATOM   97  O  O6    . DG A 1 5  ? -19.271 -11.182 1.384   1.00 91.11  ? 11  DG B O6    1 
ATOM   98  N  N1    . DG A 1 5  ? -18.142 -13.163 1.305   1.00 98.66  ? 11  DG B N1    1 
ATOM   99  C  C2    . DG A 1 5  ? -17.557 -14.265 1.884   1.00 100.46 ? 11  DG B C2    1 
ATOM   100 N  N2    . DG A 1 5  ? -16.998 -15.147 1.045   1.00 105.75 ? 11  DG B N2    1 
ATOM   101 N  N3    . DG A 1 5  ? -17.525 -14.489 3.194   1.00 95.31  ? 11  DG B N3    1 
ATOM   102 C  C4    . DG A 1 5  ? -18.136 -13.499 3.888   1.00 98.36  ? 11  DG B C4    1 
ATOM   103 P  P     . DA A 1 6  ? -14.680 -15.508 9.298   1.00 131.74 ? 12  DA B P     1 
ATOM   104 O  OP1   . DA A 1 6  ? -14.592 -16.492 10.400  1.00 133.64 ? 12  DA B OP1   1 
ATOM   105 O  OP2   . DA A 1 6  ? -14.552 -14.063 9.595   1.00 126.08 ? 12  DA B OP2   1 
ATOM   106 O  "O5'" . DA A 1 6  ? -13.597 -15.897 8.191   1.00 125.97 ? 12  DA B "O5'" 1 
ATOM   107 C  "C5'" . DA A 1 6  ? -13.804 -17.051 7.386   1.00 122.18 ? 12  DA B "C5'" 1 
ATOM   108 C  "C4'" . DA A 1 6  ? -13.082 -16.925 6.060   1.00 121.46 ? 12  DA B "C4'" 1 
ATOM   109 O  "O4'" . DA A 1 6  ? -13.826 -16.047 5.174   1.00 118.38 ? 12  DA B "O4'" 1 
ATOM   110 C  "C3'" . DA A 1 6  ? -11.674 -16.346 6.153   1.00 129.68 ? 12  DA B "C3'" 1 
ATOM   111 O  "O3'" . DA A 1 6  ? -10.787 -17.096 5.340   1.00 147.54 ? 12  DA B "O3'" 1 
ATOM   112 C  "C2'" . DA A 1 6  ? -11.843 -14.917 5.637   1.00 123.65 ? 12  DA B "C2'" 1 
ATOM   113 C  "C1'" . DA A 1 6  ? -12.951 -15.095 4.616   1.00 114.71 ? 12  DA B "C1'" 1 
ATOM   114 N  N9    . DA A 1 6  ? -13.711 -13.876 4.358   1.00 102.38 ? 12  DA B N9    1 
ATOM   115 C  C8    . DA A 1 6  ? -14.273 -13.044 5.286   1.00 102.19 ? 12  DA B C8    1 
ATOM   116 N  N7    . DA A 1 6  ? -14.909 -12.023 4.765   1.00 97.14  ? 12  DA B N7    1 
ATOM   117 C  C5    . DA A 1 6  ? -14.756 -12.197 3.399   1.00 96.29  ? 12  DA B C5    1 
ATOM   118 C  C6    . DA A 1 6  ? -15.200 -11.448 2.292   1.00 95.56  ? 12  DA B C6    1 
ATOM   119 N  N6    . DA A 1 6  ? -15.919 -10.326 2.406   1.00 91.44  ? 12  DA B N6    1 
ATOM   120 N  N1    . DA A 1 6  ? -14.875 -11.896 1.061   1.00 96.99  ? 12  DA B N1    1 
ATOM   121 C  C2    . DA A 1 6  ? -14.156 -13.021 0.955   1.00 100.71 ? 12  DA B C2    1 
ATOM   122 N  N3    . DA A 1 6  ? -13.683 -13.808 1.920   1.00 102.21 ? 12  DA B N3    1 
ATOM   123 C  C4    . DA A 1 6  ? -14.021 -13.336 3.130   1.00 99.64  ? 12  DA B C4    1 
ATOM   124 P  P     . DC A 1 7  ? -9.282  -17.365 5.834   1.00 148.85 ? 13  DC B P     1 
ATOM   125 O  OP1   . DC A 1 7  ? -9.050  -18.825 5.802   1.00 161.82 ? 13  DC B OP1   1 
ATOM   126 O  OP2   . DC A 1 7  ? -9.101  -16.618 7.099   1.00 137.20 ? 13  DC B OP2   1 
ATOM   127 O  "O5'" . DC A 1 7  ? -8.376  -16.667 4.715   1.00 128.96 ? 13  DC B "O5'" 1 
ATOM   128 C  "C5'" . DC A 1 7  ? -8.550  -15.286 4.416   1.00 124.14 ? 13  DC B "C5'" 1 
ATOM   129 C  "C4'" . DC A 1 7  ? -8.758  -15.077 2.926   1.00 119.83 ? 13  DC B "C4'" 1 
ATOM   130 O  "O4'" . DC A 1 7  ? -9.975  -14.317 2.704   1.00 112.75 ? 13  DC B "O4'" 1 
ATOM   131 C  "C3'" . DC A 1 7  ? -7.637  -14.319 2.221   1.00 122.36 ? 13  DC B "C3'" 1 
ATOM   132 O  "O3'" . DC A 1 7  ? -7.292  -14.988 1.017   1.00 130.61 ? 13  DC B "O3'" 1 
ATOM   133 C  "C2'" . DC A 1 7  ? -8.238  -12.935 1.955   1.00 119.35 ? 13  DC B "C2'" 1 
ATOM   134 C  "C1'" . DC A 1 7  ? -9.724  -13.238 1.835   1.00 109.75 ? 13  DC B "C1'" 1 
ATOM   135 N  N1    . DC A 1 7  ? -10.593 -12.096 2.251   1.00 101.12 ? 13  DC B N1    1 
ATOM   136 C  C2    . DC A 1 7  ? -11.192 -11.282 1.282   1.00 101.42 ? 13  DC B C2    1 
ATOM   137 O  O2    . DC A 1 7  ? -10.994 -11.522 0.085   1.00 104.94 ? 13  DC B O2    1 
ATOM   138 N  N3    . DC A 1 7  ? -11.975 -10.249 1.686   1.00 98.83  ? 13  DC B N3    1 
ATOM   139 C  C4    . DC A 1 7  ? -12.164 -10.025 2.988   1.00 89.47  ? 13  DC B C4    1 
ATOM   140 N  N4    . DC A 1 7  ? -12.943 -8.997  3.339   1.00 83.96  ? 13  DC B N4    1 
ATOM   141 C  C5    . DC A 1 7  ? -11.562 -10.844 3.988   1.00 90.87  ? 13  DC B C5    1 
ATOM   142 C  C6    . DC A 1 7  ? -10.793 -11.857 3.579   1.00 99.73  ? 13  DC B C6    1 
ATOM   143 P  P     . DA A 1 8  ? -6.080  -14.454 0.107   1.00 140.80 ? 14  DA B P     1 
ATOM   144 O  OP1   . DA A 1 8  ? -5.692  -15.555 -0.804  1.00 152.93 ? 14  DA B OP1   1 
ATOM   145 O  OP2   . DA A 1 8  ? -5.070  -13.869 1.018   1.00 128.65 ? 14  DA B OP2   1 
ATOM   146 O  "O5'" . DA A 1 8  ? -6.737  -13.261 -0.738  1.00 116.04 ? 14  DA B "O5'" 1 
ATOM   147 C  "C5'" . DA A 1 8  ? -6.386  -13.059 -2.102  1.00 118.32 ? 14  DA B "C5'" 1 
ATOM   148 C  "C4'" . DA A 1 8  ? -7.355  -12.094 -2.769  1.00 115.66 ? 14  DA B "C4'" 1 
ATOM   149 O  "O4'" . DA A 1 8  ? -8.203  -11.492 -1.763  1.00 106.52 ? 14  DA B "O4'" 1 
ATOM   150 C  "C3'" . DA A 1 8  ? -6.692  -10.935 -3.522  1.00 115.88 ? 14  DA B "C3'" 1 
ATOM   151 O  "O3'" . DA A 1 8  ? -6.980  -11.010 -4.916  1.00 125.35 ? 14  DA B "O3'" 1 
ATOM   152 C  "C2'" . DA A 1 8  ? -7.278  -9.664  -2.895  1.00 109.29 ? 14  DA B "C2'" 1 
ATOM   153 C  "C1'" . DA A 1 8  ? -8.495  -10.169 -2.131  1.00 109.06 ? 14  DA B "C1'" 1 
ATOM   154 N  N9    . DA A 1 8  ? -8.760  -9.404  -0.916  1.00 104.26 ? 14  DA B N9    1 
ATOM   155 C  C8    . DA A 1 8  ? -8.308  -9.679  0.343   1.00 101.42 ? 14  DA B C8    1 
ATOM   156 N  N7    . DA A 1 8  ? -8.698  -8.812  1.247   1.00 94.60  ? 14  DA B N7    1 
ATOM   157 C  C5    . DA A 1 8  ? -9.454  -7.901  0.531   1.00 93.60  ? 14  DA B C5    1 
ATOM   158 C  C6    . DA A 1 8  ? -10.152 -6.737  0.913   1.00 93.19  ? 14  DA B C6    1 
ATOM   159 N  N6    . DA A 1 8  ? -10.192 -6.283  2.170   1.00 91.21  ? 14  DA B N6    1 
ATOM   160 N  N1    . DA A 1 8  ? -10.807 -6.055  -0.049  1.00 93.78  ? 14  DA B N1    1 
ATOM   161 C  C2    . DA A 1 8  ? -10.757 -6.507  -1.307  1.00 96.48  ? 14  DA B C2    1 
ATOM   162 N  N3    . DA A 1 8  ? -10.144 -7.590  -1.785  1.00 99.72  ? 14  DA B N3    1 
ATOM   163 C  C4    . DA A 1 8  ? -9.502  -8.247  -0.806  1.00 97.84  ? 14  DA B C4    1 
ATOM   164 P  P     . DC A 1 9  ? -6.095  -10.168 -5.961  1.00 138.57 ? 15  DC B P     1 
ATOM   165 O  OP1   . DC A 1 9  ? -6.037  -10.946 -7.220  1.00 140.28 ? 15  DC B OP1   1 
ATOM   166 O  OP2   . DC A 1 9  ? -4.842  -9.795  -5.267  1.00 131.21 ? 15  DC B OP2   1 
ATOM   167 O  "O5'" . DC A 1 9  ? -6.931  -8.821  -6.197  1.00 118.95 ? 15  DC B "O5'" 1 
ATOM   168 C  "C5'" . DC A 1 9  ? -6.318  -7.548  -5.983  1.00 117.79 ? 15  DC B "C5'" 1 
ATOM   169 C  "C4'" . DC A 1 9  ? -7.340  -6.535  -5.492  1.00 113.21 ? 15  DC B "C4'" 1 
ATOM   170 O  "O4'" . DC A 1 9  ? -7.583  -6.747  -4.092  1.00 108.74 ? 15  DC B "O4'" 1 
ATOM   171 C  "C3'" . DC A 1 9  ? -6.908  -5.077  -5.598  1.00 112.31 ? 15  DC B "C3'" 1 
ATOM   172 O  "O3'" . DC A 1 9  ? -7.377  -4.519  -6.823  1.00 115.34 ? 15  DC B "O3'" 1 
ATOM   173 C  "C2'" . DC A 1 9  ? -7.575  -4.400  -4.389  1.00 107.14 ? 15  DC B "C2'" 1 
ATOM   174 C  "C1'" . DC A 1 9  ? -8.103  -5.562  -3.540  1.00 105.55 ? 15  DC B "C1'" 1 
ATOM   175 N  N1    . DC A 1 9  ? -7.710  -5.490  -2.087  1.00 99.25  ? 15  DC B N1    1 
ATOM   176 C  C2    . DC A 1 9  ? -8.248  -4.486  -1.266  1.00 94.27  ? 15  DC B C2    1 
ATOM   177 O  O2    . DC A 1 9  ? -9.035  -3.663  -1.750  1.00 94.81  ? 15  DC B O2    1 
ATOM   178 N  N3    . DC A 1 9  ? -7.888  -4.442  0.042   1.00 91.25  ? 15  DC B N3    1 
ATOM   179 C  C4    . DC A 1 9  ? -7.038  -5.344  0.531   1.00 91.06  ? 15  DC B C4    1 
ATOM   180 N  N4    . DC A 1 9  ? -6.713  -5.258  1.827   1.00 87.81  ? 15  DC B N4    1 
ATOM   181 C  C5    . DC A 1 9  ? -6.482  -6.373  -0.285  1.00 94.74  ? 15  DC B C5    1 
ATOM   182 C  C6    . DC A 1 9  ? -6.842  -6.408  -1.575  1.00 99.61  ? 15  DC B C6    1 
ATOM   183 P  P     . DA A 1 10 ? -6.667  -3.221  -7.453  1.00 139.49 ? 16  DA B P     1 
ATOM   184 O  OP1   . DA A 1 10 ? -7.213  -3.034  -8.817  1.00 150.35 ? 16  DA B OP1   1 
ATOM   185 O  OP2   . DA A 1 10 ? -5.207  -3.372  -7.254  1.00 153.44 ? 16  DA B OP2   1 
ATOM   186 O  "O5'" . DA A 1 10 ? -7.173  -2.007  -6.537  1.00 117.70 ? 16  DA B "O5'" 1 
ATOM   187 C  "C5'" . DA A 1 10 ? -8.538  -1.602  -6.586  1.00 114.05 ? 16  DA B "C5'" 1 
ATOM   188 C  "C4'" . DA A 1 10 ? -8.747  -0.240  -5.935  1.00 118.54 ? 16  DA B "C4'" 1 
ATOM   189 O  "O4'" . DA A 1 10 ? -8.842  -0.384  -4.492  1.00 113.31 ? 16  DA B "O4'" 1 
ATOM   190 C  "C3'" . DA A 1 10 ? -7.650  0.788   -6.171  1.00 115.86 ? 16  DA B "C3'" 1 
ATOM   191 O  "O3'" . DA A 1 10 ? -8.229  2.088   -6.191  1.00 127.81 ? 16  DA B "O3'" 1 
ATOM   192 C  "C2'" . DA A 1 10 ? -6.755  0.596   -4.947  1.00 106.07 ? 16  DA B "C2'" 1 
ATOM   193 C  "C1'" . DA A 1 10 ? -7.792  0.329   -3.864  1.00 104.19 ? 16  DA B "C1'" 1 
ATOM   194 N  N9    . DA A 1 10 ? -7.298  -0.482  -2.749  1.00 100.27 ? 16  DA B N9    1 
ATOM   195 C  C8    . DA A 1 10 ? -6.709  -1.710  -2.825  1.00 98.65  ? 16  DA B C8    1 
ATOM   196 N  N7    . DA A 1 10 ? -6.378  -2.214  -1.661  1.00 88.16  ? 16  DA B N7    1 
ATOM   197 C  C5    . DA A 1 10 ? -6.783  -1.256  -0.751  1.00 81.73  ? 16  DA B C5    1 
ATOM   198 C  C6    . DA A 1 10 ? -6.713  -1.192  0.657   1.00 79.08  ? 16  DA B C6    1 
ATOM   199 N  N6    . DA A 1 10 ? -6.186  -2.162  1.414   1.00 80.29  ? 16  DA B N6    1 
ATOM   200 N  N1    . DA A 1 10 ? -7.206  -0.089  1.258   1.00 76.78  ? 16  DA B N1    1 
ATOM   201 C  C2    . DA A 1 10 ? -7.733  0.879   0.495   1.00 79.66  ? 16  DA B C2    1 
ATOM   202 N  N3    . DA A 1 10 ? -7.854  0.931   -0.835  1.00 85.59  ? 16  DA B N3    1 
ATOM   203 C  C4    . DA A 1 10 ? -7.356  -0.177  -1.404  1.00 89.41  ? 16  DA B C4    1 
ATOM   204 P  P     . DG A 1 11 ? -7.503  3.294   -6.965  1.00 144.20 ? 17  DG B P     1 
ATOM   205 O  OP1   . DG A 1 11 ? -8.280  3.581   -8.192  1.00 168.10 ? 17  DG B OP1   1 
ATOM   206 O  OP2   . DG A 1 11 ? -6.065  2.954   -7.060  1.00 128.10 ? 17  DG B OP2   1 
ATOM   207 O  "O5'" . DG A 1 11 ? -7.668  4.535   -5.968  1.00 126.23 ? 17  DG B "O5'" 1 
ATOM   208 C  "C5'" . DG A 1 11 ? -7.987  4.301   -4.608  1.00 116.41 ? 17  DG B "C5'" 1 
ATOM   209 C  "C4'" . DG A 1 11 ? -7.571  5.474   -3.739  1.00 111.42 ? 17  DG B "C4'" 1 
ATOM   210 O  "O4'" . DG A 1 11 ? -7.136  4.967   -2.453  1.00 109.26 ? 17  DG B "O4'" 1 
ATOM   211 C  "C3'" . DG A 1 11 ? -6.388  6.278   -4.258  1.00 108.99 ? 17  DG B "C3'" 1 
ATOM   212 O  "O3'" . DG A 1 11 ? -6.410  7.596   -3.699  1.00 106.69 ? 17  DG B "O3'" 1 
ATOM   213 C  "C2'" . DG A 1 11 ? -5.213  5.468   -3.731  1.00 93.47  ? 17  DG B "C2'" 1 
ATOM   214 C  "C1'" . DG A 1 11 ? -5.724  5.049   -2.359  1.00 96.32  ? 17  DG B "C1'" 1 
ATOM   215 N  N9    . DG A 1 11 ? -5.209  3.757   -1.930  1.00 84.25  ? 17  DG B N9    1 
ATOM   216 C  C8    . DG A 1 11 ? -4.821  2.711   -2.734  1.00 88.12  ? 17  DG B C8    1 
ATOM   217 N  N7    . DG A 1 11 ? -4.395  1.675   -2.069  1.00 79.95  ? 17  DG B N7    1 
ATOM   218 C  C5    . DG A 1 11 ? -4.506  2.055   -0.740  1.00 76.88  ? 17  DG B C5    1 
ATOM   219 C  C6    . DG A 1 11 ? -4.193  1.340   0.439   1.00 71.77  ? 17  DG B C6    1 
ATOM   220 O  O6    . DG A 1 11 ? -3.741  0.189   0.544   1.00 73.19  ? 17  DG B O6    1 
ATOM   221 N  N1    . DG A 1 11 ? -4.456  2.093   1.580   1.00 69.53  ? 17  DG B N1    1 
ATOM   222 C  C2    . DG A 1 11 ? -4.957  3.374   1.581   1.00 74.02  ? 17  DG B C2    1 
ATOM   223 N  N2    . DG A 1 11 ? -5.143  3.936   2.785   1.00 75.87  ? 17  DG B N2    1 
ATOM   224 N  N3    . DG A 1 11 ? -5.255  4.057   0.482   1.00 73.98  ? 17  DG B N3    1 
ATOM   225 C  C4    . DG A 1 11 ? -5.005  3.336   -0.637  1.00 78.35  ? 17  DG B C4    1 
ATOM   226 P  P     . DA A 1 12 ? -5.359  8.716   -4.188  1.00 114.34 ? 18  DA B P     1 
ATOM   227 O  OP1   . DA A 1 12 ? -6.136  9.820   -4.793  1.00 111.26 ? 18  DA B OP1   1 
ATOM   228 O  OP2   . DA A 1 12 ? -4.306  8.065   -5.003  1.00 110.72 ? 18  DA B OP2   1 
ATOM   229 O  "O5'" . DA A 1 12 ? -4.695  9.234   -2.823  1.00 108.59 ? 18  DA B "O5'" 1 
ATOM   230 C  "C5'" . DA A 1 12 ? -5.505  9.844   -1.824  1.00 100.06 ? 18  DA B "C5'" 1 
ATOM   231 C  "C4'" . DA A 1 12 ? -4.846  9.771   -0.451  1.00 93.97  ? 18  DA B "C4'" 1 
ATOM   232 O  "O4'" . DA A 1 12 ? -4.552  8.394   -0.106  1.00 89.56  ? 18  DA B "O4'" 1 
ATOM   233 C  "C3'" . DA A 1 12 ? -3.541  10.551  -0.303  1.00 87.96  ? 18  DA B "C3'" 1 
ATOM   234 O  "O3'" . DA A 1 12 ? -3.585  11.336  0.887   1.00 88.77  ? 18  DA B "O3'" 1 
ATOM   235 C  "C2'" . DA A 1 12 ? -2.465  9.462   -0.236  1.00 85.87  ? 18  DA B "C2'" 1 
ATOM   236 C  "C1'" . DA A 1 12 ? -3.223  8.277   0.349   1.00 83.79  ? 18  DA B "C1'" 1 
ATOM   237 N  N9    . DA A 1 12 ? -2.721  6.978   -0.103  1.00 79.19  ? 18  DA B N9    1 
ATOM   238 C  C8    . DA A 1 12 ? -2.637  6.537   -1.397  1.00 82.99  ? 18  DA B C8    1 
ATOM   239 N  N7    . DA A 1 12 ? -2.163  5.319   -1.514  1.00 76.14  ? 18  DA B N7    1 
ATOM   240 C  C5    . DA A 1 12 ? -1.928  4.927   -0.208  1.00 73.94  ? 18  DA B C5    1 
ATOM   241 C  C6    . DA A 1 12 ? -1.422  3.734   0.344   1.00 73.89  ? 18  DA B C6    1 
ATOM   242 N  N6    . DA A 1 12 ? -1.052  2.681   -0.394  1.00 67.98  ? 18  DA B N6    1 
ATOM   243 N  N1    . DA A 1 12 ? -1.310  3.665   1.688   1.00 70.04  ? 18  DA B N1    1 
ATOM   244 C  C2    . DA A 1 12 ? -1.683  4.725   2.422   1.00 78.64  ? 18  DA B C2    1 
ATOM   245 N  N3    . DA A 1 12 ? -2.171  5.898   2.016   1.00 74.61  ? 18  DA B N3    1 
ATOM   246 C  C4    . DA A 1 12 ? -2.270  5.935   0.678   1.00 73.83  ? 18  DA B C4    1 
ATOM   247 P  P     . DC A 1 13 ? -2.471  12.459  1.172   1.00 105.60 ? 19  DC B P     1 
ATOM   248 O  OP1   . DC A 1 13 ? -3.107  13.521  1.984   1.00 112.81 ? 19  DC B OP1   1 
ATOM   249 O  OP2   . DC A 1 13 ? -1.833  12.807  -0.119  1.00 96.36  ? 19  DC B OP2   1 
ATOM   250 O  "O5'" . DC A 1 13 ? -1.394  11.693  2.073   1.00 88.78  ? 19  DC B "O5'" 1 
ATOM   251 C  "C5'" . DC A 1 13 ? -1.836  10.822  3.109   1.00 84.20  ? 19  DC B "C5'" 1 
ATOM   252 C  "C4'" . DC A 1 13 ? -0.691  9.981   3.637   1.00 88.53  ? 19  DC B "C4'" 1 
ATOM   253 O  "O4'" . DC A 1 13 ? -0.617  8.739   2.912   1.00 87.42  ? 19  DC B "O4'" 1 
ATOM   254 C  "C3'" . DC A 1 13 ? 0.691   10.617  3.502   1.00 95.08  ? 19  DC B "C3'" 1 
ATOM   255 O  "O3'" . DC A 1 13 ? 1.124   11.097  4.775   1.00 100.40 ? 19  DC B "O3'" 1 
ATOM   256 C  "C2'" . DC A 1 13 ? 1.590   9.476   2.981   1.00 88.12  ? 19  DC B "C2'" 1 
ATOM   257 C  "C1'" . DC A 1 13 ? 0.686   8.248   3.044   1.00 80.98  ? 19  DC B "C1'" 1 
ATOM   258 N  N1    . DC A 1 13 ? 0.935   7.248   1.950   1.00 75.56  ? 19  DC B N1    1 
ATOM   259 C  C2    . DC A 1 13 ? 1.422   5.972   2.270   1.00 77.58  ? 19  DC B C2    1 
ATOM   260 O  O2    . DC A 1 13 ? 1.646   5.690   3.454   1.00 81.90  ? 19  DC B O2    1 
ATOM   261 N  N3    . DC A 1 13 ? 1.637   5.080   1.271   1.00 74.71  ? 19  DC B N3    1 
ATOM   262 C  C4    . DC A 1 13 ? 1.385   5.420   0.006   1.00 72.78  ? 19  DC B C4    1 
ATOM   263 N  N4    . DC A 1 13 ? 1.614   4.505   -0.944  1.00 75.88  ? 19  DC B N4    1 
ATOM   264 C  C5    . DC A 1 13 ? 0.888   6.711   -0.342  1.00 71.74  ? 19  DC B C5    1 
ATOM   265 C  C6    . DC A 1 13 ? 0.677   7.583   0.653   1.00 75.39  ? 19  DC B C6    1 
ATOM   266 P  P     . DG A 1 14 ? 2.312   12.174  4.890   1.00 102.20 ? 20  DG B P     1 
ATOM   267 O  OP1   . DG A 1 14 ? 1.899   13.198  5.877   1.00 105.07 ? 20  DG B OP1   1 
ATOM   268 O  OP2   . DG A 1 14 ? 2.695   12.588  3.522   1.00 94.77  ? 20  DG B OP2   1 
ATOM   269 O  "O5'" . DG A 1 14 ? 3.526   11.328  5.499   1.00 90.80  ? 20  DG B "O5'" 1 
ATOM   270 C  "C5'" . DG A 1 14 ? 3.315   10.522  6.654   1.00 96.59  ? 20  DG B "C5'" 1 
ATOM   271 C  "C4'" . DG A 1 14 ? 4.193   9.282   6.626   1.00 98.77  ? 20  DG B "C4'" 1 
ATOM   272 O  "O4'" . DG A 1 14 ? 3.911   8.510   5.437   1.00 95.95  ? 20  DG B "O4'" 1 
ATOM   273 C  "C3'" . DG A 1 14 ? 5.702   9.551   6.610   1.00 100.51 ? 20  DG B "C3'" 1 
ATOM   274 O  "O3'" . DG A 1 14 ? 6.301   9.029   7.789   1.00 110.01 ? 20  DG B "O3'" 1 
ATOM   275 C  "C2'" . DG A 1 14 ? 6.209   8.829   5.354   1.00 93.98  ? 20  DG B "C2'" 1 
ATOM   276 C  "C1'" . DG A 1 14 ? 5.084   7.851   5.051   1.00 90.49  ? 20  DG B "C1'" 1 
ATOM   277 N  N9    . DG A 1 14 ? 4.984   7.505   3.633   1.00 83.67  ? 20  DG B N9    1 
ATOM   278 C  C8    . DG A 1 14 ? 4.561   8.317   2.611   1.00 81.83  ? 20  DG B C8    1 
ATOM   279 N  N7    . DG A 1 14 ? 4.578   7.739   1.443   1.00 77.19  ? 20  DG B N7    1 
ATOM   280 C  C5    . DG A 1 14 ? 5.051   6.462   1.703   1.00 75.61  ? 20  DG B C5    1 
ATOM   281 C  C6    . DG A 1 14 ? 5.287   5.382   0.821   1.00 72.98  ? 20  DG B C6    1 
ATOM   282 O  O6    . DG A 1 14 ? 5.117   5.344   -0.406  1.00 71.89  ? 20  DG B O6    1 
ATOM   283 N  N1    . DG A 1 14 ? 5.769   4.262   1.492   1.00 73.72  ? 20  DG B N1    1 
ATOM   284 C  C2    . DG A 1 14 ? 5.993   4.197   2.848   1.00 81.31  ? 20  DG B C2    1 
ATOM   285 N  N2    . DG A 1 14 ? 6.460   3.030   3.316   1.00 84.22  ? 20  DG B N2    1 
ATOM   286 N  N3    . DG A 1 14 ? 5.777   5.204   3.687   1.00 79.81  ? 20  DG B N3    1 
ATOM   287 C  C4    . DG A 1 14 ? 5.306   6.300   3.048   1.00 77.14  ? 20  DG B C4    1 
ATOM   288 P  P     . DG A 1 15 ? 7.830   9.379   8.141   1.00 118.99 ? 21  DG B P     1 
ATOM   289 O  OP1   . DG A 1 15 ? 7.961   9.368   9.616   1.00 114.36 ? 21  DG B OP1   1 
ATOM   290 O  OP2   . DG A 1 15 ? 8.196   10.600  7.392   1.00 108.75 ? 21  DG B OP2   1 
ATOM   291 O  "O5'" . DG A 1 15 ? 8.658   8.153   7.526   1.00 106.98 ? 21  DG B "O5'" 1 
ATOM   292 C  "C5'" . DG A 1 15 ? 8.483   6.848   8.061   1.00 106.16 ? 21  DG B "C5'" 1 
ATOM   293 C  "C4'" . DG A 1 15 ? 9.054   5.788   7.133   1.00 101.41 ? 21  DG B "C4'" 1 
ATOM   294 O  "O4'" . DG A 1 15 ? 8.427   5.882   5.841   1.00 99.26  ? 21  DG B "O4'" 1 
ATOM   295 C  "C3'" . DG A 1 15 ? 10.558  5.888   6.874   1.00 96.65  ? 21  DG B "C3'" 1 
ATOM   296 O  "O3'" . DG A 1 15 ? 11.237  4.837   7.554   1.00 112.89 ? 21  DG B "O3'" 1 
ATOM   297 C  "C2'" . DG A 1 15 ? 10.702  5.763   5.343   1.00 95.42  ? 21  DG B "C2'" 1 
ATOM   298 C  "C1'" . DG A 1 15 ? 9.305   5.354   4.887   1.00 91.03  ? 21  DG B "C1'" 1 
ATOM   299 N  N9    . DG A 1 15 ? 8.930   5.883   3.576   1.00 81.89  ? 21  DG B N9    1 
ATOM   300 C  C8    . DG A 1 15 ? 8.368   7.109   3.312   1.00 80.88  ? 21  DG B C8    1 
ATOM   301 N  N7    . DG A 1 15 ? 8.127   7.312   2.047   1.00 74.72  ? 21  DG B N7    1 
ATOM   302 C  C5    . DG A 1 15 ? 8.554   6.146   1.426   1.00 71.90  ? 21  DG B C5    1 
ATOM   303 C  C6    . DG A 1 15 ? 8.546   5.790   0.057   1.00 69.19  ? 21  DG B C6    1 
ATOM   304 O  O6    . DG A 1 15 ? 8.143   6.456   -0.907  1.00 73.68  ? 21  DG B O6    1 
ATOM   305 N  N1    . DG A 1 15 ? 9.069   4.517   -0.147  1.00 65.94  ? 21  DG B N1    1 
ATOM   306 C  C2    . DG A 1 15 ? 9.543   3.694   0.847   1.00 72.84  ? 21  DG B C2    1 
ATOM   307 N  N2    . DG A 1 15 ? 10.011  2.500   0.455   1.00 73.89  ? 21  DG B N2    1 
ATOM   308 N  N3    . DG A 1 15 ? 9.558   4.016   2.137   1.00 71.39  ? 21  DG B N3    1 
ATOM   309 C  C4    . DG A 1 15 ? 9.048   5.253   2.353   1.00 73.55  ? 21  DG B C4    1 
ATOM   310 P  P     . DT A 1 16 ? 12.842  4.825   7.632   1.00 131.06 ? 22  DT B P     1 
ATOM   311 O  OP1   . DT A 1 16 ? 13.238  4.038   8.822   1.00 130.39 ? 22  DT B OP1   1 
ATOM   312 O  OP2   . DT A 1 16 ? 13.305  6.224   7.484   1.00 116.16 ? 22  DT B OP2   1 
ATOM   313 O  "O5'" . DT A 1 16 ? 13.280  4.021   6.323   1.00 112.19 ? 22  DT B "O5'" 1 
ATOM   314 C  "C5'" . DT A 1 16 ? 12.642  2.792   5.993   1.00 105.74 ? 22  DT B "C5'" 1 
ATOM   315 C  "C4'" . DT A 1 16 ? 13.446  2.042   4.949   1.00 103.61 ? 22  DT B "C4'" 1 
ATOM   316 O  "O4'" . DT A 1 16 ? 12.899  2.302   3.625   1.00 92.56  ? 22  DT B "O4'" 1 
ATOM   317 C  "C3'" . DT A 1 16 ? 14.916  2.441   4.886   1.00 109.45 ? 22  DT B "C3'" 1 
ATOM   318 O  "O3'" . DT A 1 16 ? 15.728  1.300   4.660   1.00 119.38 ? 22  DT B "O3'" 1 
ATOM   319 C  "C2'" . DT A 1 16 ? 14.954  3.404   3.707   1.00 103.04 ? 22  DT B "C2'" 1 
ATOM   320 C  "C1'" . DT A 1 16 ? 13.916  2.796   2.779   1.00 86.82  ? 22  DT B "C1'" 1 
ATOM   321 N  N1    . DT A 1 16 ? 13.312  3.784   1.827   1.00 76.92  ? 22  DT B N1    1 
ATOM   322 C  C2    . DT A 1 16 ? 13.263  3.492   0.480   1.00 78.92  ? 22  DT B C2    1 
ATOM   323 O  O2    . DT A 1 16 ? 13.689  2.453   0.006   1.00 93.74  ? 22  DT B O2    1 
ATOM   324 N  N3    . DT A 1 16 ? 12.690  4.466   -0.296  1.00 77.94  ? 22  DT B N3    1 
ATOM   325 C  C4    . DT A 1 16 ? 12.175  5.678   0.132   1.00 78.46  ? 22  DT B C4    1 
ATOM   326 O  O4    . DT A 1 16 ? 11.679  6.489   -0.640  1.00 74.83  ? 22  DT B O4    1 
ATOM   327 C  C5    . DT A 1 16 ? 12.262  5.920   1.551   1.00 75.75  ? 22  DT B C5    1 
ATOM   328 C  C7    . DT A 1 16 ? 11.741  7.200   2.131   1.00 67.97  ? 22  DT B C7    1 
ATOM   329 C  C6    . DT A 1 16 ? 12.820  4.974   2.319   1.00 80.45  ? 22  DT B C6    1 
ATOM   330 P  P     . DG A 1 17 ? 17.262  1.303   5.133   1.00 123.92 ? 23  DG B P     1 
ATOM   331 O  OP1   . DG A 1 17 ? 17.461  0.159   6.051   1.00 134.55 ? 23  DG B OP1   1 
ATOM   332 O  OP2   . DG A 1 17 ? 17.593  2.675   5.582   1.00 128.67 ? 23  DG B OP2   1 
ATOM   333 O  "O5'" . DG A 1 17 ? 18.074  1.032   3.785   1.00 116.86 ? 23  DG B "O5'" 1 
ATOM   334 C  "C5'" . DG A 1 17 ? 17.799  -0.130  3.013   1.00 114.61 ? 23  DG B "C5'" 1 
ATOM   335 C  "C4'" . DG A 1 17 ? 18.241  0.063   1.573   1.00 113.29 ? 23  DG B "C4'" 1 
ATOM   336 O  "O4'" . DG A 1 17 ? 17.408  1.073   0.937   1.00 114.50 ? 23  DG B "O4'" 1 
ATOM   337 C  "C3'" . DG A 1 17 ? 19.679  0.543   1.398   1.00 110.27 ? 23  DG B "C3'" 1 
ATOM   338 O  "O3'" . DG A 1 17 ? 20.250  -0.054  0.234   1.00 119.13 ? 23  DG B "O3'" 1 
ATOM   339 C  "C2'" . DG A 1 17 ? 19.506  2.049   1.228   1.00 103.28 ? 23  DG B "C2'" 1 
ATOM   340 C  "C1'" . DG A 1 17 ? 18.224  2.103   0.418   1.00 101.08 ? 23  DG B "C1'" 1 
ATOM   341 N  N9    . DG A 1 17 ? 17.506  3.368   0.541   1.00 88.37  ? 23  DG B N9    1 
ATOM   342 C  C8    . DG A 1 17 ? 17.277  4.077   1.692   1.00 88.58  ? 23  DG B C8    1 
ATOM   343 N  N7    . DG A 1 17 ? 16.587  5.169   1.505   1.00 86.32  ? 23  DG B N7    1 
ATOM   344 C  C5    . DG A 1 17 ? 16.351  5.190   0.138   1.00 83.17  ? 23  DG B C5    1 
ATOM   345 C  C6    . DG A 1 17 ? 15.653  6.134   -0.651  1.00 83.93  ? 23  DG B C6    1 
ATOM   346 O  O6    . DG A 1 17 ? 15.095  7.181   -0.286  1.00 87.76  ? 23  DG B O6    1 
ATOM   347 N  N1    . DG A 1 17 ? 15.650  5.778   -1.997  1.00 77.97  ? 23  DG B N1    1 
ATOM   348 C  C2    . DG A 1 17 ? 16.238  4.648   -2.513  1.00 81.96  ? 23  DG B C2    1 
ATOM   349 N  N2    . DG A 1 17 ? 16.127  4.473   -3.838  1.00 81.38  ? 23  DG B N2    1 
ATOM   350 N  N3    . DG A 1 17 ? 16.893  3.752   -1.783  1.00 86.47  ? 23  DG B N3    1 
ATOM   351 C  C4    . DG A 1 17 ? 16.906  4.085   -0.470  1.00 86.57  ? 23  DG B C4    1 
ATOM   352 P  P     . DA A 1 18 ? 21.820  0.101   -0.079  1.00 125.45 ? 24  DA B P     1 
ATOM   353 O  OP1   . DA A 1 18 ? 22.552  -0.913  0.712   1.00 132.79 ? 24  DA B OP1   1 
ATOM   354 O  OP2   . DA A 1 18 ? 22.204  1.523   0.049   1.00 115.98 ? 24  DA B OP2   1 
ATOM   355 O  "O5'" . DA A 1 18 ? 21.936  -0.256  -1.631  1.00 115.01 ? 24  DA B "O5'" 1 
ATOM   356 C  "C5'" . DA A 1 18 ? 22.816  0.487   -2.452  1.00 114.87 ? 24  DA B "C5'" 1 
ATOM   357 C  "C4'" . DA A 1 18 ? 22.045  1.386   -3.399  1.00 111.83 ? 24  DA B "C4'" 1 
ATOM   358 O  "O4'" . DA A 1 18 ? 21.107  2.200   -2.668  1.00 108.02 ? 24  DA B "O4'" 1 
ATOM   359 C  "C3'" . DA A 1 18 ? 22.906  2.372   -4.185  1.00 116.20 ? 24  DA B "C3'" 1 
ATOM   360 O  "O3'" . DA A 1 18 ? 23.034  1.930   -5.525  1.00 119.23 ? 24  DA B "O3'" 1 
ATOM   361 C  "C2'" . DA A 1 18 ? 22.152  3.716   -4.089  1.00 111.94 ? 24  DA B "C2'" 1 
ATOM   362 C  "C1'" . DA A 1 18 ? 20.826  3.321   -3.459  1.00 103.29 ? 24  DA B "C1'" 1 
ATOM   363 N  N9    . DA A 1 18 ? 20.210  4.361   -2.628  1.00 99.17  ? 24  DA B N9    1 
ATOM   364 C  C8    . DA A 1 18 ? 20.213  4.446   -1.261  1.00 101.95 ? 24  DA B C8    1 
ATOM   365 N  N7    . DA A 1 18 ? 19.558  5.488   -0.795  1.00 95.56  ? 24  DA B N7    1 
ATOM   366 C  C5    . DA A 1 18 ? 19.086  6.122   -1.932  1.00 93.38  ? 24  DA B C5    1 
ATOM   367 C  C6    . DA A 1 18 ? 18.316  7.292   -2.127  1.00 92.56  ? 24  DA B C6    1 
ATOM   368 N  N6    . DA A 1 18 ? 17.868  8.056   -1.122  1.00 95.52  ? 24  DA B N6    1 
ATOM   369 N  N1    . DA A 1 18 ? 18.022  7.646   -3.394  1.00 88.99  ? 24  DA B N1    1 
ATOM   370 C  C2    . DA A 1 18 ? 18.472  6.884   -4.397  1.00 91.23  ? 24  DA B C2    1 
ATOM   371 N  N3    . DA A 1 18 ? 19.202  5.770   -4.343  1.00 96.43  ? 24  DA B N3    1 
ATOM   372 C  C4    . DA A 1 18 ? 19.479  5.440   -3.073  1.00 96.96  ? 24  DA B C4    1 
ATOM   373 P  P     . DC A 1 19 ? 24.367  2.262   -6.354  1.00 139.59 ? 25  DC B P     1 
ATOM   374 O  OP1   . DC A 1 19 ? 24.396  1.358   -7.527  1.00 139.40 ? 25  DC B OP1   1 
ATOM   375 O  OP2   . DC A 1 19 ? 25.502  2.274   -5.403  1.00 125.49 ? 25  DC B OP2   1 
ATOM   376 O  "O5'" . DC A 1 19 ? 24.140  3.769   -6.840  1.00 120.93 ? 25  DC B "O5'" 1 
ATOM   377 C  "C5'" . DC A 1 19 ? 22.912  4.129   -7.450  1.00 118.91 ? 25  DC B "C5'" 1 
ATOM   378 C  "C4'" . DC A 1 19 ? 22.768  5.636   -7.544  1.00 117.20 ? 25  DC B "C4'" 1 
ATOM   379 O  "O4'" . DC A 1 19 ? 22.083  6.153   -6.385  1.00 110.18 ? 25  DC B "O4'" 1 
ATOM   380 C  "C3'" . DC A 1 19 ? 24.079  6.418   -7.651  1.00 117.54 ? 25  DC B "C3'" 1 
ATOM   381 O  "O3'" . DC A 1 19 ? 24.089  7.102   -8.900  1.00 123.23 ? 25  DC B "O3'" 1 
ATOM   382 C  "C2'" . DC A 1 19 ? 24.046  7.381   -6.440  1.00 111.81 ? 25  DC B "C2'" 1 
ATOM   383 C  "C1'" . DC A 1 19 ? 22.558  7.449   -6.134  1.00 108.06 ? 25  DC B "C1'" 1 
ATOM   384 N  N1    . DC A 1 19 ? 22.196  7.794   -4.718  1.00 100.68 ? 25  DC B N1    1 
ATOM   385 C  C2    . DC A 1 19 ? 21.269  8.814   -4.477  1.00 96.16  ? 25  DC B C2    1 
ATOM   386 O  O2    . DC A 1 19 ? 20.804  9.442   -5.434  1.00 91.70  ? 25  DC B O2    1 
ATOM   387 N  N3    . DC A 1 19 ? 20.915  9.095   -3.198  1.00 94.95  ? 25  DC B N3    1 
ATOM   388 C  C4    . DC A 1 19 ? 21.438  8.395   -2.191  1.00 98.83  ? 25  DC B C4    1 
ATOM   389 N  N4    . DC A 1 19 ? 21.056  8.710   -0.948  1.00 104.76 ? 25  DC B N4    1 
ATOM   390 C  C5    . DC A 1 19 ? 22.372  7.338   -2.414  1.00 100.68 ? 25  DC B C5    1 
ATOM   391 C  C6    . DC A 1 19 ? 22.715  7.071   -3.682  1.00 99.19  ? 25  DC B C6    1 
ATOM   392 P  P     . DT A 1 20 ? 25.222  8.177   -9.266  1.00 131.01 ? 26  DT B P     1 
ATOM   393 O  OP1   . DT A 1 20 ? 25.265  8.266   -10.744 1.00 124.36 ? 26  DT B OP1   1 
ATOM   394 O  OP2   . DT A 1 20 ? 26.453  7.858   -8.507  1.00 132.10 ? 26  DT B OP2   1 
ATOM   395 O  "O5'" . DT A 1 20 ? 24.615  9.546   -8.714  1.00 116.29 ? 26  DT B "O5'" 1 
ATOM   396 C  "C5'" . DT A 1 20 ? 23.252  9.861   -8.976  1.00 116.21 ? 26  DT B "C5'" 1 
ATOM   397 C  "C4'" . DT A 1 20 ? 23.058  11.354  -9.157  1.00 125.10 ? 26  DT B "C4'" 1 
ATOM   398 O  "O4'" . DT A 1 20 ? 22.508  11.923  -7.946  1.00 113.61 ? 26  DT B "O4'" 1 
ATOM   399 C  "C3'" . DT A 1 20 ? 24.324  12.142  -9.447  1.00 135.43 ? 26  DT B "C3'" 1 
ATOM   400 O  "O3'" . DT A 1 20 ? 24.012  13.263  -10.257 1.00 143.12 ? 26  DT B "O3'" 1 
ATOM   401 C  "C2'" . DT A 1 20 ? 24.793  12.561  -8.054  1.00 126.51 ? 26  DT B "C2'" 1 
ATOM   402 C  "C1'" . DT A 1 20 ? 23.485  12.694  -7.274  1.00 118.92 ? 26  DT B "C1'" 1 
ATOM   403 N  N1    . DT A 1 20 ? 23.584  12.191  -5.873  1.00 111.42 ? 26  DT B N1    1 
ATOM   404 C  C2    . DT A 1 20 ? 22.736  12.694  -4.913  1.00 110.48 ? 26  DT B C2    1 
ATOM   405 O  O2    . DT A 1 20 ? 21.899  13.550  -5.141  1.00 113.40 ? 26  DT B O2    1 
ATOM   406 N  N3    . DT A 1 20 ? 22.904  12.157  -3.662  1.00 104.93 ? 26  DT B N3    1 
ATOM   407 C  C4    . DT A 1 20 ? 23.814  11.187  -3.283  1.00 103.31 ? 26  DT B C4    1 
ATOM   408 O  O4    . DT A 1 20 ? 23.888  10.769  -2.130  1.00 104.45 ? 26  DT B O4    1 
ATOM   409 C  C5    . DT A 1 20 ? 24.671  10.700  -4.339  1.00 103.57 ? 26  DT B C5    1 
ATOM   410 C  C7    . DT A 1 20 ? 25.698  9.647   -4.050  1.00 100.78 ? 26  DT B C7    1 
ATOM   411 C  C6    . DT A 1 20 ? 24.515  11.218  -5.569  1.00 107.97 ? 26  DT B C6    1 
ATOM   412 P  P     . DC A 1 21 ? 25.159  14.307  -10.679 1.00 144.78 ? 27  DC B P     1 
ATOM   413 O  OP1   . DC A 1 21 ? 24.785  14.869  -11.997 1.00 146.99 ? 27  DC B OP1   1 
ATOM   414 O  OP2   . DC A 1 21 ? 26.471  13.642  -10.513 1.00 138.95 ? 27  DC B OP2   1 
ATOM   415 O  "O5'" . DC A 1 21 ? 25.035  15.461  -9.582  1.00 140.20 ? 27  DC B "O5'" 1 
ATOM   416 C  "C5'" . DC A 1 21 ? 23.814  16.185  -9.454  1.00 135.41 ? 27  DC B "C5'" 1 
ATOM   417 C  "C4'" . DC A 1 21 ? 23.964  17.314  -8.453  1.00 135.57 ? 27  DC B "C4'" 1 
ATOM   418 O  "O4'" . DC A 1 21 ? 23.622  16.835  -7.134  1.00 125.69 ? 27  DC B "O4'" 1 
ATOM   419 C  "C3'" . DC A 1 21 ? 25.374  17.857  -8.324  1.00 137.65 ? 27  DC B "C3'" 1 
ATOM   420 O  "O3'" . DC A 1 21 ? 25.593  18.879  -9.289  1.00 162.03 ? 27  DC B "O3'" 1 
ATOM   421 C  "C2'" . DC A 1 21 ? 25.388  18.415  -6.902  1.00 131.85 ? 27  DC B "C2'" 1 
ATOM   422 C  "C1'" . DC A 1 21 ? 24.401  17.504  -6.161  1.00 121.39 ? 27  DC B "C1'" 1 
ATOM   423 N  N1    . DC A 1 21 ? 25.054  16.474  -5.282  1.00 118.45 ? 27  DC B N1    1 
ATOM   424 C  C2    . DC A 1 21 ? 24.613  16.317  -3.963  1.00 113.97 ? 27  DC B C2    1 
ATOM   425 O  O2    . DC A 1 21 ? 23.697  17.033  -3.546  1.00 111.06 ? 27  DC B O2    1 
ATOM   426 N  N3    . DC A 1 21 ? 25.205  15.381  -3.180  1.00 109.55 ? 27  DC B N3    1 
ATOM   427 C  C4    . DC A 1 21 ? 26.192  14.628  -3.669  1.00 108.34 ? 27  DC B C4    1 
ATOM   428 N  N4    . DC A 1 21 ? 26.744  13.720  -2.858  1.00 103.14 ? 27  DC B N4    1 
ATOM   429 C  C5    . DC A 1 21 ? 26.654  14.771  -5.011  1.00 113.63 ? 27  DC B C5    1 
ATOM   430 C  C6    . DC A 1 21 ? 26.062  15.696  -5.774  1.00 118.66 ? 27  DC B C6    1 
ATOM   431 O  "O5'" . DT B 2 1  ? 33.882  10.702  5.130   1.00 143.51 ? 28  DT C "O5'" 1 
ATOM   432 C  "C5'" . DT B 2 1  ? 33.749  10.990  6.517   1.00 145.27 ? 28  DT C "C5'" 1 
ATOM   433 C  "C4'" . DT B 2 1  ? 32.950  12.262  6.723   1.00 149.24 ? 28  DT C "C4'" 1 
ATOM   434 O  "O4'" . DT B 2 1  ? 33.298  13.207  5.699   1.00 142.57 ? 28  DT C "O4'" 1 
ATOM   435 C  "C3'" . DT B 2 1  ? 31.446  12.097  6.603   1.00 151.81 ? 28  DT C "C3'" 1 
ATOM   436 O  "O3'" . DT B 2 1  ? 30.895  11.818  7.883   1.00 159.32 ? 28  DT C "O3'" 1 
ATOM   437 C  "C2'" . DT B 2 1  ? 30.969  13.457  6.073   1.00 144.65 ? 28  DT C "C2'" 1 
ATOM   438 C  "C1'" . DT B 2 1  ? 32.235  14.113  5.521   1.00 138.72 ? 28  DT C "C1'" 1 
ATOM   439 N  N1    . DT B 2 1  ? 32.156  14.465  4.074   1.00 132.98 ? 28  DT C N1    1 
ATOM   440 C  C2    . DT B 2 1  ? 31.535  15.633  3.696   1.00 129.92 ? 28  DT C C2    1 
ATOM   441 O  O2    . DT B 2 1  ? 31.025  16.405  4.487   1.00 137.75 ? 28  DT C O2    1 
ATOM   442 N  N3    . DT B 2 1  ? 31.528  15.867  2.346   1.00 125.19 ? 28  DT C N3    1 
ATOM   443 C  C4    . DT B 2 1  ? 32.069  15.064  1.358   1.00 125.43 ? 28  DT C C4    1 
ATOM   444 O  O4    . DT B 2 1  ? 32.015  15.360  0.169   1.00 121.17 ? 28  DT C O4    1 
ATOM   445 C  C5    . DT B 2 1  ? 32.712  13.858  1.824   1.00 129.72 ? 28  DT C C5    1 
ATOM   446 C  C7    . DT B 2 1  ? 33.340  12.910  0.844   1.00 128.91 ? 28  DT C C7    1 
ATOM   447 C  C6    . DT B 2 1  ? 32.724  13.619  3.143   1.00 130.14 ? 28  DT C C6    1 
ATOM   448 P  P     . DC B 2 2  ? 29.407  11.225  8.018   1.00 174.06 ? 29  DC C P     1 
ATOM   449 O  OP1   . DC B 2 2  ? 29.250  10.735  9.405   1.00 201.42 ? 29  DC C OP1   1 
ATOM   450 O  OP2   . DC B 2 2  ? 29.183  10.307  6.879   1.00 175.90 ? 29  DC C OP2   1 
ATOM   451 O  "O5'" . DC B 2 2  ? 28.464  12.502  7.819   1.00 165.89 ? 29  DC C "O5'" 1 
ATOM   452 C  "C5'" . DC B 2 2  ? 28.639  13.649  8.640   1.00 161.06 ? 29  DC C "C5'" 1 
ATOM   453 C  "C4'" . DC B 2 2  ? 27.704  14.763  8.212   1.00 154.16 ? 29  DC C "C4'" 1 
ATOM   454 O  "O4'" . DC B 2 2  ? 28.122  15.294  6.922   1.00 145.14 ? 29  DC C "O4'" 1 
ATOM   455 C  "C3'" . DC B 2 2  ? 26.244  14.342  8.054   1.00 153.25 ? 29  DC C "C3'" 1 
ATOM   456 O  "O3'" . DC B 2 2  ? 25.398  15.310  8.651   1.00 157.81 ? 29  DC C "O3'" 1 
ATOM   457 C  "C2'" . DC B 2 2  ? 26.059  14.282  6.541   1.00 149.28 ? 29  DC C "C2'" 1 
ATOM   458 C  "C1'" . DC B 2 2  ? 27.011  15.363  6.059   1.00 143.32 ? 29  DC C "C1'" 1 
ATOM   459 N  N1    . DC B 2 2  ? 27.484  15.142  4.655   1.00 133.99 ? 29  DC C N1    1 
ATOM   460 C  C2    . DC B 2 2  ? 27.200  16.088  3.660   1.00 125.91 ? 29  DC C C2    1 
ATOM   461 O  O2    . DC B 2 2  ? 26.566  17.107  3.958   1.00 129.63 ? 29  DC C O2    1 
ATOM   462 N  N3    . DC B 2 2  ? 27.637  15.859  2.395   1.00 121.36 ? 29  DC C N3    1 
ATOM   463 C  C4    . DC B 2 2  ? 28.319  14.747  2.114   1.00 121.54 ? 29  DC C C4    1 
ATOM   464 N  N4    . DC B 2 2  ? 28.728  14.564  0.855   1.00 119.07 ? 29  DC C N4    1 
ATOM   465 C  C5    . DC B 2 2  ? 28.611  13.773  3.113   1.00 125.86 ? 29  DC C C5    1 
ATOM   466 C  C6    . DC B 2 2  ? 28.174  14.008  4.353   1.00 133.07 ? 29  DC C C6    1 
ATOM   467 P  P     . DG B 2 3  ? 23.841  15.002  8.901   1.00 161.92 ? 30  DG C P     1 
ATOM   468 O  OP1   . DG B 2 3  ? 23.627  14.966  10.364  1.00 170.36 ? 30  DG C OP1   1 
ATOM   469 O  OP2   . DG B 2 3  ? 23.427  13.847  8.072   1.00 151.35 ? 30  DG C OP2   1 
ATOM   470 O  "O5'" . DG B 2 3  ? 23.123  16.299  8.311   1.00 162.59 ? 30  DG C "O5'" 1 
ATOM   471 C  "C5'" . DG B 2 3  ? 23.857  17.184  7.471   1.00 156.04 ? 30  DG C "C5'" 1 
ATOM   472 C  "C4'" . DG B 2 3  ? 22.951  17.800  6.428   1.00 147.70 ? 30  DG C "C4'" 1 
ATOM   473 O  "O4'" . DG B 2 3  ? 23.491  17.542  5.104   1.00 134.99 ? 30  DG C "O4'" 1 
ATOM   474 C  "C3'" . DG B 2 3  ? 21.532  17.250  6.419   1.00 145.19 ? 30  DG C "C3'" 1 
ATOM   475 O  "O3'" . DG B 2 3  ? 20.613  18.279  6.097   1.00 148.69 ? 30  DG C "O3'" 1 
ATOM   476 C  "C2'" . DG B 2 3  ? 21.588  16.175  5.339   1.00 134.92 ? 30  DG C "C2'" 1 
ATOM   477 C  "C1'" . DG B 2 3  ? 22.584  16.764  4.348   1.00 127.09 ? 30  DG C "C1'" 1 
ATOM   478 N  N9    . DG B 2 3  ? 23.347  15.745  3.627   1.00 118.23 ? 30  DG C N9    1 
ATOM   479 C  C8    . DG B 2 3  ? 23.901  14.605  4.154   1.00 119.42 ? 30  DG C C8    1 
ATOM   480 N  N7    . DG B 2 3  ? 24.535  13.877  3.279   1.00 110.73 ? 30  DG C N7    1 
ATOM   481 C  C5    . DG B 2 3  ? 24.391  14.574  2.089   1.00 109.83 ? 30  DG C C5    1 
ATOM   482 C  C6    . DG B 2 3  ? 24.865  14.268  0.791   1.00 108.11 ? 30  DG C C6    1 
ATOM   483 O  O6    . DG B 2 3  ? 25.532  13.286  0.428   1.00 108.70 ? 30  DG C O6    1 
ATOM   484 N  N1    . DG B 2 3  ? 24.498  15.241  -0.133  1.00 104.68 ? 30  DG C N1    1 
ATOM   485 C  C2    . DG B 2 3  ? 23.763  16.367  0.159   1.00 106.95 ? 30  DG C C2    1 
ATOM   486 N  N2    . DG B 2 3  ? 23.507  17.188  -0.870  1.00 106.56 ? 30  DG C N2    1 
ATOM   487 N  N3    . DG B 2 3  ? 23.310  16.668  1.372   1.00 111.28 ? 30  DG C N3    1 
ATOM   488 C  C4    . DG B 2 3  ? 23.660  15.730  2.284   1.00 112.20 ? 30  DG C C4    1 
ATOM   489 P  P     . DA B 2 4  ? 19.057  18.122  6.467   1.00 153.86 ? 31  DA C P     1 
ATOM   490 O  OP1   . DA B 2 4  ? 18.719  19.158  7.468   1.00 174.95 ? 31  DA C OP1   1 
ATOM   491 O  OP2   . DA B 2 4  ? 18.803  16.697  6.772   1.00 163.48 ? 31  DA C OP2   1 
ATOM   492 O  "O5'" . DA B 2 4  ? 18.320  18.468  5.094   1.00 149.18 ? 31  DA C "O5'" 1 
ATOM   493 C  "C5'" . DA B 2 4  ? 18.845  19.488  4.259   1.00 145.06 ? 31  DA C "C5'" 1 
ATOM   494 C  "C4'" . DA B 2 4  ? 18.586  19.173  2.799   1.00 142.40 ? 31  DA C "C4'" 1 
ATOM   495 O  "O4'" . DA B 2 4  ? 19.555  18.202  2.319   1.00 130.80 ? 31  DA C "O4'" 1 
ATOM   496 C  "C3'" . DA B 2 4  ? 17.207  18.579  2.499   1.00 130.48 ? 31  DA C "C3'" 1 
ATOM   497 O  "O3'" . DA B 2 4  ? 16.628  19.266  1.397   1.00 127.88 ? 31  DA C "O3'" 1 
ATOM   498 C  "C2'" . DA B 2 4  ? 17.518  17.117  2.157   1.00 120.01 ? 31  DA C "C2'" 1 
ATOM   499 C  "C1'" . DA B 2 4  ? 18.886  17.255  1.522   1.00 119.20 ? 31  DA C "C1'" 1 
ATOM   500 N  N9    . DA B 2 4  ? 19.668  16.018  1.501   1.00 110.01 ? 31  DA C N9    1 
ATOM   501 C  C8    . DA B 2 4  ? 20.000  15.227  2.566   1.00 111.68 ? 31  DA C C8    1 
ATOM   502 N  N7    . DA B 2 4  ? 20.727  14.182  2.246   1.00 105.76 ? 31  DA C N7    1 
ATOM   503 C  C5    . DA B 2 4  ? 20.884  14.294  0.875   1.00 101.73 ? 31  DA C C5    1 
ATOM   504 C  C6    . DA B 2 4  ? 21.558  13.495  -0.073  1.00 97.99  ? 31  DA C C6    1 
ATOM   505 N  N6    . DA B 2 4  ? 22.221  12.377  0.243   1.00 97.05  ? 31  DA C N6    1 
ATOM   506 N  N1    . DA B 2 4  ? 21.519  13.891  -1.364  1.00 95.13  ? 31  DA C N1    1 
ATOM   507 C  C2    . DA B 2 4  ? 20.854  15.011  -1.677  1.00 94.83  ? 31  DA C C2    1 
ATOM   508 N  N3    . DA B 2 4  ? 20.186  15.841  -0.876  1.00 95.70  ? 31  DA C N3    1 
ATOM   509 C  C4    . DA B 2 4  ? 20.241  15.422  0.399   1.00 102.22 ? 31  DA C C4    1 
ATOM   510 P  P     . DG B 2 5  ? 15.094  19.023  0.982   1.00 134.47 ? 32  DG C P     1 
ATOM   511 O  OP1   . DG B 2 5  ? 14.363  20.289  1.212   1.00 137.77 ? 32  DG C OP1   1 
ATOM   512 O  OP2   . DG B 2 5  ? 14.612  17.773  1.612   1.00 134.03 ? 32  DG C OP2   1 
ATOM   513 O  "O5'" . DG B 2 5  ? 15.182  18.777  -0.591  1.00 126.85 ? 32  DG C "O5'" 1 
ATOM   514 C  "C5'" . DG B 2 5  ? 16.449  18.574  -1.188  1.00 122.29 ? 32  DG C "C5'" 1 
ATOM   515 C  "C4'" . DG B 2 5  ? 16.305  17.929  -2.548  1.00 112.35 ? 32  DG C "C4'" 1 
ATOM   516 O  "O4'" . DG B 2 5  ? 17.216  16.805  -2.645  1.00 102.96 ? 32  DG C "O4'" 1 
ATOM   517 C  "C3'" . DG B 2 5  ? 14.922  17.377  -2.859  1.00 114.09 ? 32  DG C "C3'" 1 
ATOM   518 O  "O3'" . DG B 2 5  ? 14.676  17.500  -4.254  1.00 121.66 ? 32  DG C "O3'" 1 
ATOM   519 C  "C2'" . DG B 2 5  ? 15.044  15.921  -2.423  1.00 106.59 ? 32  DG C "C2'" 1 
ATOM   520 C  "C1'" . DG B 2 5  ? 16.491  15.602  -2.780  1.00 92.04  ? 32  DG C "C1'" 1 
ATOM   521 N  N9    . DG B 2 5  ? 17.097  14.599  -1.906  1.00 84.79  ? 32  DG C N9    1 
ATOM   522 C  C8    . DG B 2 5  ? 17.002  14.525  -0.535  1.00 93.53  ? 32  DG C C8    1 
ATOM   523 N  N7    . DG B 2 5  ? 17.653  13.515  -0.024  1.00 89.61  ? 32  DG C N7    1 
ATOM   524 C  C5    . DG B 2 5  ? 18.213  12.879  -1.122  1.00 85.63  ? 32  DG C C5    1 
ATOM   525 C  C6    . DG B 2 5  ? 19.028  11.721  -1.190  1.00 86.79  ? 32  DG C C6    1 
ATOM   526 O  O6    . DG B 2 5  ? 19.427  11.009  -0.255  1.00 87.48  ? 32  DG C O6    1 
ATOM   527 N  N1    . DG B 2 5  ? 19.382  11.415  -2.500  1.00 88.33  ? 32  DG C N1    1 
ATOM   528 C  C2    . DG B 2 5  ? 18.997  12.135  -3.608  1.00 86.02  ? 32  DG C C2    1 
ATOM   529 N  N2    . DG B 2 5  ? 19.437  11.684  -4.790  1.00 86.98  ? 32  DG C N2    1 
ATOM   530 N  N3    . DG B 2 5  ? 18.234  13.222  -3.560  1.00 84.84  ? 32  DG C N3    1 
ATOM   531 C  C4    . DG B 2 5  ? 17.881  13.533  -2.291  1.00 83.39  ? 32  DG C C4    1 
ATOM   532 P  P     . DT B 2 6  ? 13.235  17.168  -4.889  1.00 125.46 ? 33  DT C P     1 
ATOM   533 O  OP1   . DT B 2 6  ? 12.698  18.441  -5.424  1.00 140.21 ? 33  DT C OP1   1 
ATOM   534 O  OP2   . DT B 2 6  ? 12.422  16.392  -3.923  1.00 108.08 ? 33  DT C OP2   1 
ATOM   535 O  "O5'" . DT B 2 6  ? 13.612  16.206  -6.108  1.00 103.34 ? 33  DT C "O5'" 1 
ATOM   536 C  "C5'" . DT B 2 6  ? 14.787  15.413  -6.014  1.00 93.28  ? 33  DT C "C5'" 1 
ATOM   537 C  "C4'" . DT B 2 6  ? 14.986  14.552  -7.244  1.00 89.64  ? 33  DT C "C4'" 1 
ATOM   538 O  "O4'" . DT B 2 6  ? 15.824  13.426  -6.890  1.00 85.39  ? 33  DT C "O4'" 1 
ATOM   539 C  "C3'" . DT B 2 6  ? 13.724  13.921  -7.802  1.00 91.05  ? 33  DT C "C3'" 1 
ATOM   540 O  "O3'" . DT B 2 6  ? 13.937  13.533  -9.152  1.00 98.81  ? 33  DT C "O3'" 1 
ATOM   541 C  "C2'" . DT B 2 6  ? 13.575  12.706  -6.905  1.00 81.99  ? 33  DT C "C2'" 1 
ATOM   542 C  "C1'" . DT B 2 6  ? 15.026  12.261  -6.763  1.00 82.09  ? 33  DT C "C1'" 1 
ATOM   543 N  N1    . DT B 2 6  ? 15.315  11.644  -5.452  1.00 73.22  ? 33  DT C N1    1 
ATOM   544 C  C2    . DT B 2 6  ? 16.079  10.503  -5.399  1.00 73.53  ? 33  DT C C2    1 
ATOM   545 O  O2    . DT B 2 6  ? 16.544  9.968   -6.386  1.00 77.50  ? 33  DT C O2    1 
ATOM   546 N  N3    . DT B 2 6  ? 16.284  10.010  -4.138  1.00 74.02  ? 33  DT C N3    1 
ATOM   547 C  C4    . DT B 2 6  ? 15.805  10.535  -2.953  1.00 79.97  ? 33  DT C C4    1 
ATOM   548 O  O4    . DT B 2 6  ? 16.040  10.023  -1.865  1.00 81.32  ? 33  DT C O4    1 
ATOM   549 C  C5    . DT B 2 6  ? 15.008  11.733  -3.084  1.00 71.25  ? 33  DT C C5    1 
ATOM   550 C  C7    . DT B 2 6  ? 14.435  12.392  -1.865  1.00 74.18  ? 33  DT C C7    1 
ATOM   551 C  C6    . DT B 2 6  ? 14.803  12.223  -4.313  1.00 74.32  ? 33  DT C C6    1 
ATOM   552 P  P     . DC B 2 7  ? 12.782  12.763  -9.962  1.00 94.64  ? 34  DC C P     1 
ATOM   553 O  OP1   . DC B 2 7  ? 13.021  12.986  -11.406 1.00 90.77  ? 34  DC C OP1   1 
ATOM   554 O  OP2   . DC B 2 7  ? 11.484  13.153  -9.362  1.00 102.38 ? 34  DC C OP2   1 
ATOM   555 O  "O5'" . DC B 2 7  ? 13.053  11.213  -9.653  1.00 87.33  ? 34  DC C "O5'" 1 
ATOM   556 C  "C5'" . DC B 2 7  ? 14.211  10.577  -10.190 1.00 77.97  ? 34  DC C "C5'" 1 
ATOM   557 C  "C4'" . DC B 2 7  ? 14.230  9.091   -9.864  1.00 79.57  ? 34  DC C "C4'" 1 
ATOM   558 O  "O4'" . DC B 2 7  ? 14.547  8.906   -8.478  1.00 79.74  ? 34  DC C "O4'" 1 
ATOM   559 C  "C3'" . DC B 2 7  ? 12.914  8.360   -10.092 1.00 82.70  ? 34  DC C "C3'" 1 
ATOM   560 O  "O3'" . DC B 2 7  ? 12.971  7.684   -11.359 1.00 86.68  ? 34  DC C "O3'" 1 
ATOM   561 C  "C2'" . DC B 2 7  ? 12.786  7.392   -8.890  1.00 73.64  ? 34  DC C "C2'" 1 
ATOM   562 C  "C1'" . DC B 2 7  ? 14.019  7.684   -8.030  1.00 69.82  ? 34  DC C "C1'" 1 
ATOM   563 N  N1    . DC B 2 7  ? 13.737  7.840   -6.564  1.00 63.55  ? 34  DC C N1    1 
ATOM   564 C  C2    . DC B 2 7  ? 14.318  6.958   -5.639  1.00 67.30  ? 34  DC C C2    1 
ATOM   565 O  O2    . DC B 2 7  ? 15.030  6.030   -6.048  1.00 78.01  ? 34  DC C O2    1 
ATOM   566 N  N3    . DC B 2 7  ? 14.069  7.139   -4.317  1.00 68.97  ? 34  DC C N3    1 
ATOM   567 C  C4    . DC B 2 7  ? 13.297  8.151   -3.915  1.00 72.57  ? 34  DC C C4    1 
ATOM   568 N  N4    . DC B 2 7  ? 13.079  8.289   -2.606  1.00 75.57  ? 34  DC C N4    1 
ATOM   569 C  C5    . DC B 2 7  ? 12.712  9.066   -4.838  1.00 67.08  ? 34  DC C C5    1 
ATOM   570 C  C6    . DC B 2 7  ? 12.962  8.880   -6.137  1.00 67.65  ? 34  DC C C6    1 
ATOM   571 P  P     . DA B 2 8  ? 12.097  6.369   -11.657 1.00 77.37  ? 35  DA C P     1 
ATOM   572 O  OP1   . DA B 2 8  ? 12.100  6.158   -13.121 1.00 78.74  ? 35  DA C OP1   1 
ATOM   573 O  OP2   . DA B 2 8  ? 10.797  6.457   -10.954 1.00 84.75  ? 35  DA C OP2   1 
ATOM   574 O  "O5'" . DA B 2 8  ? 12.953  5.201   -10.994 1.00 68.38  ? 35  DA C "O5'" 1 
ATOM   575 C  "C5'" . DA B 2 8  ? 12.777  3.881   -11.431 1.00 79.58  ? 35  DA C "C5'" 1 
ATOM   576 C  "C4'" . DA B 2 8  ? 12.465  2.959   -10.270 1.00 85.90  ? 35  DA C "C4'" 1 
ATOM   577 O  "O4'" . DA B 2 8  ? 12.809  3.586   -9.020  1.00 81.21  ? 35  DA C "O4'" 1 
ATOM   578 C  "C3'" . DA B 2 8  ? 11.006  2.623   -10.088 1.00 87.95  ? 35  DA C "C3'" 1 
ATOM   579 O  "O3'" . DA B 2 8  ? 10.606  1.656   -11.037 1.00 91.90  ? 35  DA C "O3'" 1 
ATOM   580 C  "C2'" . DA B 2 8  ? 11.022  2.059   -8.671  1.00 80.52  ? 35  DA C "C2'" 1 
ATOM   581 C  "C1'" . DA B 2 8  ? 12.090  2.937   -7.989  1.00 71.22  ? 35  DA C "C1'" 1 
ATOM   582 N  N9    . DA B 2 8  ? 11.529  3.952   -7.109  1.00 65.18  ? 35  DA C N9    1 
ATOM   583 C  C8    . DA B 2 8  ? 10.804  5.055   -7.473  1.00 69.59  ? 35  DA C C8    1 
ATOM   584 N  N7    . DA B 2 8  ? 10.423  5.796   -6.459  1.00 64.82  ? 35  DA C N7    1 
ATOM   585 C  C5    . DA B 2 8  ? 10.933  5.131   -5.355  1.00 63.43  ? 35  DA C C5    1 
ATOM   586 C  C6    . DA B 2 8  ? 10.876  5.404   -3.976  1.00 64.04  ? 35  DA C C6    1 
ATOM   587 N  N6    . DA B 2 8  ? 10.250  6.468   -3.463  1.00 67.57  ? 35  DA C N6    1 
ATOM   588 N  N1    . DA B 2 8  ? 11.490  4.539   -3.142  1.00 64.76  ? 35  DA C N1    1 
ATOM   589 C  C2    . DA B 2 8  ? 12.120  3.476   -3.662  1.00 69.97  ? 35  DA C C2    1 
ATOM   590 N  N3    . DA B 2 8  ? 12.237  3.114   -4.939  1.00 69.87  ? 35  DA C N3    1 
ATOM   591 C  C4    . DA B 2 8  ? 11.617  3.994   -5.741  1.00 66.39  ? 35  DA C C4    1 
ATOM   592 P  P     . DG C 3 1  ? -15.024 -0.150  8.441   1.00 94.18  ? 36  DG D P     1 
ATOM   593 O  OP1   . DG C 3 1  ? -14.602 -1.518  8.820   1.00 86.56  ? 36  DG D OP1   1 
ATOM   594 O  OP2   . DG C 3 1  ? -15.099 0.917   9.464   1.00 93.85  ? 36  DG D OP2   1 
ATOM   595 O  "O5'" . DG C 3 1  ? -14.076 0.371   7.269   1.00 86.45  ? 36  DG D "O5'" 1 
ATOM   596 C  "C5'" . DG C 3 1  ? -13.896 1.759   7.067   1.00 82.93  ? 36  DG D "C5'" 1 
ATOM   597 C  "C4'" . DG C 3 1  ? -13.384 2.010   5.670   1.00 74.92  ? 36  DG D "C4'" 1 
ATOM   598 O  "O4'" . DG C 3 1  ? -12.017 1.568   5.584   1.00 72.97  ? 36  DG D "O4'" 1 
ATOM   599 C  "C3'" . DG C 3 1  ? -14.131 1.232   4.604   1.00 82.76  ? 36  DG D "C3'" 1 
ATOM   600 O  "O3'" . DG C 3 1  ? -15.204 2.021   4.112   1.00 85.85  ? 36  DG D "O3'" 1 
ATOM   601 C  "C2'" . DG C 3 1  ? -13.072 0.977   3.529   1.00 81.58  ? 36  DG D "C2'" 1 
ATOM   602 C  "C1'" . DG C 3 1  ? -11.752 1.045   4.302   1.00 73.49  ? 36  DG D "C1'" 1 
ATOM   603 N  N9    . DG C 3 1  ? -11.072 -0.236  4.461   1.00 72.26  ? 36  DG D N9    1 
ATOM   604 C  C8    . DG C 3 1  ? -10.816 -0.897  5.642   1.00 81.60  ? 36  DG D C8    1 
ATOM   605 N  N7    . DG C 3 1  ? -10.165 -2.015  5.480   1.00 80.02  ? 36  DG D N7    1 
ATOM   606 C  C5    . DG C 3 1  ? -9.972  -2.097  4.107   1.00 76.06  ? 36  DG D C5    1 
ATOM   607 C  C6    . DG C 3 1  ? -9.326  -3.090  3.339   1.00 83.17  ? 36  DG D C6    1 
ATOM   608 O  O6    . DG C 3 1  ? -8.780  -4.131  3.729   1.00 87.78  ? 36  DG D O6    1 
ATOM   609 N  N1    . DG C 3 1  ? -9.352  -2.785  1.980   1.00 81.79  ? 36  DG D N1    1 
ATOM   610 C  C2    . DG C 3 1  ? -9.930  -1.662  1.436   1.00 83.00  ? 36  DG D C2    1 
ATOM   611 N  N2    . DG C 3 1  ? -9.853  -1.541  0.100   1.00 85.55  ? 36  DG D N2    1 
ATOM   612 N  N3    . DG C 3 1  ? -10.537 -0.722  2.148   1.00 79.70  ? 36  DG D N3    1 
ATOM   613 C  C4    . DG C 3 1  ? -10.520 -1.006  3.474   1.00 73.82  ? 36  DG D C4    1 
ATOM   614 P  P     . DT C 3 2  ? -16.601 1.330   3.727   1.00 92.32  ? 37  DT D P     1 
ATOM   615 O  OP1   . DT C 3 2  ? -17.668 2.357   3.791   1.00 82.97  ? 37  DT D OP1   1 
ATOM   616 O  OP2   . DT C 3 2  ? -16.720 0.105   4.548   1.00 78.00  ? 37  DT D OP2   1 
ATOM   617 O  "O5'" . DT C 3 2  ? -16.405 0.912   2.195   1.00 81.71  ? 37  DT D "O5'" 1 
ATOM   618 C  "C5'" . DT C 3 2  ? -15.885 1.850   1.266   1.00 81.16  ? 37  DT D "C5'" 1 
ATOM   619 C  "C4'" . DT C 3 2  ? -15.441 1.156   -0.007  1.00 85.42  ? 37  DT D "C4'" 1 
ATOM   620 O  "O4'" . DT C 3 2  ? -14.358 0.237   0.293   1.00 81.66  ? 37  DT D "O4'" 1 
ATOM   621 C  "C3'" . DT C 3 2  ? -16.520 0.328   -0.701  1.00 95.06  ? 37  DT D "C3'" 1 
ATOM   622 O  "O3'" . DT C 3 2  ? -16.369 0.436   -2.122  1.00 104.62 ? 37  DT D "O3'" 1 
ATOM   623 C  "C2'" . DT C 3 2  ? -16.227 -1.084  -0.199  1.00 94.65  ? 37  DT D "C2'" 1 
ATOM   624 C  "C1'" . DT C 3 2  ? -14.706 -1.061  -0.130  1.00 81.52  ? 37  DT D "C1'" 1 
ATOM   625 N  N1    . DT C 3 2  ? -14.132 -2.038  0.833   1.00 72.99  ? 37  DT D N1    1 
ATOM   626 C  C2    . DT C 3 2  ? -13.266 -2.998  0.371   1.00 84.15  ? 37  DT D C2    1 
ATOM   627 O  O2    . DT C 3 2  ? -12.938 -3.091  -0.796  1.00 93.20  ? 37  DT D O2    1 
ATOM   628 N  N3    . DT C 3 2  ? -12.792 -3.851  1.328   1.00 82.74  ? 37  DT D N3    1 
ATOM   629 C  C4    . DT C 3 2  ? -13.095 -3.838  2.676   1.00 81.30  ? 37  DT D C4    1 
ATOM   630 O  O4    . DT C 3 2  ? -12.619 -4.647  3.461   1.00 81.61  ? 37  DT D O4    1 
ATOM   631 C  C5    . DT C 3 2  ? -14.013 -2.804  3.096   1.00 80.77  ? 37  DT D C5    1 
ATOM   632 C  C7    . DT C 3 2  ? -14.417 -2.690  4.537   1.00 81.07  ? 37  DT D C7    1 
ATOM   633 C  C6    . DT C 3 2  ? -14.481 -1.963  2.164   1.00 74.68  ? 37  DT D C6    1 
ATOM   634 P  P     . DG C 3 3  ? -17.541 -0.042  -3.116  1.00 111.97 ? 38  DG D P     1 
ATOM   635 O  OP1   . DG C 3 3  ? -17.896 1.103   -3.985  1.00 116.69 ? 38  DG D OP1   1 
ATOM   636 O  OP2   . DG C 3 3  ? -18.590 -0.702  -2.304  1.00 106.12 ? 38  DG D OP2   1 
ATOM   637 O  "O5'" . DG C 3 3  ? -16.837 -1.153  -4.029  1.00 101.97 ? 38  DG D "O5'" 1 
ATOM   638 C  "C5'" . DG C 3 3  ? -15.929 -2.074  -3.440  1.00 96.55  ? 38  DG D "C5'" 1 
ATOM   639 C  "C4'" . DG C 3 3  ? -15.283 -2.957  -4.484  1.00 100.85 ? 38  DG D "C4'" 1 
ATOM   640 O  "O4'" . DG C 3 3  ? -14.406 -3.906  -3.836  1.00 96.29  ? 38  DG D "O4'" 1 
ATOM   641 C  "C3'" . DG C 3 3  ? -16.250 -3.791  -5.295  1.00 110.55 ? 38  DG D "C3'" 1 
ATOM   642 O  "O3'" . DG C 3 3  ? -15.712 -4.020  -6.597  1.00 120.62 ? 38  DG D "O3'" 1 
ATOM   643 C  "C2'" . DG C 3 3  ? -16.372 -5.082  -4.474  1.00 108.12 ? 38  DG D "C2'" 1 
ATOM   644 C  "C1'" . DG C 3 3  ? -15.052 -5.157  -3.700  1.00 100.98 ? 38  DG D "C1'" 1 
ATOM   645 N  N9    . DG C 3 3  ? -15.238 -5.430  -2.272  1.00 96.28  ? 38  DG D N9    1 
ATOM   646 C  C8    . DG C 3 3  ? -16.056 -4.750  -1.400  1.00 97.70  ? 38  DG D C8    1 
ATOM   647 N  N7    . DG C 3 3  ? -16.023 -5.215  -0.182  1.00 95.85  ? 38  DG D N7    1 
ATOM   648 C  C5    . DG C 3 3  ? -15.126 -6.272  -0.244  1.00 94.02  ? 38  DG D C5    1 
ATOM   649 C  C6    . DG C 3 3  ? -14.687 -7.156  0.774   1.00 91.86  ? 38  DG D C6    1 
ATOM   650 O  O6    . DG C 3 3  ? -15.020 -7.174  1.971   1.00 94.89  ? 38  DG D O6    1 
ATOM   651 N  N1    . DG C 3 3  ? -13.774 -8.086  0.291   1.00 91.32  ? 38  DG D N1    1 
ATOM   652 C  C2    . DG C 3 3  ? -13.343 -8.162  -1.011  1.00 96.38  ? 38  DG D C2    1 
ATOM   653 N  N2    . DG C 3 3  ? -12.455 -9.127  -1.284  1.00 95.15  ? 38  DG D N2    1 
ATOM   654 N  N3    . DG C 3 3  ? -13.740 -7.337  -1.978  1.00 94.35  ? 38  DG D N3    1 
ATOM   655 C  C4    . DG C 3 3  ? -14.630 -6.422  -1.524  1.00 95.83  ? 38  DG D C4    1 
ATOM   656 P  P     . DT C 3 4  ? -16.328 -5.154  -7.555  1.00 130.31 ? 39  DT D P     1 
ATOM   657 O  OP1   . DT C 3 4  ? -15.989 -4.779  -8.946  1.00 128.45 ? 39  DT D OP1   1 
ATOM   658 O  OP2   . DT C 3 4  ? -17.748 -5.378  -7.199  1.00 128.40 ? 39  DT D OP2   1 
ATOM   659 O  "O5'" . DT C 3 4  ? -15.495 -6.460  -7.162  1.00 108.33 ? 39  DT D "O5'" 1 
ATOM   660 C  "C5'" . DT C 3 4  ? -15.828 -7.709  -7.725  1.00 118.20 ? 39  DT D "C5'" 1 
ATOM   661 C  "C4'" . DT C 3 4  ? -15.065 -8.819  -7.034  1.00 122.78 ? 39  DT D "C4'" 1 
ATOM   662 O  "O4'" . DT C 3 4  ? -15.121 -8.629  -5.600  1.00 116.35 ? 39  DT D "O4'" 1 
ATOM   663 C  "C3'" . DT C 3 4  ? -15.606 -10.222 -7.300  1.00 139.73 ? 39  DT D "C3'" 1 
ATOM   664 O  "O3'" . DT C 3 4  ? -14.620 -11.003 -7.964  1.00 149.41 ? 39  DT D "O3'" 1 
ATOM   665 C  "C2'" . DT C 3 4  ? -15.940 -10.778 -5.907  1.00 132.62 ? 39  DT D "C2'" 1 
ATOM   666 C  "C1'" . DT C 3 4  ? -15.131 -9.886  -4.981  1.00 116.36 ? 39  DT D "C1'" 1 
ATOM   667 N  N1    . DT C 3 4  ? -15.717 -9.738  -3.605  1.00 109.68 ? 39  DT D N1    1 
ATOM   668 C  C2    . DT C 3 4  ? -15.206 -10.491 -2.571  1.00 110.95 ? 39  DT D C2    1 
ATOM   669 O  O2    . DT C 3 4  ? -14.299 -11.289 -2.713  1.00 113.83 ? 39  DT D O2    1 
ATOM   670 N  N3    . DT C 3 4  ? -15.801 -10.277 -1.355  1.00 104.59 ? 39  DT D N3    1 
ATOM   671 C  C4    . DT C 3 4  ? -16.833 -9.402  -1.072  1.00 100.60 ? 39  DT D C4    1 
ATOM   672 O  O4    . DT C 3 4  ? -17.301 -9.281  0.057   1.00 98.32  ? 39  DT D O4    1 
ATOM   673 C  C5    . DT C 3 4  ? -17.323 -8.639  -2.198  1.00 102.67 ? 39  DT D C5    1 
ATOM   674 C  C7    . DT C 3 4  ? -18.442 -7.657  -2.012  1.00 100.09 ? 39  DT D C7    1 
ATOM   675 C  C6    . DT C 3 4  ? -16.747 -8.842  -3.396  1.00 105.39 ? 39  DT D C6    1 
ATOM   676 P  P     . DC C 3 5  ? -14.982 -11.754 -9.338  1.00 159.84 ? 40  DC D P     1 
ATOM   677 O  OP1   . DC C 3 5  ? -13.815 -11.634 -10.241 1.00 195.81 ? 40  DC D OP1   1 
ATOM   678 O  OP2   . DC C 3 5  ? -16.312 -11.273 -9.775  1.00 161.59 ? 40  DC D OP2   1 
ATOM   679 O  "O5'" . DC C 3 5  ? -15.158 -13.283 -8.905  1.00 154.37 ? 40  DC D "O5'" 1 
ATOM   680 C  "C5'" . DC C 3 5  ? -16.312 -13.685 -8.180  1.00 157.42 ? 40  DC D "C5'" 1 
ATOM   681 C  "C4'" . DC C 3 5  ? -15.943 -14.663 -7.082  1.00 160.40 ? 40  DC D "C4'" 1 
ATOM   682 O  "O4'" . DC C 3 5  ? -15.653 -13.936 -5.863  1.00 145.81 ? 40  DC D "O4'" 1 
ATOM   683 C  "C3'" . DC C 3 5  ? -17.046 -15.624 -6.686  1.00 169.74 ? 40  DC D "C3'" 1 
ATOM   684 O  "O3'" . DC C 3 5  ? -17.097 -16.754 -7.590  1.00 176.90 ? 40  DC D "O3'" 1 
ATOM   685 C  "C2'" . DC C 3 5  ? -16.622 -16.018 -5.278  1.00 164.56 ? 40  DC D "C2'" 1 
ATOM   686 C  "C1'" . DC C 3 5  ? -16.022 -14.723 -4.740  1.00 144.19 ? 40  DC D "C1'" 1 
ATOM   687 N  N1    . DC C 3 5  ? -16.965 -13.941 -3.871  1.00 133.29 ? 40  DC D N1    1 
ATOM   688 C  C2    . DC C 3 5  ? -16.977 -14.163 -2.490  1.00 125.84 ? 40  DC D C2    1 
ATOM   689 O  O2    . DC C 3 5  ? -16.207 -15.003 -2.008  1.00 123.86 ? 40  DC D O2    1 
ATOM   690 N  N3    . DC C 3 5  ? -17.832 -13.449 -1.716  1.00 119.57 ? 40  DC D N3    1 
ATOM   691 C  C4    . DC C 3 5  ? -18.647 -12.552 -2.275  1.00 118.10 ? 40  DC D C4    1 
ATOM   692 N  N4    . DC C 3 5  ? -19.473 -11.872 -1.472  1.00 113.52 ? 40  DC D N4    1 
ATOM   693 C  C5    . DC C 3 5  ? -18.652 -12.314 -3.680  1.00 122.12 ? 40  DC D C5    1 
ATOM   694 C  C6    . DC C 3 5  ? -17.808 -13.027 -4.431  1.00 129.73 ? 40  DC D C6    1 
ATOM   695 P  P     . DG C 3 6  ? -16.145 -18.043 -7.409  1.00 185.34 ? 41  DG D P     1 
ATOM   696 O  OP1   . DG C 3 6  ? -14.763 -17.601 -7.114  1.00 225.38 ? 41  DG D OP1   1 
ATOM   697 O  OP2   . DG C 3 6  ? -16.376 -18.890 -8.600  1.00 212.54 ? 41  DG D OP2   1 
ATOM   698 O  "O5'" . DG C 3 6  ? -16.757 -18.831 -6.151  1.00 163.70 ? 41  DG D "O5'" 1 
ATOM   699 C  "C5'" . DG C 3 6  ? -15.934 -19.724 -5.392  1.00 159.71 ? 41  DG D "C5'" 1 
ATOM   700 C  "C4'" . DG C 3 6  ? -16.347 -19.740 -3.926  1.00 153.44 ? 41  DG D "C4'" 1 
ATOM   701 O  "O4'" . DG C 3 6  ? -16.899 -18.461 -3.569  1.00 150.04 ? 41  DG D "O4'" 1 
ATOM   702 C  "C3'" . DG C 3 6  ? -17.427 -20.759 -3.572  1.00 149.42 ? 41  DG D "C3'" 1 
ATOM   703 O  "O3'" . DG C 3 6  ? -16.845 -21.896 -2.952  1.00 156.53 ? 41  DG D "O3'" 1 
ATOM   704 C  "C2'" . DG C 3 6  ? -18.362 -20.024 -2.601  1.00 141.73 ? 41  DG D "C2'" 1 
ATOM   705 C  "C1'" . DG C 3 6  ? -17.772 -18.624 -2.484  1.00 139.86 ? 41  DG D "C1'" 1 
ATOM   706 N  N9    . DG C 3 6  ? -18.791 -17.579 -2.540  1.00 132.41 ? 41  DG D N9    1 
ATOM   707 C  C8    . DG C 3 6  ? -19.290 -16.963 -3.662  1.00 132.26 ? 41  DG D C8    1 
ATOM   708 N  N7    . DG C 3 6  ? -20.207 -16.073 -3.402  1.00 126.12 ? 41  DG D N7    1 
ATOM   709 C  C5    . DG C 3 6  ? -20.334 -16.110 -2.022  1.00 123.22 ? 41  DG D C5    1 
ATOM   710 C  C6    . DG C 3 6  ? -21.180 -15.367 -1.162  1.00 117.31 ? 41  DG D C6    1 
ATOM   711 O  O6    . DG C 3 6  ? -22.012 -14.501 -1.469  1.00 118.13 ? 41  DG D O6    1 
ATOM   712 N  N1    . DG C 3 6  ? -20.992 -15.714 0.173   1.00 110.49 ? 41  DG D N1    1 
ATOM   713 C  C2    . DG C 3 6  ? -20.099 -16.659 0.621   1.00 112.97 ? 41  DG D C2    1 
ATOM   714 N  N2    . DG C 3 6  ? -20.059 -16.857 1.946   1.00 110.58 ? 41  DG D N2    1 
ATOM   715 N  N3    . DG C 3 6  ? -19.302 -17.363 -0.173  1.00 116.52 ? 41  DG D N3    1 
ATOM   716 C  C4    . DG C 3 6  ? -19.472 -17.037 -1.473  1.00 124.97 ? 41  DG D C4    1 
ATOM   717 P  P     . DT C 3 7  ? -17.673 -23.270 -2.847  1.00 156.69 ? 42  DT D P     1 
ATOM   718 O  OP1   . DT C 3 7  ? -16.711 -24.331 -2.479  1.00 152.43 ? 42  DT D OP1   1 
ATOM   719 O  OP2   . DT C 3 7  ? -18.475 -23.402 -4.083  1.00 152.54 ? 42  DT D OP2   1 
ATOM   720 O  "O5'" . DT C 3 7  ? -18.684 -23.036 -1.623  1.00 143.02 ? 42  DT D "O5'" 1 
ATOM   721 C  "C5'" . DT C 3 7  ? -18.287 -23.380 -0.298  1.00 135.53 ? 42  DT D "C5'" 1 
ATOM   722 C  "C4'" . DT C 3 7  ? -19.048 -22.564 0.738   1.00 140.61 ? 42  DT D "C4'" 1 
ATOM   723 O  "O4'" . DT C 3 7  ? -19.643 -21.402 0.114   1.00 141.03 ? 42  DT D "O4'" 1 
ATOM   724 C  "C3'" . DT C 3 7  ? -20.199 -23.303 1.438   1.00 140.63 ? 42  DT D "C3'" 1 
ATOM   725 O  "O3'" . DT C 3 7  ? -19.980 -23.325 2.844   1.00 138.15 ? 42  DT D "O3'" 1 
ATOM   726 C  "C2'" . DT C 3 7  ? -21.448 -22.485 1.076   1.00 135.54 ? 42  DT D "C2'" 1 
ATOM   727 C  "C1'" . DT C 3 7  ? -20.848 -21.125 0.775   1.00 132.24 ? 42  DT D "C1'" 1 
ATOM   728 N  N1    . DT C 3 7  ? -21.699 -20.266 -0.097  1.00 128.72 ? 42  DT D N1    1 
ATOM   729 C  C2    . DT C 3 7  ? -22.653 -19.466 0.486   1.00 128.88 ? 42  DT D C2    1 
ATOM   730 O  O2    . DT C 3 7  ? -22.848 -19.426 1.687   1.00 129.16 ? 42  DT D O2    1 
ATOM   731 N  N3    . DT C 3 7  ? -23.377 -18.708 -0.395  1.00 125.77 ? 42  DT D N3    1 
ATOM   732 C  C4    . DT C 3 7  ? -23.245 -18.672 -1.771  1.00 123.12 ? 42  DT D C4    1 
ATOM   733 O  O4    . DT C 3 7  ? -23.947 -17.960 -2.481  1.00 121.29 ? 42  DT D O4    1 
ATOM   734 C  C5    . DT C 3 7  ? -22.225 -19.535 -2.316  1.00 123.80 ? 42  DT D C5    1 
ATOM   735 C  C7    . DT C 3 7  ? -21.988 -19.582 -3.796  1.00 124.27 ? 42  DT D C7    1 
ATOM   736 C  C6    . DT C 3 7  ? -21.511 -20.281 -1.462  1.00 127.43 ? 42  DT D C6    1 
ATOM   737 P  P     . DC D 4 1  ? 5.814   -0.423  -7.571  1.00 93.74  ? 1   DC A P     1 
ATOM   738 O  OP1   . DC D 4 1  ? 5.631   -1.558  -8.502  1.00 94.10  ? 1   DC A OP1   1 
ATOM   739 O  OP2   . DC D 4 1  ? 4.890   0.731   -7.651  1.00 81.40  ? 1   DC A OP2   1 
ATOM   740 O  "O5'" . DC D 4 1  ? 7.304   0.142   -7.727  1.00 83.31  ? 1   DC A "O5'" 1 
ATOM   741 C  "C5'" . DC D 4 1  ? 8.380   -0.746  -7.983  1.00 84.57  ? 1   DC A "C5'" 1 
ATOM   742 C  "C4'" . DC D 4 1  ? 9.240   -0.913  -6.744  1.00 78.31  ? 1   DC A "C4'" 1 
ATOM   743 O  "O4'" . DC D 4 1  ? 9.867   0.349   -6.408  1.00 74.23  ? 1   DC A "O4'" 1 
ATOM   744 C  "C3'" . DC D 4 1  ? 8.481   -1.315  -5.495  1.00 84.62  ? 1   DC A "C3'" 1 
ATOM   745 O  "O3'" . DC D 4 1  ? 8.360   -2.728  -5.442  1.00 87.70  ? 1   DC A "O3'" 1 
ATOM   746 C  "C2'" . DC D 4 1  ? 9.388   -0.793  -4.388  1.00 74.29  ? 1   DC A "C2'" 1 
ATOM   747 C  "C1'" . DC D 4 1  ? 9.949   0.491   -4.999  1.00 74.84  ? 1   DC A "C1'" 1 
ATOM   748 N  N1    . DC D 4 1  ? 9.197   1.717   -4.615  1.00 67.20  ? 1   DC A N1    1 
ATOM   749 C  C2    . DC D 4 1  ? 9.175   2.144   -3.277  1.00 70.99  ? 1   DC A C2    1 
ATOM   750 O  O2    . DC D 4 1  ? 9.787   1.495   -2.415  1.00 73.44  ? 1   DC A O2    1 
ATOM   751 N  N3    . DC D 4 1  ? 8.481   3.266   -2.964  1.00 62.51  ? 1   DC A N3    1 
ATOM   752 C  C4    . DC D 4 1  ? 7.834   3.943   -3.918  1.00 61.67  ? 1   DC A C4    1 
ATOM   753 N  N4    . DC D 4 1  ? 7.163   5.041   -3.559  1.00 65.81  ? 1   DC A N4    1 
ATOM   754 C  C5    . DC D 4 1  ? 7.849   3.526   -5.280  1.00 66.74  ? 1   DC A C5    1 
ATOM   755 C  C6    . DC D 4 1  ? 8.537   2.421   -5.579  1.00 64.60  ? 1   DC A C6    1 
ATOM   756 P  P     . DC D 4 2  ? 7.145   -3.408  -4.640  1.00 92.45  ? 2   DC A P     1 
ATOM   757 O  OP1   . DC D 4 2  ? 7.286   -4.875  -4.782  1.00 108.82 ? 2   DC A OP1   1 
ATOM   758 O  OP2   . DC D 4 2  ? 5.894   -2.730  -5.051  1.00 89.66  ? 2   DC A OP2   1 
ATOM   759 O  "O5'" . DC D 4 2  ? 7.429   -3.029  -3.112  1.00 84.17  ? 2   DC A "O5'" 1 
ATOM   760 C  "C5'" . DC D 4 2  ? 8.564   -3.568  -2.437  1.00 94.17  ? 2   DC A "C5'" 1 
ATOM   761 C  "C4'" . DC D 4 2  ? 8.421   -3.376  -0.944  1.00 96.57  ? 2   DC A "C4'" 1 
ATOM   762 O  "O4'" . DC D 4 2  ? 8.452   -1.958  -0.646  1.00 83.91  ? 2   DC A "O4'" 1 
ATOM   763 C  "C3'" . DC D 4 2  ? 7.119   -3.923  -0.377  1.00 91.65  ? 2   DC A "C3'" 1 
ATOM   764 O  "O3'" . DC D 4 2  ? 7.356   -4.698  0.786   1.00 93.27  ? 2   DC A "O3'" 1 
ATOM   765 C  "C2'" . DC D 4 2  ? 6.269   -2.685  -0.084  1.00 88.17  ? 2   DC A "C2'" 1 
ATOM   766 C  "C1'" . DC D 4 2  ? 7.282   -1.555  0.033   1.00 85.89  ? 2   DC A "C1'" 1 
ATOM   767 N  N1    . DC D 4 2  ? 6.785   -0.267  -0.576  1.00 83.14  ? 2   DC A N1    1 
ATOM   768 C  C2    . DC D 4 2  ? 6.596   0.860   0.235   1.00 75.85  ? 2   DC A C2    1 
ATOM   769 O  O2    . DC D 4 2  ? 6.858   0.787   1.441   1.00 74.53  ? 2   DC A O2    1 
ATOM   770 N  N3    . DC D 4 2  ? 6.138   2.008   -0.329  1.00 73.02  ? 2   DC A N3    1 
ATOM   771 C  C4    . DC D 4 2  ? 5.865   2.049   -1.633  1.00 73.91  ? 2   DC A C4    1 
ATOM   772 N  N4    . DC D 4 2  ? 5.413   3.200   -2.142  1.00 74.91  ? 2   DC A N4    1 
ATOM   773 C  C5    . DC D 4 2  ? 6.040   0.910   -2.475  1.00 76.13  ? 2   DC A C5    1 
ATOM   774 C  C6    . DC D 4 2  ? 6.493   -0.217  -1.910  1.00 80.92  ? 2   DC A C6    1 
ATOM   775 P  P     . DG D 4 3  ? 6.143   -5.525  1.437   1.00 114.07 ? 3   DG A P     1 
ATOM   776 O  OP1   . DG D 4 3  ? 6.652   -6.820  1.950   1.00 123.51 ? 3   DG A OP1   1 
ATOM   777 O  OP2   . DG D 4 3  ? 5.052   -5.514  0.431   1.00 96.48  ? 3   DG A OP2   1 
ATOM   778 O  "O5'" . DG D 4 3  ? 5.687   -4.611  2.668   1.00 97.39  ? 3   DG A "O5'" 1 
ATOM   779 C  "C5'" . DG D 4 3  ? 6.646   -4.161  3.612   1.00 98.03  ? 3   DG A "C5'" 1 
ATOM   780 C  "C4'" . DG D 4 3  ? 5.998   -3.249  4.636   1.00 98.48  ? 3   DG A "C4'" 1 
ATOM   781 O  "O4'" . DG D 4 3  ? 5.704   -1.968  4.020   1.00 95.17  ? 3   DG A "O4'" 1 
ATOM   782 C  "C3'" . DG D 4 3  ? 4.685   -3.773  5.208   1.00 96.00  ? 3   DG A "C3'" 1 
ATOM   783 O  "O3'" . DG D 4 3  ? 4.637   -3.588  6.622   1.00 105.90 ? 3   DG A "O3'" 1 
ATOM   784 C  "C2'" . DG D 4 3  ? 3.616   -2.951  4.490   1.00 85.48  ? 3   DG A "C2'" 1 
ATOM   785 C  "C1'" . DG D 4 3  ? 4.337   -1.653  4.163   1.00 86.05  ? 3   DG A "C1'" 1 
ATOM   786 N  N9    . DG D 4 3  ? 3.870   -1.065  2.913   1.00 82.44  ? 3   DG A N9    1 
ATOM   787 C  C8    . DG D 4 3  ? 3.759   -1.698  1.701   1.00 82.38  ? 3   DG A C8    1 
ATOM   788 N  N7    . DG D 4 3  ? 3.299   -0.934  0.752   1.00 76.66  ? 3   DG A N7    1 
ATOM   789 C  C5    . DG D 4 3  ? 3.079   0.284   1.374   1.00 74.51  ? 3   DG A C5    1 
ATOM   790 C  C6    . DG D 4 3  ? 2.582   1.498   0.846   1.00 78.65  ? 3   DG A C6    1 
ATOM   791 O  O6    . DG D 4 3  ? 2.227   1.739   -0.317  1.00 80.20  ? 3   DG A O6    1 
ATOM   792 N  N1    . DG D 4 3  ? 2.517   2.494   1.814   1.00 77.17  ? 3   DG A N1    1 
ATOM   793 C  C2    . DG D 4 3  ? 2.885   2.335   3.131   1.00 81.06  ? 3   DG A C2    1 
ATOM   794 N  N2    . DG D 4 3  ? 2.749   3.414   3.918   1.00 83.17  ? 3   DG A N2    1 
ATOM   795 N  N3    . DG D 4 3  ? 3.354   1.200   3.641   1.00 79.85  ? 3   DG A N3    1 
ATOM   796 C  C4    . DG D 4 3  ? 3.423   0.222   2.709   1.00 77.31  ? 3   DG A C4    1 
ATOM   797 P  P     . DT D 4 4  ? 3.358   -4.101  7.454   1.00 113.87 ? 4   DT A P     1 
ATOM   798 O  OP1   . DT D 4 4  ? 3.853   -4.720  8.705   1.00 103.55 ? 4   DT A OP1   1 
ATOM   799 O  OP2   . DT D 4 4  ? 2.509   -4.914  6.548   1.00 107.71 ? 4   DT A OP2   1 
ATOM   800 O  "O5'" . DT D 4 4  ? 2.564   -2.751  7.802   1.00 106.12 ? 4   DT A "O5'" 1 
ATOM   801 C  "C5'" . DT D 4 4  ? 3.243   -1.673  8.437   1.00 95.96  ? 4   DT A "C5'" 1 
ATOM   802 C  "C4'" . DT D 4 4  ? 2.370   -0.429  8.515   1.00 92.70  ? 4   DT A "C4'" 1 
ATOM   803 O  "O4'" . DT D 4 4  ? 2.140   0.105   7.184   1.00 89.33  ? 4   DT A "O4'" 1 
ATOM   804 C  "C3'" . DT D 4 4  ? 0.983   -0.632  9.139   1.00 90.59  ? 4   DT A "C3'" 1 
ATOM   805 O  "O3'" . DT D 4 4  ? 0.756   0.339   10.149  1.00 93.06  ? 4   DT A "O3'" 1 
ATOM   806 C  "C2'" . DT D 4 4  ? 0.026   -0.437  7.964   1.00 88.74  ? 4   DT A "C2'" 1 
ATOM   807 C  "C1'" . DT D 4 4  ? 0.807   0.540   7.106   1.00 87.38  ? 4   DT A "C1'" 1 
ATOM   808 N  N1    . DT D 4 4  ? 0.383   0.558   5.679   1.00 84.00  ? 4   DT A N1    1 
ATOM   809 C  C2    . DT D 4 4  ? -0.221  1.685   5.175   1.00 81.59  ? 4   DT A C2    1 
ATOM   810 O  O2    . DT D 4 4  ? -0.427  2.685   5.842   1.00 85.91  ? 4   DT A O2    1 
ATOM   811 N  N3    . DT D 4 4  ? -0.578  1.603   3.858   1.00 79.69  ? 4   DT A N3    1 
ATOM   812 C  C4    . DT D 4 4  ? -0.393  0.526   3.012   1.00 82.06  ? 4   DT A C4    1 
ATOM   813 O  O4    . DT D 4 4  ? -0.747  0.546   1.839   1.00 86.29  ? 4   DT A O4    1 
ATOM   814 C  C5    . DT D 4 4  ? 0.246   -0.626  3.604   1.00 78.92  ? 4   DT A C5    1 
ATOM   815 C  C7    . DT D 4 4  ? 0.498   -1.855  2.784   1.00 77.81  ? 4   DT A C7    1 
ATOM   816 C  C6    . DT D 4 4  ? 0.598   -0.555  4.894   1.00 85.01  ? 4   DT A C6    1 
ATOM   817 P  P     . DC D 4 5  ? -0.479  0.168   11.165  1.00 105.24 ? 5   DC A P     1 
ATOM   818 O  OP1   . DC D 4 5  ? -0.081  0.795   12.446  1.00 95.69  ? 5   DC A OP1   1 
ATOM   819 O  OP2   . DC D 4 5  ? -0.876  -1.258  11.145  1.00 96.23  ? 5   DC A OP2   1 
ATOM   820 O  "O5'" . DC D 4 5  ? -1.664  1.022   10.493  1.00 92.91  ? 5   DC A "O5'" 1 
ATOM   821 C  "C5'" . DC D 4 5  ? -1.526  2.432   10.349  1.00 84.11  ? 5   DC A "C5'" 1 
ATOM   822 C  "C4'" . DC D 4 5  ? -2.666  3.032   9.530   1.00 86.16  ? 5   DC A "C4'" 1 
ATOM   823 O  "O4'" . DC D 4 5  ? -2.577  2.617   8.145   1.00 96.63  ? 5   DC A "O4'" 1 
ATOM   824 C  "C3'" . DC D 4 5  ? -4.082  2.678   9.993   1.00 79.85  ? 5   DC A "C3'" 1 
ATOM   825 O  "O3'" . DC D 4 5  ? -4.812  3.873   10.213  1.00 71.13  ? 5   DC A "O3'" 1 
ATOM   826 C  "C2'" . DC D 4 5  ? -4.667  1.861   8.826   1.00 87.29  ? 5   DC A "C2'" 1 
ATOM   827 C  "C1'" . DC D 4 5  ? -3.878  2.404   7.645   1.00 86.53  ? 5   DC A "C1'" 1 
ATOM   828 N  N1    . DC D 4 5  ? -3.763  1.469   6.478   1.00 85.21  ? 5   DC A N1    1 
ATOM   829 C  C2    . DC D 4 5  ? -4.193  1.875   5.203   1.00 83.00  ? 5   DC A C2    1 
ATOM   830 O  O2    . DC D 4 5  ? -4.699  2.996   5.062   1.00 87.44  ? 5   DC A O2    1 
ATOM   831 N  N3    . DC D 4 5  ? -4.052  1.018   4.159   1.00 78.33  ? 5   DC A N3    1 
ATOM   832 C  C4    . DC D 4 5  ? -3.502  -0.183  4.349   1.00 80.22  ? 5   DC A C4    1 
ATOM   833 N  N4    . DC D 4 5  ? -3.383  -0.993  3.291   1.00 76.25  ? 5   DC A N4    1 
ATOM   834 C  C5    . DC D 4 5  ? -3.048  -0.607  5.632   1.00 83.31  ? 5   DC A C5    1 
ATOM   835 C  C6    . DC D 4 5  ? -3.191  0.244   6.655   1.00 84.00  ? 5   DC A C6    1 
ATOM   836 P  P     . DT D 4 6  ? -6.095  3.877   11.176  1.00 75.83  ? 6   DT A P     1 
ATOM   837 O  OP1   . DT D 4 6  ? -6.202  5.228   11.768  1.00 60.41  ? 6   DT A OP1   1 
ATOM   838 O  OP2   . DT D 4 6  ? -5.991  2.700   12.068  1.00 82.49  ? 6   DT A OP2   1 
ATOM   839 O  "O5'" . DT D 4 6  ? -7.327  3.695   10.171  1.00 79.77  ? 6   DT A "O5'" 1 
ATOM   840 C  "C5'" . DT D 4 6  ? -7.781  4.816   9.421   1.00 78.53  ? 6   DT A "C5'" 1 
ATOM   841 C  "C4'" . DT D 4 6  ? -8.543  4.394   8.171   1.00 78.08  ? 6   DT A "C4'" 1 
ATOM   842 O  "O4'" . DT D 4 6  ? -7.771  3.435   7.402   1.00 75.36  ? 6   DT A "O4'" 1 
ATOM   843 C  "C3'" . DT D 4 6  ? -9.912  3.727   8.417   1.00 71.81  ? 6   DT A "C3'" 1 
ATOM   844 O  "O3'" . DT D 4 6  ? -10.927 4.430   7.717   1.00 65.61  ? 6   DT A "O3'" 1 
ATOM   845 C  "C2'" . DT D 4 6  ? -9.735  2.320   7.840   1.00 79.91  ? 6   DT A "C2'" 1 
ATOM   846 C  "C1'" . DT D 4 6  ? -8.699  2.594   6.772   1.00 72.76  ? 6   DT A "C1'" 1 
ATOM   847 N  N1    . DT D 4 6  ? -8.027  1.366   6.210   1.00 78.21  ? 6   DT A N1    1 
ATOM   848 C  C2    . DT D 4 6  ? -8.017  1.195   4.844   1.00 80.61  ? 6   DT A C2    1 
ATOM   849 O  O2    . DT D 4 6  ? -8.509  1.997   4.072   1.00 86.17  ? 6   DT A O2    1 
ATOM   850 N  N3    . DT D 4 6  ? -7.398  0.055   4.408   1.00 78.00  ? 6   DT A N3    1 
ATOM   851 C  C4    . DT D 4 6  ? -6.806  -0.918  5.185   1.00 81.64  ? 6   DT A C4    1 
ATOM   852 O  O4    . DT D 4 6  ? -6.271  -1.913  4.701   1.00 90.05  ? 6   DT A O4    1 
ATOM   853 C  C5    . DT D 4 6  ? -6.858  -0.689  6.611   1.00 76.97  ? 6   DT A C5    1 
ATOM   854 C  C7    . DT D 4 6  ? -6.248  -1.679  7.549   1.00 79.81  ? 6   DT A C7    1 
ATOM   855 C  C6    . DT D 4 6  ? -7.465  0.428   7.053   1.00 78.99  ? 6   DT A C6    1 
HETATM 856 MG MG    . MG E 5 .  ? 4.767   8.790   -2.921  1.00 81.35  ? 101 MG B MG    1 
HETATM 857 MG MG    . MG F 5 .  ? 5.112   1.945   7.041   1.00 98.17  ? 101 MG A MG    1 
# 
loop_
_pdbx_poly_seq_scheme.asym_id 
_pdbx_poly_seq_scheme.entity_id 
_pdbx_poly_seq_scheme.seq_id 
_pdbx_poly_seq_scheme.mon_id 
_pdbx_poly_seq_scheme.ndb_seq_num 
_pdbx_poly_seq_scheme.pdb_seq_num 
_pdbx_poly_seq_scheme.auth_seq_num 
_pdbx_poly_seq_scheme.pdb_mon_id 
_pdbx_poly_seq_scheme.auth_mon_id 
_pdbx_poly_seq_scheme.pdb_strand_id 
_pdbx_poly_seq_scheme.pdb_ins_code 
_pdbx_poly_seq_scheme.hetero 
A 1 1  DG 1  7  7  DG DG B . n 
A 1 2  DA 2  8  8  DA DA B . n 
A 1 3  DA 3  9  9  DA DA B . n 
A 1 4  DC 4  10 10 DC DC B . n 
A 1 5  DG 5  11 11 DG DG B . n 
A 1 6  DA 6  12 12 DA DA B . n 
A 1 7  DC 7  13 13 DC DC B . n 
A 1 8  DA 8  14 14 DA DA B . n 
A 1 9  DC 9  15 15 DC DC B . n 
A 1 10 DA 10 16 16 DA DA B . n 
A 1 11 DG 11 17 17 DG DG B . n 
A 1 12 DA 12 18 18 DA DA B . n 
A 1 13 DC 13 19 19 DC DC B . n 
A 1 14 DG 14 20 20 DG DG B . n 
A 1 15 DG 15 21 21 DG DG B . n 
A 1 16 DT 16 22 22 DT DT B . n 
A 1 17 DG 17 23 23 DG DG B . n 
A 1 18 DA 18 24 24 DA DA B . n 
A 1 19 DC 19 25 25 DC DC B . n 
A 1 20 DT 20 26 26 DT DT B . n 
A 1 21 DC 21 27 27 DC DC B . n 
B 2 1  DT 1  28 28 DT DT C . n 
B 2 2  DC 2  29 29 DC DC C . n 
B 2 3  DG 3  30 30 DG DG C . n 
B 2 4  DA 4  31 31 DA DA C . n 
B 2 5  DG 5  32 32 DG DG C . n 
B 2 6  DT 6  33 33 DT DT C . n 
B 2 7  DC 7  34 34 DC DC C . n 
B 2 8  DA 8  35 35 DA DA C . n 
C 3 1  DG 1  36 36 DG DG D . n 
C 3 2  DT 2  37 37 DT DT D . n 
C 3 3  DG 3  38 38 DG DG D . n 
C 3 4  DT 4  39 39 DT DT D . n 
C 3 5  DC 5  40 40 DC DC D . n 
C 3 6  DG 6  41 41 DG DG D . n 
C 3 7  DT 7  42 42 DT DT D . n 
D 4 1  DC 1  1  1  DC DC A . n 
D 4 2  DC 2  2  2  DC DC A . n 
D 4 3  DG 3  3  3  DG DG A . n 
D 4 4  DT 4  4  4  DT DT A . n 
D 4 5  DC 5  5  5  DC DC A . n 
D 4 6  DT 6  6  6  DT DT A . n 
# 
loop_
_pdbx_nonpoly_scheme.asym_id 
_pdbx_nonpoly_scheme.entity_id 
_pdbx_nonpoly_scheme.mon_id 
_pdbx_nonpoly_scheme.ndb_seq_num 
_pdbx_nonpoly_scheme.pdb_seq_num 
_pdbx_nonpoly_scheme.auth_seq_num 
_pdbx_nonpoly_scheme.pdb_mon_id 
_pdbx_nonpoly_scheme.auth_mon_id 
_pdbx_nonpoly_scheme.pdb_strand_id 
_pdbx_nonpoly_scheme.pdb_ins_code 
E 5 MG 1 101 2 MG MG B . 
F 5 MG 1 101 1 MG MG A . 
# 
_pdbx_struct_assembly.id                   1 
_pdbx_struct_assembly.details              author_and_software_defined_assembly 
_pdbx_struct_assembly.method_details       PISA 
_pdbx_struct_assembly.oligomeric_details   tetrameric 
_pdbx_struct_assembly.oligomeric_count     4 
# 
_pdbx_struct_assembly_gen.assembly_id       1 
_pdbx_struct_assembly_gen.oper_expression   1 
_pdbx_struct_assembly_gen.asym_id_list      A,B,C,D,E,F 
# 
loop_
_pdbx_struct_assembly_prop.biol_id 
_pdbx_struct_assembly_prop.type 
_pdbx_struct_assembly_prop.value 
_pdbx_struct_assembly_prop.details 
1 'ABSA (A^2)' 2400 ? 
1 MORE         -17  ? 
1 'SSA (A^2)'  7950 ? 
# 
_pdbx_struct_oper_list.id                   1 
_pdbx_struct_oper_list.type                 'identity operation' 
_pdbx_struct_oper_list.name                 1_555 
_pdbx_struct_oper_list.symmetry_operation   x,y,z 
_pdbx_struct_oper_list.matrix[1][1]         1.0000000000 
_pdbx_struct_oper_list.matrix[1][2]         0.0000000000 
_pdbx_struct_oper_list.matrix[1][3]         0.0000000000 
_pdbx_struct_oper_list.vector[1]            0.0000000000 
_pdbx_struct_oper_list.matrix[2][1]         0.0000000000 
_pdbx_struct_oper_list.matrix[2][2]         1.0000000000 
_pdbx_struct_oper_list.matrix[2][3]         0.0000000000 
_pdbx_struct_oper_list.vector[2]            0.0000000000 
_pdbx_struct_oper_list.matrix[3][1]         0.0000000000 
_pdbx_struct_oper_list.matrix[3][2]         0.0000000000 
_pdbx_struct_oper_list.matrix[3][3]         1.0000000000 
_pdbx_struct_oper_list.vector[3]            0.0000000000 
# 
loop_
_pdbx_audit_revision_history.ordinal 
_pdbx_audit_revision_history.data_content_type 
_pdbx_audit_revision_history.major_revision 
_pdbx_audit_revision_history.minor_revision 
_pdbx_audit_revision_history.revision_date 
1 'Structure model' 1 0 2021-07-14 
2 'Structure model' 1 1 2022-07-06 
3 'Structure model' 1 2 2023-10-18 
# 
_pdbx_audit_revision_details.ordinal             1 
_pdbx_audit_revision_details.revision_ordinal    1 
_pdbx_audit_revision_details.data_content_type   'Structure model' 
_pdbx_audit_revision_details.provider            repository 
_pdbx_audit_revision_details.type                'Initial release' 
_pdbx_audit_revision_details.description         ? 
_pdbx_audit_revision_details.details             ? 
# 
loop_
_pdbx_audit_revision_group.ordinal 
_pdbx_audit_revision_group.revision_ordinal 
_pdbx_audit_revision_group.data_content_type 
_pdbx_audit_revision_group.group 
1 2 'Structure model' 'Database references'    
2 3 'Structure model' 'Data collection'        
3 3 'Structure model' 'Refinement description' 
# 
loop_
_pdbx_audit_revision_category.ordinal 
_pdbx_audit_revision_category.revision_ordinal 
_pdbx_audit_revision_category.data_content_type 
_pdbx_audit_revision_category.category 
1 2 'Structure model' citation                      
2 2 'Structure model' citation_author               
3 2 'Structure model' database_2                    
4 3 'Structure model' chem_comp_atom                
5 3 'Structure model' chem_comp_bond                
6 3 'Structure model' pdbx_initial_refinement_model 
# 
loop_
_pdbx_audit_revision_item.ordinal 
_pdbx_audit_revision_item.revision_ordinal 
_pdbx_audit_revision_item.data_content_type 
_pdbx_audit_revision_item.item 
1  2 'Structure model' '_citation.country'                   
2  2 'Structure model' '_citation.journal_abbrev'            
3  2 'Structure model' '_citation.journal_id_CSD'            
4  2 'Structure model' '_citation.journal_id_ISSN'           
5  2 'Structure model' '_citation.journal_volume'            
6  2 'Structure model' '_citation.page_first'                
7  2 'Structure model' '_citation.page_last'                 
8  2 'Structure model' '_citation.pdbx_database_id_DOI'      
9  2 'Structure model' '_citation.pdbx_database_id_PubMed'   
10 2 'Structure model' '_citation.title'                     
11 2 'Structure model' '_citation.year'                      
12 2 'Structure model' '_database_2.pdbx_DOI'                
13 2 'Structure model' '_database_2.pdbx_database_accession' 
# 
loop_
_software.citation_id 
_software.classification 
_software.compiler_name 
_software.compiler_version 
_software.contact_author 
_software.contact_author_email 
_software.date 
_software.description 
_software.dependencies 
_software.hardware 
_software.language 
_software.location 
_software.mods 
_software.name 
_software.os 
_software.os_version 
_software.type 
_software.version 
_software.pdbx_ordinal 
? 'data reduction'  ? ? ? ? ? ? ? ? ? ? ? HKL-2000    ? ? ? .           1 
? 'data scaling'    ? ? ? ? ? ? ? ? ? ? ? HKL-2000    ? ? ? .           2 
? refinement        ? ? ? ? ? ? ? ? ? ? ? PHENIX      ? ? ? 1.11.1_2575 3 
? 'data extraction' ? ? ? ? ? ? ? ? ? ? ? PDB_EXTRACT ? ? ? 3.25        4 
? phasing           ? ? ? ? ? ? ? ? ? ? ? PHASER      ? ? ? .           5 
# 
_pdbx_entry_details.entry_id                 7JKI 
_pdbx_entry_details.has_ligand_of_interest   N 
_pdbx_entry_details.compound_details         ? 
_pdbx_entry_details.source_details           ? 
_pdbx_entry_details.nonpolymer_details       ? 
_pdbx_entry_details.sequence_details         ? 
# 
_pdbx_validate_rmsd_angle.id                         1 
_pdbx_validate_rmsd_angle.PDB_model_num              1 
_pdbx_validate_rmsd_angle.auth_atom_id_1             "O4'" 
_pdbx_validate_rmsd_angle.auth_asym_id_1             A 
_pdbx_validate_rmsd_angle.auth_comp_id_1             DT 
_pdbx_validate_rmsd_angle.auth_seq_id_1              6 
_pdbx_validate_rmsd_angle.PDB_ins_code_1             ? 
_pdbx_validate_rmsd_angle.label_alt_id_1             ? 
_pdbx_validate_rmsd_angle.auth_atom_id_2             "C1'" 
_pdbx_validate_rmsd_angle.auth_asym_id_2             A 
_pdbx_validate_rmsd_angle.auth_comp_id_2             DT 
_pdbx_validate_rmsd_angle.auth_seq_id_2              6 
_pdbx_validate_rmsd_angle.PDB_ins_code_2             ? 
_pdbx_validate_rmsd_angle.label_alt_id_2             ? 
_pdbx_validate_rmsd_angle.auth_atom_id_3             N1 
_pdbx_validate_rmsd_angle.auth_asym_id_3             A 
_pdbx_validate_rmsd_angle.auth_comp_id_3             DT 
_pdbx_validate_rmsd_angle.auth_seq_id_3              6 
_pdbx_validate_rmsd_angle.PDB_ins_code_3             ? 
_pdbx_validate_rmsd_angle.label_alt_id_3             ? 
_pdbx_validate_rmsd_angle.angle_value                111.16 
_pdbx_validate_rmsd_angle.angle_target_value         108.30 
_pdbx_validate_rmsd_angle.angle_deviation            2.86 
_pdbx_validate_rmsd_angle.angle_standard_deviation   0.30 
_pdbx_validate_rmsd_angle.linker_flag                N 
# 
loop_
_chem_comp_atom.comp_id 
_chem_comp_atom.atom_id 
_chem_comp_atom.type_symbol 
_chem_comp_atom.pdbx_aromatic_flag 
_chem_comp_atom.pdbx_stereo_config 
_chem_comp_atom.pdbx_ordinal 
DA OP3    O  N N 1   
DA P      P  N N 2   
DA OP1    O  N N 3   
DA OP2    O  N N 4   
DA "O5'"  O  N N 5   
DA "C5'"  C  N N 6   
DA "C4'"  C  N R 7   
DA "O4'"  O  N N 8   
DA "C3'"  C  N S 9   
DA "O3'"  O  N N 10  
DA "C2'"  C  N N 11  
DA "C1'"  C  N R 12  
DA N9     N  Y N 13  
DA C8     C  Y N 14  
DA N7     N  Y N 15  
DA C5     C  Y N 16  
DA C6     C  Y N 17  
DA N6     N  N N 18  
DA N1     N  Y N 19  
DA C2     C  Y N 20  
DA N3     N  Y N 21  
DA C4     C  Y N 22  
DA HOP3   H  N N 23  
DA HOP2   H  N N 24  
DA "H5'"  H  N N 25  
DA "H5''" H  N N 26  
DA "H4'"  H  N N 27  
DA "H3'"  H  N N 28  
DA "HO3'" H  N N 29  
DA "H2'"  H  N N 30  
DA "H2''" H  N N 31  
DA "H1'"  H  N N 32  
DA H8     H  N N 33  
DA H61    H  N N 34  
DA H62    H  N N 35  
DA H2     H  N N 36  
DC OP3    O  N N 37  
DC P      P  N N 38  
DC OP1    O  N N 39  
DC OP2    O  N N 40  
DC "O5'"  O  N N 41  
DC "C5'"  C  N N 42  
DC "C4'"  C  N R 43  
DC "O4'"  O  N N 44  
DC "C3'"  C  N S 45  
DC "O3'"  O  N N 46  
DC "C2'"  C  N N 47  
DC "C1'"  C  N R 48  
DC N1     N  N N 49  
DC C2     C  N N 50  
DC O2     O  N N 51  
DC N3     N  N N 52  
DC C4     C  N N 53  
DC N4     N  N N 54  
DC C5     C  N N 55  
DC C6     C  N N 56  
DC HOP3   H  N N 57  
DC HOP2   H  N N 58  
DC "H5'"  H  N N 59  
DC "H5''" H  N N 60  
DC "H4'"  H  N N 61  
DC "H3'"  H  N N 62  
DC "HO3'" H  N N 63  
DC "H2'"  H  N N 64  
DC "H2''" H  N N 65  
DC "H1'"  H  N N 66  
DC H41    H  N N 67  
DC H42    H  N N 68  
DC H5     H  N N 69  
DC H6     H  N N 70  
DG OP3    O  N N 71  
DG P      P  N N 72  
DG OP1    O  N N 73  
DG OP2    O  N N 74  
DG "O5'"  O  N N 75  
DG "C5'"  C  N N 76  
DG "C4'"  C  N R 77  
DG "O4'"  O  N N 78  
DG "C3'"  C  N S 79  
DG "O3'"  O  N N 80  
DG "C2'"  C  N N 81  
DG "C1'"  C  N R 82  
DG N9     N  Y N 83  
DG C8     C  Y N 84  
DG N7     N  Y N 85  
DG C5     C  Y N 86  
DG C6     C  N N 87  
DG O6     O  N N 88  
DG N1     N  N N 89  
DG C2     C  N N 90  
DG N2     N  N N 91  
DG N3     N  N N 92  
DG C4     C  Y N 93  
DG HOP3   H  N N 94  
DG HOP2   H  N N 95  
DG "H5'"  H  N N 96  
DG "H5''" H  N N 97  
DG "H4'"  H  N N 98  
DG "H3'"  H  N N 99  
DG "HO3'" H  N N 100 
DG "H2'"  H  N N 101 
DG "H2''" H  N N 102 
DG "H1'"  H  N N 103 
DG H8     H  N N 104 
DG H1     H  N N 105 
DG H21    H  N N 106 
DG H22    H  N N 107 
DT OP3    O  N N 108 
DT P      P  N N 109 
DT OP1    O  N N 110 
DT OP2    O  N N 111 
DT "O5'"  O  N N 112 
DT "C5'"  C  N N 113 
DT "C4'"  C  N R 114 
DT "O4'"  O  N N 115 
DT "C3'"  C  N S 116 
DT "O3'"  O  N N 117 
DT "C2'"  C  N N 118 
DT "C1'"  C  N R 119 
DT N1     N  N N 120 
DT C2     C  N N 121 
DT O2     O  N N 122 
DT N3     N  N N 123 
DT C4     C  N N 124 
DT O4     O  N N 125 
DT C5     C  N N 126 
DT C7     C  N N 127 
DT C6     C  N N 128 
DT HOP3   H  N N 129 
DT HOP2   H  N N 130 
DT "H5'"  H  N N 131 
DT "H5''" H  N N 132 
DT "H4'"  H  N N 133 
DT "H3'"  H  N N 134 
DT "HO3'" H  N N 135 
DT "H2'"  H  N N 136 
DT "H2''" H  N N 137 
DT "H1'"  H  N N 138 
DT H3     H  N N 139 
DT H71    H  N N 140 
DT H72    H  N N 141 
DT H73    H  N N 142 
DT H6     H  N N 143 
MG MG     MG N N 144 
# 
loop_
_chem_comp_bond.comp_id 
_chem_comp_bond.atom_id_1 
_chem_comp_bond.atom_id_2 
_chem_comp_bond.value_order 
_chem_comp_bond.pdbx_aromatic_flag 
_chem_comp_bond.pdbx_stereo_config 
_chem_comp_bond.pdbx_ordinal 
DA OP3   P      sing N N 1   
DA OP3   HOP3   sing N N 2   
DA P     OP1    doub N N 3   
DA P     OP2    sing N N 4   
DA P     "O5'"  sing N N 5   
DA OP2   HOP2   sing N N 6   
DA "O5'" "C5'"  sing N N 7   
DA "C5'" "C4'"  sing N N 8   
DA "C5'" "H5'"  sing N N 9   
DA "C5'" "H5''" sing N N 10  
DA "C4'" "O4'"  sing N N 11  
DA "C4'" "C3'"  sing N N 12  
DA "C4'" "H4'"  sing N N 13  
DA "O4'" "C1'"  sing N N 14  
DA "C3'" "O3'"  sing N N 15  
DA "C3'" "C2'"  sing N N 16  
DA "C3'" "H3'"  sing N N 17  
DA "O3'" "HO3'" sing N N 18  
DA "C2'" "C1'"  sing N N 19  
DA "C2'" "H2'"  sing N N 20  
DA "C2'" "H2''" sing N N 21  
DA "C1'" N9     sing N N 22  
DA "C1'" "H1'"  sing N N 23  
DA N9    C8     sing Y N 24  
DA N9    C4     sing Y N 25  
DA C8    N7     doub Y N 26  
DA C8    H8     sing N N 27  
DA N7    C5     sing Y N 28  
DA C5    C6     sing Y N 29  
DA C5    C4     doub Y N 30  
DA C6    N6     sing N N 31  
DA C6    N1     doub Y N 32  
DA N6    H61    sing N N 33  
DA N6    H62    sing N N 34  
DA N1    C2     sing Y N 35  
DA C2    N3     doub Y N 36  
DA C2    H2     sing N N 37  
DA N3    C4     sing Y N 38  
DC OP3   P      sing N N 39  
DC OP3   HOP3   sing N N 40  
DC P     OP1    doub N N 41  
DC P     OP2    sing N N 42  
DC P     "O5'"  sing N N 43  
DC OP2   HOP2   sing N N 44  
DC "O5'" "C5'"  sing N N 45  
DC "C5'" "C4'"  sing N N 46  
DC "C5'" "H5'"  sing N N 47  
DC "C5'" "H5''" sing N N 48  
DC "C4'" "O4'"  sing N N 49  
DC "C4'" "C3'"  sing N N 50  
DC "C4'" "H4'"  sing N N 51  
DC "O4'" "C1'"  sing N N 52  
DC "C3'" "O3'"  sing N N 53  
DC "C3'" "C2'"  sing N N 54  
DC "C3'" "H3'"  sing N N 55  
DC "O3'" "HO3'" sing N N 56  
DC "C2'" "C1'"  sing N N 57  
DC "C2'" "H2'"  sing N N 58  
DC "C2'" "H2''" sing N N 59  
DC "C1'" N1     sing N N 60  
DC "C1'" "H1'"  sing N N 61  
DC N1    C2     sing N N 62  
DC N1    C6     sing N N 63  
DC C2    O2     doub N N 64  
DC C2    N3     sing N N 65  
DC N3    C4     doub N N 66  
DC C4    N4     sing N N 67  
DC C4    C5     sing N N 68  
DC N4    H41    sing N N 69  
DC N4    H42    sing N N 70  
DC C5    C6     doub N N 71  
DC C5    H5     sing N N 72  
DC C6    H6     sing N N 73  
DG OP3   P      sing N N 74  
DG OP3   HOP3   sing N N 75  
DG P     OP1    doub N N 76  
DG P     OP2    sing N N 77  
DG P     "O5'"  sing N N 78  
DG OP2   HOP2   sing N N 79  
DG "O5'" "C5'"  sing N N 80  
DG "C5'" "C4'"  sing N N 81  
DG "C5'" "H5'"  sing N N 82  
DG "C5'" "H5''" sing N N 83  
DG "C4'" "O4'"  sing N N 84  
DG "C4'" "C3'"  sing N N 85  
DG "C4'" "H4'"  sing N N 86  
DG "O4'" "C1'"  sing N N 87  
DG "C3'" "O3'"  sing N N 88  
DG "C3'" "C2'"  sing N N 89  
DG "C3'" "H3'"  sing N N 90  
DG "O3'" "HO3'" sing N N 91  
DG "C2'" "C1'"  sing N N 92  
DG "C2'" "H2'"  sing N N 93  
DG "C2'" "H2''" sing N N 94  
DG "C1'" N9     sing N N 95  
DG "C1'" "H1'"  sing N N 96  
DG N9    C8     sing Y N 97  
DG N9    C4     sing Y N 98  
DG C8    N7     doub Y N 99  
DG C8    H8     sing N N 100 
DG N7    C5     sing Y N 101 
DG C5    C6     sing N N 102 
DG C5    C4     doub Y N 103 
DG C6    O6     doub N N 104 
DG C6    N1     sing N N 105 
DG N1    C2     sing N N 106 
DG N1    H1     sing N N 107 
DG C2    N2     sing N N 108 
DG C2    N3     doub N N 109 
DG N2    H21    sing N N 110 
DG N2    H22    sing N N 111 
DG N3    C4     sing N N 112 
DT OP3   P      sing N N 113 
DT OP3   HOP3   sing N N 114 
DT P     OP1    doub N N 115 
DT P     OP2    sing N N 116 
DT P     "O5'"  sing N N 117 
DT OP2   HOP2   sing N N 118 
DT "O5'" "C5'"  sing N N 119 
DT "C5'" "C4'"  sing N N 120 
DT "C5'" "H5'"  sing N N 121 
DT "C5'" "H5''" sing N N 122 
DT "C4'" "O4'"  sing N N 123 
DT "C4'" "C3'"  sing N N 124 
DT "C4'" "H4'"  sing N N 125 
DT "O4'" "C1'"  sing N N 126 
DT "C3'" "O3'"  sing N N 127 
DT "C3'" "C2'"  sing N N 128 
DT "C3'" "H3'"  sing N N 129 
DT "O3'" "HO3'" sing N N 130 
DT "C2'" "C1'"  sing N N 131 
DT "C2'" "H2'"  sing N N 132 
DT "C2'" "H2''" sing N N 133 
DT "C1'" N1     sing N N 134 
DT "C1'" "H1'"  sing N N 135 
DT N1    C2     sing N N 136 
DT N1    C6     sing N N 137 
DT C2    O2     doub N N 138 
DT C2    N3     sing N N 139 
DT N3    C4     sing N N 140 
DT N3    H3     sing N N 141 
DT C4    O4     doub N N 142 
DT C4    C5     sing N N 143 
DT C5    C7     sing N N 144 
DT C5    C6     doub N N 145 
DT C7    H71    sing N N 146 
DT C7    H72    sing N N 147 
DT C7    H73    sing N N 148 
DT C6    H6     sing N N 149 
# 
loop_
_ndb_struct_conf_na.entry_id 
_ndb_struct_conf_na.feature 
7JKI 'double helix'        
7JKI 'a-form double helix' 
7JKI 'b-form double helix' 
# 
loop_
_ndb_struct_na_base_pair.model_number 
_ndb_struct_na_base_pair.i_label_asym_id 
_ndb_struct_na_base_pair.i_label_comp_id 
_ndb_struct_na_base_pair.i_label_seq_id 
_ndb_struct_na_base_pair.i_symmetry 
_ndb_struct_na_base_pair.j_label_asym_id 
_ndb_struct_na_base_pair.j_label_comp_id 
_ndb_struct_na_base_pair.j_label_seq_id 
_ndb_struct_na_base_pair.j_symmetry 
_ndb_struct_na_base_pair.shear 
_ndb_struct_na_base_pair.stretch 
_ndb_struct_na_base_pair.stagger 
_ndb_struct_na_base_pair.buckle 
_ndb_struct_na_base_pair.propeller 
_ndb_struct_na_base_pair.opening 
_ndb_struct_na_base_pair.pair_number 
_ndb_struct_na_base_pair.pair_name 
_ndb_struct_na_base_pair.i_auth_asym_id 
_ndb_struct_na_base_pair.i_auth_seq_id 
_ndb_struct_na_base_pair.i_PDB_ins_code 
_ndb_struct_na_base_pair.j_auth_asym_id 
_ndb_struct_na_base_pair.j_auth_seq_id 
_ndb_struct_na_base_pair.j_PDB_ins_code 
_ndb_struct_na_base_pair.hbond_type_28 
_ndb_struct_na_base_pair.hbond_type_12 
1 A DA 3  1_555 C DT 7 1_555 0.977  0.305  1.233  14.437 -15.047 8.448   1  B_DA9:DT42_D  B 9  ? D 42 ? ?  ? 
1 A DC 4  1_555 C DG 6 1_555 -0.252 -0.238 0.219  9.258  -14.871 -3.618  2  B_DC10:DG41_D B 10 ? D 41 ? 19 1 
1 A DG 5  1_555 C DC 5 1_555 0.604  0.003  0.389  4.259  -15.576 -5.812  3  B_DG11:DC40_D B 11 ? D 40 ? 19 1 
1 A DA 6  1_555 C DT 4 1_555 0.117  0.026  0.086  1.443  -17.609 -8.528  4  B_DA12:DT39_D B 12 ? D 39 ? 20 1 
1 A DC 7  1_555 C DG 3 1_555 -0.792 0.092  0.265  4.458  -11.314 -3.362  5  B_DC13:DG38_D B 13 ? D 38 ? 19 1 
1 A DA 8  1_555 C DT 2 1_555 -0.447 0.126  0.306  -7.710 -18.520 -8.760  6  B_DA14:DT37_D B 14 ? D 37 ? 20 1 
1 A DC 9  1_555 C DG 1 1_555 -0.132 -0.115 0.706  -7.703 -18.966 -3.618  7  B_DC15:DG36_D B 15 ? D 36 ? 19 1 
1 A DA 10 1_555 D DT 6 1_555 -0.159 0.173  0.225  -1.647 3.011   0.406   8  B_DA16:DT6_A  B 16 ? A 6  ? 20 1 
1 A DG 11 1_555 D DC 5 1_555 -0.114 -0.150 0.468  9.532  -1.085  4.191   9  B_DG17:DC5_A  B 17 ? A 5  ? 19 1 
1 A DA 12 1_555 D DT 4 1_555 1.076  0.012  0.613  6.858  -9.853  -5.605  10 B_DA18:DT4_A  B 18 ? A 4  ? 20 1 
1 A DC 13 1_555 D DG 3 1_555 -0.055 -0.187 0.172  -1.824 -7.827  2.058   11 B_DC19:DG3_A  B 19 ? A 3  ? 19 1 
1 A DG 14 1_555 D DC 2 1_555 -0.292 -0.171 0.007  -2.886 -1.736  -4.067  12 B_DG20:DC2_A  B 20 ? A 2  ? 19 1 
1 A DG 15 1_555 D DC 1 1_555 -0.181 -0.005 0.845  1.881  -10.823 -3.269  13 B_DG21:DC1_A  B 21 ? A 1  ? 19 1 
1 A DT 16 1_555 B DA 8 1_555 -1.094 -0.040 0.726  3.305  -6.751  -3.595  14 B_DT22:DA35_C B 22 ? C 35 ? 20 1 
1 A DG 17 1_555 B DC 7 1_555 0.330  0.108  0.675  5.618  -11.699 0.522   15 B_DG23:DC34_C B 23 ? C 34 ? 19 1 
1 A DA 18 1_555 B DT 6 1_555 0.503  0.013  0.215  0.947  -7.180  -10.176 16 B_DA24:DT33_C B 24 ? C 33 ? 20 1 
1 A DC 19 1_555 B DG 5 1_555 -0.104 -0.121 -0.327 5.512  -2.874  0.977   17 B_DC25:DG32_C B 25 ? C 32 ? 19 1 
1 A DT 20 1_555 B DA 4 1_555 0.128  0.209  -0.571 11.646 -8.569  0.558   18 B_DT26:DA31_C B 26 ? C 31 ? 20 1 
1 A DC 21 1_555 B DG 3 1_555 0.003  0.248  -0.089 7.435  -13.817 9.513   19 B_DC27:DG30_C B 27 ? C 30 ? 19 1 
# 
loop_
_ndb_struct_na_base_pair_step.model_number 
_ndb_struct_na_base_pair_step.i_label_asym_id_1 
_ndb_struct_na_base_pair_step.i_label_comp_id_1 
_ndb_struct_na_base_pair_step.i_label_seq_id_1 
_ndb_struct_na_base_pair_step.i_symmetry_1 
_ndb_struct_na_base_pair_step.j_label_asym_id_1 
_ndb_struct_na_base_pair_step.j_label_comp_id_1 
_ndb_struct_na_base_pair_step.j_label_seq_id_1 
_ndb_struct_na_base_pair_step.j_symmetry_1 
_ndb_struct_na_base_pair_step.i_label_asym_id_2 
_ndb_struct_na_base_pair_step.i_label_comp_id_2 
_ndb_struct_na_base_pair_step.i_label_seq_id_2 
_ndb_struct_na_base_pair_step.i_symmetry_2 
_ndb_struct_na_base_pair_step.j_label_asym_id_2 
_ndb_struct_na_base_pair_step.j_label_comp_id_2 
_ndb_struct_na_base_pair_step.j_label_seq_id_2 
_ndb_struct_na_base_pair_step.j_symmetry_2 
_ndb_struct_na_base_pair_step.shift 
_ndb_struct_na_base_pair_step.slide 
_ndb_struct_na_base_pair_step.rise 
_ndb_struct_na_base_pair_step.tilt 
_ndb_struct_na_base_pair_step.roll 
_ndb_struct_na_base_pair_step.twist 
_ndb_struct_na_base_pair_step.x_displacement 
_ndb_struct_na_base_pair_step.y_displacement 
_ndb_struct_na_base_pair_step.helical_rise 
_ndb_struct_na_base_pair_step.inclination 
_ndb_struct_na_base_pair_step.tip 
_ndb_struct_na_base_pair_step.helical_twist 
_ndb_struct_na_base_pair_step.step_number 
_ndb_struct_na_base_pair_step.step_name 
_ndb_struct_na_base_pair_step.i_auth_asym_id_1 
_ndb_struct_na_base_pair_step.i_auth_seq_id_1 
_ndb_struct_na_base_pair_step.i_PDB_ins_code_1 
_ndb_struct_na_base_pair_step.j_auth_asym_id_1 
_ndb_struct_na_base_pair_step.j_auth_seq_id_1 
_ndb_struct_na_base_pair_step.j_PDB_ins_code_1 
_ndb_struct_na_base_pair_step.i_auth_asym_id_2 
_ndb_struct_na_base_pair_step.i_auth_seq_id_2 
_ndb_struct_na_base_pair_step.i_PDB_ins_code_2 
_ndb_struct_na_base_pair_step.j_auth_asym_id_2 
_ndb_struct_na_base_pair_step.j_auth_seq_id_2 
_ndb_struct_na_base_pair_step.j_PDB_ins_code_2 
1 A DA 3  1_555 C DT 7 1_555 A DC 4  1_555 C DG 6 1_555 -0.611 -0.769 3.524 3.272  1.370  27.686 -1.940 2.095  3.390 2.847  -6.802 
27.908 1  BB_DA9DC10:DG41DT42_DD  B 9  ? D 42 ? B 10 ? D 41 ? 
1 A DC 4  1_555 C DG 6 1_555 A DG 5  1_555 C DC 5 1_555 -0.109 -0.061 3.790 0.301  1.304  35.150 -0.326 0.232  3.784 2.159  -0.498 
35.175 2  BB_DC10DG11:DC40DG41_DD B 10 ? D 41 ? B 11 ? D 40 ? 
1 A DG 5  1_555 C DC 5 1_555 A DA 6  1_555 C DT 4 1_555 -0.590 0.013  3.463 -0.752 2.594  33.862 -0.418 0.883  3.467 4.446  1.289  
33.966 3  BB_DG11DA12:DT39DC40_DD B 11 ? D 40 ? B 12 ? D 39 ? 
1 A DA 6  1_555 C DT 4 1_555 A DC 7  1_555 C DG 3 1_555 0.588  -0.921 3.145 -1.120 -1.036 25.877 -1.778 -1.609 3.151 -2.312 2.498  
25.922 4  BB_DA12DC13:DG38DT39_DD B 12 ? D 39 ? B 13 ? D 38 ? 
1 A DC 7  1_555 C DG 3 1_555 A DA 8  1_555 C DT 2 1_555 -0.072 -0.796 3.609 -0.627 -7.031 42.495 -0.305 0.029  3.690 -9.621 0.858  
43.051 5  BB_DC13DA14:DT37DG38_DD B 13 ? D 38 ? B 14 ? D 37 ? 
1 A DA 8  1_555 C DT 2 1_555 A DC 9  1_555 C DG 1 1_555 0.843  -0.965 3.312 -3.919 -2.364 37.617 -1.181 -1.805 3.263 -3.650 6.050  
37.885 6  BB_DA14DC15:DG36DT37_DD B 14 ? D 37 ? B 15 ? D 36 ? 
1 A DC 9  1_555 C DG 1 1_555 A DA 10 1_555 D DT 6 1_555 -1.178 -0.948 2.768 -2.236 5.683  31.023 -2.618 1.817  2.634 10.498 4.130  
31.604 7  BB_DC15DA16:DT6DG36_AD  B 15 ? D 36 ? B 16 ? A 6  ? 
1 A DA 10 1_555 D DT 6 1_555 A DG 11 1_555 D DC 5 1_555 -0.522 -0.115 3.181 -2.878 5.456  30.666 -1.223 0.436  3.148 10.187 5.373  
31.265 8  BB_DA16DG17:DC5DT6_AA   B 16 ? A 6  ? B 17 ? A 5  ? 
1 A DG 11 1_555 D DC 5 1_555 A DA 12 1_555 D DT 4 1_555 -0.835 -0.029 3.457 -2.139 2.299  40.703 -0.311 0.947  3.488 3.299  3.069  
40.818 9  BB_DG17DA18:DT4DC5_AA   B 17 ? A 5  ? B 18 ? A 4  ? 
1 A DA 12 1_555 D DT 4 1_555 A DC 13 1_555 D DG 3 1_555 0.769  -1.228 3.463 3.150  1.165  26.523 -2.978 -0.793 3.473 2.527  -6.831 
26.731 10 BB_DA18DC19:DG3DT4_AA   B 18 ? A 4  ? B 19 ? A 3  ? 
1 A DC 13 1_555 D DG 3 1_555 A DG 14 1_555 D DC 2 1_555 -0.012 0.068  3.619 0.455  0.003  33.024 0.120  0.106  3.619 0.006  -0.800 
33.027 11 BB_DC19DG20:DC2DG3_AA   B 19 ? A 3  ? B 20 ? A 2  ? 
1 A DG 14 1_555 D DC 2 1_555 A DG 15 1_555 D DC 1 1_555 0.360  -1.175 2.958 -8.653 6.416  36.454 -2.514 -1.508 2.573 9.991  13.474 
37.960 12 BB_DG20DG21:DC1DC2_AA   B 20 ? A 2  ? B 21 ? A 1  ? 
1 A DG 15 1_555 D DC 1 1_555 A DT 16 1_555 B DA 8 1_555 -1.118 -1.565 3.157 -2.114 -0.301 25.012 -3.513 1.961  3.257 -0.692 4.871  
25.101 13 BB_DG21DT22:DA35DC1_CA  B 21 ? A 1  ? B 22 ? C 35 ? 
1 A DT 16 1_555 B DA 8 1_555 A DG 17 1_555 B DC 7 1_555 -0.067 0.795  3.454 -1.743 5.587  41.318 0.486  -0.102 3.527 7.871  2.455  
41.713 14 BB_DT22DG23:DC34DA35_CC B 22 ? C 35 ? B 23 ? C 34 ? 
1 A DG 17 1_555 B DC 7 1_555 A DA 18 1_555 B DT 6 1_555 -0.830 -0.582 3.243 -1.645 2.997  34.152 -1.452 1.151  3.217 5.088  2.793  
34.318 15 BB_DG23DA24:DT33DC34_CC B 23 ? C 34 ? B 24 ? C 33 ? 
1 A DA 18 1_555 B DT 6 1_555 A DC 19 1_555 B DG 5 1_555 0.940  -0.866 3.195 4.411  3.056  32.509 -2.039 -0.919 3.199 5.414  -7.812 
32.937 16 BB_DA24DC25:DG32DT33_CC B 24 ? C 33 ? B 25 ? C 32 ? 
1 A DC 19 1_555 B DG 5 1_555 A DT 20 1_555 B DA 4 1_555 -0.087 -0.381 3.167 4.811  3.766  36.811 -1.074 0.749  3.079 5.914  -7.554 
37.297 17 BB_DC25DT26:DA31DG32_CC B 25 ? C 32 ? B 26 ? C 31 ? 
1 A DT 20 1_555 B DA 4 1_555 A DC 21 1_555 B DG 3 1_555 0.566  0.276  3.574 3.312  3.017  32.379 -0.086 -0.372 3.623 5.377  -5.903 
32.679 18 BB_DT26DC27:DG30DA31_CC B 26 ? C 31 ? B 27 ? C 30 ? 
# 
loop_
_pdbx_audit_support.funding_organization 
_pdbx_audit_support.country 
_pdbx_audit_support.grant_number 
_pdbx_audit_support.ordinal 
'National Science Foundation (NSF, United States)'                                         'United States' 1360635     1 
'National Institutes of Health/National Institute of General Medical Sciences (NIH/NIGMS)' 'United States' R01GM104960 2 
'National Science Foundation (NSF, United States)'                                         'United States' NSF2004250  3 
# 
_pdbx_entity_nonpoly.entity_id   5 
_pdbx_entity_nonpoly.name        'MAGNESIUM ION' 
_pdbx_entity_nonpoly.comp_id     MG 
# 
_pdbx_initial_refinement_model.id               1 
_pdbx_initial_refinement_model.entity_id_list   ? 
_pdbx_initial_refinement_model.type             'experimental model' 
_pdbx_initial_refinement_model.source_name      PDB 
_pdbx_initial_refinement_model.accession_code   5VY6 
_pdbx_initial_refinement_model.details          ? 
# 
_pdbx_struct_assembly_auth_evidence.id                     1 
_pdbx_struct_assembly_auth_evidence.assembly_id            1 
_pdbx_struct_assembly_auth_evidence.experimental_support   none 
_pdbx_struct_assembly_auth_evidence.details                ? 
# 
